data_4CWO
# 
_entry.id   4CWO 
# 
_audit_conform.dict_name       mmcif_pdbx.dic 
_audit_conform.dict_version    5.391 
_audit_conform.dict_location   http://mmcif.pdb.org/dictionaries/ascii/mmcif_pdbx.dic 
# 
loop_
_database_2.database_id 
_database_2.database_code 
_database_2.pdbx_database_accession 
_database_2.pdbx_DOI 
PDB   4CWO         pdb_00004cwo 10.2210/pdb4cwo/pdb 
PDBE  EBI-60237    ?            ?                   
WWPDB D_1290060237 ?            ?                   
# 
loop_
_pdbx_audit_revision_history.ordinal 
_pdbx_audit_revision_history.data_content_type 
_pdbx_audit_revision_history.major_revision 
_pdbx_audit_revision_history.minor_revision 
_pdbx_audit_revision_history.revision_date 
1 'Structure model' 1 0 2014-07-09 
2 'Structure model' 1 1 2014-08-06 
3 'Structure model' 1 2 2017-06-28 
4 'Structure model' 1 3 2024-05-08 
# 
_pdbx_audit_revision_details.ordinal             1 
_pdbx_audit_revision_details.revision_ordinal    1 
_pdbx_audit_revision_details.data_content_type   'Structure model' 
_pdbx_audit_revision_details.provider            repository 
_pdbx_audit_revision_details.type                'Initial release' 
_pdbx_audit_revision_details.description         ? 
_pdbx_audit_revision_details.details             ? 
# 
loop_
_pdbx_audit_revision_group.ordinal 
_pdbx_audit_revision_group.revision_ordinal 
_pdbx_audit_revision_group.data_content_type 
_pdbx_audit_revision_group.group 
1 2 'Structure model' 'Database references'  
2 3 'Structure model' 'Data collection'      
3 4 'Structure model' 'Data collection'      
4 4 'Structure model' 'Database references'  
5 4 'Structure model' 'Derived calculations' 
6 4 'Structure model' Other                  
# 
loop_
_pdbx_audit_revision_category.ordinal 
_pdbx_audit_revision_category.revision_ordinal 
_pdbx_audit_revision_category.data_content_type 
_pdbx_audit_revision_category.category 
1 3 'Structure model' diffrn_source        
2 4 'Structure model' chem_comp_atom       
3 4 'Structure model' chem_comp_bond       
4 4 'Structure model' database_2           
5 4 'Structure model' pdbx_database_status 
6 4 'Structure model' struct_site          
# 
loop_
_pdbx_audit_revision_item.ordinal 
_pdbx_audit_revision_item.revision_ordinal 
_pdbx_audit_revision_item.data_content_type 
_pdbx_audit_revision_item.item 
1 3 'Structure model' '_diffrn_source.type'                  
2 4 'Structure model' '_database_2.pdbx_DOI'                 
3 4 'Structure model' '_database_2.pdbx_database_accession'  
4 4 'Structure model' '_pdbx_database_status.status_code_sf' 
5 4 'Structure model' '_struct_site.pdbx_auth_asym_id'       
6 4 'Structure model' '_struct_site.pdbx_auth_comp_id'       
7 4 'Structure model' '_struct_site.pdbx_auth_seq_id'        
# 
_pdbx_database_status.status_code                     REL 
_pdbx_database_status.entry_id                        4CWO 
_pdbx_database_status.deposit_site                    PDBE 
_pdbx_database_status.process_site                    PDBE 
_pdbx_database_status.SG_entry                        . 
_pdbx_database_status.recvd_initial_deposition_date   2014-04-03 
_pdbx_database_status.pdb_format_compatible           Y 
_pdbx_database_status.status_code_sf                  REL 
_pdbx_database_status.status_code_mr                  ? 
_pdbx_database_status.status_code_cs                  ? 
_pdbx_database_status.methods_development_category    ? 
_pdbx_database_status.status_code_nmr_data            ? 
# 
loop_
_pdbx_database_related.db_name 
_pdbx_database_related.db_id 
_pdbx_database_related.content_type 
_pdbx_database_related.details 
PDB 4CWF unspecified 'HUMAN HSP90 ALPHA N-TERMINAL DOMAIN IN COMPLEX WITH AN AMINOTRIAZOLOQUINAZOLINE INHIBITOR' 
PDB 4CWN unspecified 'HUMAN HSP90 ALPHA N-TERMINAL DOMAIN IN COMPLEX WITH AN AMINOTRIAZOLOQUINAZOLINE INHIBITOR' 
PDB 4CWP unspecified 'HUMAN HSP90 ALPHA N-TERMINAL DOMAIN IN COMPLEX WITH AN AMINOTRIAZOLOQUINAZOLINE INHIBITOR' 
PDB 4CWQ unspecified 'HUMAN HSP90 ALPHA N-TERMINAL DOMAIN IN COMPLEX WITH AN AMINOTRIAZOLOQUINAZOLINE INHIBITOR' 
PDB 4CWR unspecified 'HUMAN HSP90 ALPHA N-TERMINAL DOMAIN IN COMPLEX WITH AN AMINOTRIAZOLOQUINAZOLINE INHIBITOR' 
PDB 4CWS unspecified 'HUMAN HSP90 ALPHA N-TERMINAL DOMAIN IN COMPLEX WITH AN AMINOTRIAZOLOQUINAZOLINE INHIBITOR' 
PDB 4CWT unspecified 'HUMAN HSP90 ALPHA N-TERMINAL DOMAIN IN COMPLEX WITH AN AMINOTRIAZOLOQUINAZOLINE INHIBITOR' 
# 
loop_
_audit_author.name 
_audit_author.pdbx_ordinal 
'Casale, E.'     1  
'Amboldi, N.'    2  
'Brasca, G.'     3  
'Caronni, D.'    4  
'Colombo, N.'    5  
'Dalvit, C.'     6  
'Felder, E.R.'   7  
'Fogliatto, G.'  8  
'Isacchi, A.'    9  
'Mantegani, S.'  10 
'Polucci, P.'    11 
'Riceputi, L.'   12 
'Sola, F.'       13 
'Visco, C.'      14 
'Zuccotto, F.'   15 
'Casuscelli, F.' 16 
# 
_citation.id                        primary 
_citation.title                     
'Fragment-Based Hit Discovery and Structure-Based Optimization of Aminotriazoloquinazolines as Novel Hsp90 Inhibitors.' 
_citation.journal_abbrev            Bioorg.Med.Chem. 
_citation.journal_volume            22 
_citation.page_first                4135 
_citation.page_last                 ? 
_citation.year                      2014 
_citation.journal_id_ASTM           BMECEP 
_citation.country                   UK 
_citation.journal_id_ISSN           0968-0896 
_citation.journal_id_CSD            1200 
_citation.book_publisher            ? 
_citation.pdbx_database_id_PubMed   24980703 
_citation.pdbx_database_id_DOI      10.1016/J.BMC.2014.05.056 
# 
loop_
_citation_author.citation_id 
_citation_author.name 
_citation_author.ordinal 
_citation_author.identifier_ORCID 
primary 'Casale, E.'     1  ? 
primary 'Amboldi, N.'    2  ? 
primary 'Brasca, M.G.'   3  ? 
primary 'Caronni, D.'    4  ? 
primary 'Colombo, N.'    5  ? 
primary 'Dalvit, C.'     6  ? 
primary 'Felder, E.R.'   7  ? 
primary 'Fogliatto, G.'  8  ? 
primary 'Galvani, A.'    9  ? 
primary 'Isacchi, A.'    10 ? 
primary 'Polucci, P.'    11 ? 
primary 'Riceputi, L.'   12 ? 
primary 'Sola, F.'       13 ? 
primary 'Visco, C.'      14 ? 
primary 'Zuccotto, F.'   15 ? 
primary 'Casuscelli, F.' 16 ? 
# 
loop_
_entity.id 
_entity.type 
_entity.src_method 
_entity.pdbx_description 
_entity.formula_weight 
_entity.pdbx_number_of_molecules 
_entity.pdbx_ec 
_entity.pdbx_mutation 
_entity.pdbx_fragment 
_entity.details 
1 polymer     man 'HEAT SHOCK PROTEIN HSP 90-ALPHA'                                          25810.936 1  ? ? 
'N-TERMINAL DOMAIN, RESIDUES 9-236' ? 
2 non-polymer syn '5-(2-amino-[1,2,4]triazolo[1,5-c]quinazolin-5-ylmethyl)-benzene-1,3-diol' 307.307   1  ? ? ? ? 
3 water       nat water                                                                      18.015    69 ? ? ? ? 
# 
_entity_name_com.entity_id   1 
_entity_name_com.name        'HEAT SHOCK 86 KDA, HSP 86, HSP86, RENAL CARCINOMA ANTIGEN NY-REN-38' 
# 
_entity_poly.entity_id                      1 
_entity_poly.type                           'polypeptide(L)' 
_entity_poly.nstd_linkage                   no 
_entity_poly.nstd_monomer                   no 
_entity_poly.pdbx_seq_one_letter_code       
;GPDQPMEEEEVETFAFQAEIAQLMSLIINTFYSNKEIFLRELISNSSDALDKIRYESLTDPSKLDSGKELHINLIPNKQD
RTLTIVDTGIGMTKADLINNLGTIAKSGTKAFMEALQAGADISMIGQFGVGFYSAYLVAEKVTVITKHNDDEQYAWESSA
GGSFTVRTDTGEPMGRGTKVILHLKEDQTEYLEERRIKEIVKKHSQFIGYPITLFVEKERDKEVSDDEAE
;
_entity_poly.pdbx_seq_one_letter_code_can   
;GPDQPMEEEEVETFAFQAEIAQLMSLIINTFYSNKEIFLRELISNSSDALDKIRYESLTDPSKLDSGKELHINLIPNKQD
RTLTIVDTGIGMTKADLINNLGTIAKSGTKAFMEALQAGADISMIGQFGVGFYSAYLVAEKVTVITKHNDDEQYAWESSA
GGSFTVRTDTGEPMGRGTKVILHLKEDQTEYLEERRIKEIVKKHSQFIGYPITLFVEKERDKEVSDDEAE
;
_entity_poly.pdbx_strand_id                 A 
_entity_poly.pdbx_target_identifier         ? 
# 
loop_
_pdbx_entity_nonpoly.entity_id 
_pdbx_entity_nonpoly.name 
_pdbx_entity_nonpoly.comp_id 
2 '5-(2-amino-[1,2,4]triazolo[1,5-c]quinazolin-5-ylmethyl)-benzene-1,3-diol' T62 
3 water                                                                      HOH 
# 
loop_
_entity_poly_seq.entity_id 
_entity_poly_seq.num 
_entity_poly_seq.mon_id 
_entity_poly_seq.hetero 
1 1   GLY n 
1 2   PRO n 
1 3   ASP n 
1 4   GLN n 
1 5   PRO n 
1 6   MET n 
1 7   GLU n 
1 8   GLU n 
1 9   GLU n 
1 10  GLU n 
1 11  VAL n 
1 12  GLU n 
1 13  THR n 
1 14  PHE n 
1 15  ALA n 
1 16  PHE n 
1 17  GLN n 
1 18  ALA n 
1 19  GLU n 
1 20  ILE n 
1 21  ALA n 
1 22  GLN n 
1 23  LEU n 
1 24  MET n 
1 25  SER n 
1 26  LEU n 
1 27  ILE n 
1 28  ILE n 
1 29  ASN n 
1 30  THR n 
1 31  PHE n 
1 32  TYR n 
1 33  SER n 
1 34  ASN n 
1 35  LYS n 
1 36  GLU n 
1 37  ILE n 
1 38  PHE n 
1 39  LEU n 
1 40  ARG n 
1 41  GLU n 
1 42  LEU n 
1 43  ILE n 
1 44  SER n 
1 45  ASN n 
1 46  SER n 
1 47  SER n 
1 48  ASP n 
1 49  ALA n 
1 50  LEU n 
1 51  ASP n 
1 52  LYS n 
1 53  ILE n 
1 54  ARG n 
1 55  TYR n 
1 56  GLU n 
1 57  SER n 
1 58  LEU n 
1 59  THR n 
1 60  ASP n 
1 61  PRO n 
1 62  SER n 
1 63  LYS n 
1 64  LEU n 
1 65  ASP n 
1 66  SER n 
1 67  GLY n 
1 68  LYS n 
1 69  GLU n 
1 70  LEU n 
1 71  HIS n 
1 72  ILE n 
1 73  ASN n 
1 74  LEU n 
1 75  ILE n 
1 76  PRO n 
1 77  ASN n 
1 78  LYS n 
1 79  GLN n 
1 80  ASP n 
1 81  ARG n 
1 82  THR n 
1 83  LEU n 
1 84  THR n 
1 85  ILE n 
1 86  VAL n 
1 87  ASP n 
1 88  THR n 
1 89  GLY n 
1 90  ILE n 
1 91  GLY n 
1 92  MET n 
1 93  THR n 
1 94  LYS n 
1 95  ALA n 
1 96  ASP n 
1 97  LEU n 
1 98  ILE n 
1 99  ASN n 
1 100 ASN n 
1 101 LEU n 
1 102 GLY n 
1 103 THR n 
1 104 ILE n 
1 105 ALA n 
1 106 LYS n 
1 107 SER n 
1 108 GLY n 
1 109 THR n 
1 110 LYS n 
1 111 ALA n 
1 112 PHE n 
1 113 MET n 
1 114 GLU n 
1 115 ALA n 
1 116 LEU n 
1 117 GLN n 
1 118 ALA n 
1 119 GLY n 
1 120 ALA n 
1 121 ASP n 
1 122 ILE n 
1 123 SER n 
1 124 MET n 
1 125 ILE n 
1 126 GLY n 
1 127 GLN n 
1 128 PHE n 
1 129 GLY n 
1 130 VAL n 
1 131 GLY n 
1 132 PHE n 
1 133 TYR n 
1 134 SER n 
1 135 ALA n 
1 136 TYR n 
1 137 LEU n 
1 138 VAL n 
1 139 ALA n 
1 140 GLU n 
1 141 LYS n 
1 142 VAL n 
1 143 THR n 
1 144 VAL n 
1 145 ILE n 
1 146 THR n 
1 147 LYS n 
1 148 HIS n 
1 149 ASN n 
1 150 ASP n 
1 151 ASP n 
1 152 GLU n 
1 153 GLN n 
1 154 TYR n 
1 155 ALA n 
1 156 TRP n 
1 157 GLU n 
1 158 SER n 
1 159 SER n 
1 160 ALA n 
1 161 GLY n 
1 162 GLY n 
1 163 SER n 
1 164 PHE n 
1 165 THR n 
1 166 VAL n 
1 167 ARG n 
1 168 THR n 
1 169 ASP n 
1 170 THR n 
1 171 GLY n 
1 172 GLU n 
1 173 PRO n 
1 174 MET n 
1 175 GLY n 
1 176 ARG n 
1 177 GLY n 
1 178 THR n 
1 179 LYS n 
1 180 VAL n 
1 181 ILE n 
1 182 LEU n 
1 183 HIS n 
1 184 LEU n 
1 185 LYS n 
1 186 GLU n 
1 187 ASP n 
1 188 GLN n 
1 189 THR n 
1 190 GLU n 
1 191 TYR n 
1 192 LEU n 
1 193 GLU n 
1 194 GLU n 
1 195 ARG n 
1 196 ARG n 
1 197 ILE n 
1 198 LYS n 
1 199 GLU n 
1 200 ILE n 
1 201 VAL n 
1 202 LYS n 
1 203 LYS n 
1 204 HIS n 
1 205 SER n 
1 206 GLN n 
1 207 PHE n 
1 208 ILE n 
1 209 GLY n 
1 210 TYR n 
1 211 PRO n 
1 212 ILE n 
1 213 THR n 
1 214 LEU n 
1 215 PHE n 
1 216 VAL n 
1 217 GLU n 
1 218 LYS n 
1 219 GLU n 
1 220 ARG n 
1 221 ASP n 
1 222 LYS n 
1 223 GLU n 
1 224 VAL n 
1 225 SER n 
1 226 ASP n 
1 227 ASP n 
1 228 GLU n 
1 229 ALA n 
1 230 GLU n 
# 
_entity_src_gen.entity_id                          1 
_entity_src_gen.pdbx_src_id                        1 
_entity_src_gen.pdbx_alt_source_flag               sample 
_entity_src_gen.pdbx_seq_type                      ? 
_entity_src_gen.pdbx_beg_seq_num                   ? 
_entity_src_gen.pdbx_end_seq_num                   ? 
_entity_src_gen.gene_src_common_name               HUMAN 
_entity_src_gen.gene_src_genus                     ? 
_entity_src_gen.pdbx_gene_src_gene                 ? 
_entity_src_gen.gene_src_species                   ? 
_entity_src_gen.gene_src_strain                    ? 
_entity_src_gen.gene_src_tissue                    ? 
_entity_src_gen.gene_src_tissue_fraction           ? 
_entity_src_gen.gene_src_details                   ? 
_entity_src_gen.pdbx_gene_src_fragment             ? 
_entity_src_gen.pdbx_gene_src_scientific_name      'HOMO SAPIENS' 
_entity_src_gen.pdbx_gene_src_ncbi_taxonomy_id     9606 
_entity_src_gen.pdbx_gene_src_variant              ? 
_entity_src_gen.pdbx_gene_src_cell_line            ? 
_entity_src_gen.pdbx_gene_src_atcc                 ? 
_entity_src_gen.pdbx_gene_src_organ                ? 
_entity_src_gen.pdbx_gene_src_organelle            ? 
_entity_src_gen.pdbx_gene_src_cell                 ? 
_entity_src_gen.pdbx_gene_src_cellular_location    ? 
_entity_src_gen.host_org_common_name               ? 
_entity_src_gen.pdbx_host_org_scientific_name      'ESCHERICHIA COLI' 
_entity_src_gen.pdbx_host_org_ncbi_taxonomy_id     511693 
_entity_src_gen.host_org_genus                     ? 
_entity_src_gen.pdbx_host_org_gene                 ? 
_entity_src_gen.pdbx_host_org_organ                ? 
_entity_src_gen.host_org_species                   ? 
_entity_src_gen.pdbx_host_org_tissue               ? 
_entity_src_gen.pdbx_host_org_tissue_fraction      ? 
_entity_src_gen.pdbx_host_org_strain               BL21 
_entity_src_gen.pdbx_host_org_variant              ? 
_entity_src_gen.pdbx_host_org_cell_line            ? 
_entity_src_gen.pdbx_host_org_atcc                 ? 
_entity_src_gen.pdbx_host_org_culture_collection   ? 
_entity_src_gen.pdbx_host_org_cell                 ? 
_entity_src_gen.pdbx_host_org_organelle            ? 
_entity_src_gen.pdbx_host_org_cellular_location    ? 
_entity_src_gen.pdbx_host_org_vector_type          PLASMID 
_entity_src_gen.pdbx_host_org_vector               PET15 
_entity_src_gen.host_org_details                   ? 
_entity_src_gen.expression_system_id               ? 
_entity_src_gen.plasmid_name                       ? 
_entity_src_gen.plasmid_details                    ? 
_entity_src_gen.pdbx_description                   ? 
# 
loop_
_chem_comp.id 
_chem_comp.type 
_chem_comp.mon_nstd_flag 
_chem_comp.name 
_chem_comp.pdbx_synonyms 
_chem_comp.formula 
_chem_comp.formula_weight 
ALA 'L-peptide linking' y ALANINE                                                                    ? 'C3 H7 N O2'     89.093  
ARG 'L-peptide linking' y ARGININE                                                                   ? 'C6 H15 N4 O2 1' 175.209 
ASN 'L-peptide linking' y ASPARAGINE                                                                 ? 'C4 H8 N2 O3'    132.118 
ASP 'L-peptide linking' y 'ASPARTIC ACID'                                                            ? 'C4 H7 N O4'     133.103 
GLN 'L-peptide linking' y GLUTAMINE                                                                  ? 'C5 H10 N2 O3'   146.144 
GLU 'L-peptide linking' y 'GLUTAMIC ACID'                                                            ? 'C5 H9 N O4'     147.129 
GLY 'peptide linking'   y GLYCINE                                                                    ? 'C2 H5 N O2'     75.067  
HIS 'L-peptide linking' y HISTIDINE                                                                  ? 'C6 H10 N3 O2 1' 156.162 
HOH non-polymer         . WATER                                                                      ? 'H2 O'           18.015  
ILE 'L-peptide linking' y ISOLEUCINE                                                                 ? 'C6 H13 N O2'    131.173 
LEU 'L-peptide linking' y LEUCINE                                                                    ? 'C6 H13 N O2'    131.173 
LYS 'L-peptide linking' y LYSINE                                                                     ? 'C6 H15 N2 O2 1' 147.195 
MET 'L-peptide linking' y METHIONINE                                                                 ? 'C5 H11 N O2 S'  149.211 
PHE 'L-peptide linking' y PHENYLALANINE                                                              ? 'C9 H11 N O2'    165.189 
PRO 'L-peptide linking' y PROLINE                                                                    ? 'C5 H9 N O2'     115.130 
SER 'L-peptide linking' y SERINE                                                                     ? 'C3 H7 N O3'     105.093 
T62 non-polymer         . '5-(2-amino-[1,2,4]triazolo[1,5-c]quinazolin-5-ylmethyl)-benzene-1,3-diol' ? 'C16 H13 N5 O2'  307.307 
THR 'L-peptide linking' y THREONINE                                                                  ? 'C4 H9 N O3'     119.119 
TRP 'L-peptide linking' y TRYPTOPHAN                                                                 ? 'C11 H12 N2 O2'  204.225 
TYR 'L-peptide linking' y TYROSINE                                                                   ? 'C9 H11 N O3'    181.189 
VAL 'L-peptide linking' y VALINE                                                                     ? 'C5 H11 N O2'    117.146 
# 
loop_
_pdbx_poly_seq_scheme.asym_id 
_pdbx_poly_seq_scheme.entity_id 
_pdbx_poly_seq_scheme.seq_id 
_pdbx_poly_seq_scheme.mon_id 
_pdbx_poly_seq_scheme.ndb_seq_num 
_pdbx_poly_seq_scheme.pdb_seq_num 
_pdbx_poly_seq_scheme.auth_seq_num 
_pdbx_poly_seq_scheme.pdb_mon_id 
_pdbx_poly_seq_scheme.auth_mon_id 
_pdbx_poly_seq_scheme.pdb_strand_id 
_pdbx_poly_seq_scheme.pdb_ins_code 
_pdbx_poly_seq_scheme.hetero 
A 1 1   GLY 1   7   ?   ?   ?   A . n 
A 1 2   PRO 2   8   ?   ?   ?   A . n 
A 1 3   ASP 3   9   ?   ?   ?   A . n 
A 1 4   GLN 4   10  ?   ?   ?   A . n 
A 1 5   PRO 5   11  ?   ?   ?   A . n 
A 1 6   MET 6   12  ?   ?   ?   A . n 
A 1 7   GLU 7   13  ?   ?   ?   A . n 
A 1 8   GLU 8   14  ?   ?   ?   A . n 
A 1 9   GLU 9   15  ?   ?   ?   A . n 
A 1 10  GLU 10  16  16  GLU GLU A . n 
A 1 11  VAL 11  17  17  VAL VAL A . n 
A 1 12  GLU 12  18  18  GLU GLU A . n 
A 1 13  THR 13  19  19  THR THR A . n 
A 1 14  PHE 14  20  20  PHE PHE A . n 
A 1 15  ALA 15  21  21  ALA ALA A . n 
A 1 16  PHE 16  22  22  PHE PHE A . n 
A 1 17  GLN 17  23  23  GLN GLN A . n 
A 1 18  ALA 18  24  24  ALA ALA A . n 
A 1 19  GLU 19  25  25  GLU GLU A . n 
A 1 20  ILE 20  26  26  ILE ILE A . n 
A 1 21  ALA 21  27  27  ALA ALA A . n 
A 1 22  GLN 22  28  28  GLN GLN A . n 
A 1 23  LEU 23  29  29  LEU LEU A . n 
A 1 24  MET 24  30  30  MET MET A . n 
A 1 25  SER 25  31  31  SER SER A . n 
A 1 26  LEU 26  32  32  LEU LEU A . n 
A 1 27  ILE 27  33  33  ILE ILE A . n 
A 1 28  ILE 28  34  34  ILE ILE A . n 
A 1 29  ASN 29  35  35  ASN ASN A . n 
A 1 30  THR 30  36  36  THR THR A . n 
A 1 31  PHE 31  37  37  PHE PHE A . n 
A 1 32  TYR 32  38  38  TYR TYR A . n 
A 1 33  SER 33  39  39  SER SER A . n 
A 1 34  ASN 34  40  40  ASN ASN A . n 
A 1 35  LYS 35  41  41  LYS LYS A . n 
A 1 36  GLU 36  42  42  GLU GLU A . n 
A 1 37  ILE 37  43  43  ILE ILE A . n 
A 1 38  PHE 38  44  44  PHE PHE A . n 
A 1 39  LEU 39  45  45  LEU LEU A . n 
A 1 40  ARG 40  46  46  ARG ARG A . n 
A 1 41  GLU 41  47  47  GLU GLU A . n 
A 1 42  LEU 42  48  48  LEU LEU A . n 
A 1 43  ILE 43  49  49  ILE ILE A . n 
A 1 44  SER 44  50  50  SER SER A . n 
A 1 45  ASN 45  51  51  ASN ASN A . n 
A 1 46  SER 46  52  52  SER SER A . n 
A 1 47  SER 47  53  53  SER SER A . n 
A 1 48  ASP 48  54  54  ASP ASP A . n 
A 1 49  ALA 49  55  55  ALA ALA A . n 
A 1 50  LEU 50  56  56  LEU LEU A . n 
A 1 51  ASP 51  57  57  ASP ASP A . n 
A 1 52  LYS 52  58  58  LYS LYS A . n 
A 1 53  ILE 53  59  59  ILE ILE A . n 
A 1 54  ARG 54  60  60  ARG ARG A . n 
A 1 55  TYR 55  61  61  TYR TYR A . n 
A 1 56  GLU 56  62  62  GLU GLU A . n 
A 1 57  SER 57  63  63  SER SER A . n 
A 1 58  LEU 58  64  64  LEU LEU A . n 
A 1 59  THR 59  65  65  THR THR A . n 
A 1 60  ASP 60  66  66  ASP ASP A . n 
A 1 61  PRO 61  67  67  PRO PRO A . n 
A 1 62  SER 62  68  68  SER SER A . n 
A 1 63  LYS 63  69  69  LYS LYS A . n 
A 1 64  LEU 64  70  70  LEU LEU A . n 
A 1 65  ASP 65  71  71  ASP ASP A . n 
A 1 66  SER 66  72  72  SER SER A . n 
A 1 67  GLY 67  73  73  GLY GLY A . n 
A 1 68  LYS 68  74  74  LYS LYS A . n 
A 1 69  GLU 69  75  75  GLU GLU A . n 
A 1 70  LEU 70  76  76  LEU LEU A . n 
A 1 71  HIS 71  77  77  HIS HIS A . n 
A 1 72  ILE 72  78  78  ILE ILE A . n 
A 1 73  ASN 73  79  79  ASN ASN A . n 
A 1 74  LEU 74  80  80  LEU LEU A . n 
A 1 75  ILE 75  81  81  ILE ILE A . n 
A 1 76  PRO 76  82  82  PRO PRO A . n 
A 1 77  ASN 77  83  83  ASN ASN A . n 
A 1 78  LYS 78  84  84  LYS LYS A . n 
A 1 79  GLN 79  85  85  GLN GLN A . n 
A 1 80  ASP 80  86  86  ASP ASP A . n 
A 1 81  ARG 81  87  87  ARG ARG A . n 
A 1 82  THR 82  88  88  THR THR A . n 
A 1 83  LEU 83  89  89  LEU LEU A . n 
A 1 84  THR 84  90  90  THR THR A . n 
A 1 85  ILE 85  91  91  ILE ILE A . n 
A 1 86  VAL 86  92  92  VAL VAL A . n 
A 1 87  ASP 87  93  93  ASP ASP A . n 
A 1 88  THR 88  94  94  THR THR A . n 
A 1 89  GLY 89  95  95  GLY GLY A . n 
A 1 90  ILE 90  96  96  ILE ILE A . n 
A 1 91  GLY 91  97  97  GLY GLY A . n 
A 1 92  MET 92  98  98  MET MET A . n 
A 1 93  THR 93  99  99  THR THR A . n 
A 1 94  LYS 94  100 100 LYS LYS A . n 
A 1 95  ALA 95  101 101 ALA ALA A . n 
A 1 96  ASP 96  102 102 ASP ASP A . n 
A 1 97  LEU 97  103 103 LEU LEU A . n 
A 1 98  ILE 98  104 104 ILE ILE A . n 
A 1 99  ASN 99  105 105 ASN ASN A . n 
A 1 100 ASN 100 106 106 ASN ASN A . n 
A 1 101 LEU 101 107 107 LEU LEU A . n 
A 1 102 GLY 102 108 108 GLY GLY A . n 
A 1 103 THR 103 109 109 THR THR A . n 
A 1 104 ILE 104 110 110 ILE ILE A . n 
A 1 105 ALA 105 111 111 ALA ALA A . n 
A 1 106 LYS 106 112 112 LYS LYS A . n 
A 1 107 SER 107 113 113 SER SER A . n 
A 1 108 GLY 108 114 114 GLY GLY A . n 
A 1 109 THR 109 115 115 THR THR A . n 
A 1 110 LYS 110 116 116 LYS LYS A . n 
A 1 111 ALA 111 117 117 ALA ALA A . n 
A 1 112 PHE 112 118 118 PHE PHE A . n 
A 1 113 MET 113 119 119 MET MET A . n 
A 1 114 GLU 114 120 120 GLU GLU A . n 
A 1 115 ALA 115 121 121 ALA ALA A . n 
A 1 116 LEU 116 122 122 LEU LEU A . n 
A 1 117 GLN 117 123 123 GLN GLN A . n 
A 1 118 ALA 118 124 124 ALA ALA A . n 
A 1 119 GLY 119 125 125 GLY GLY A . n 
A 1 120 ALA 120 126 126 ALA ALA A . n 
A 1 121 ASP 121 127 127 ASP ASP A . n 
A 1 122 ILE 122 128 128 ILE ILE A . n 
A 1 123 SER 123 129 129 SER SER A . n 
A 1 124 MET 124 130 130 MET MET A . n 
A 1 125 ILE 125 131 131 ILE ILE A . n 
A 1 126 GLY 126 132 132 GLY GLY A . n 
A 1 127 GLN 127 133 133 GLN GLN A . n 
A 1 128 PHE 128 134 134 PHE PHE A . n 
A 1 129 GLY 129 135 135 GLY GLY A . n 
A 1 130 VAL 130 136 136 VAL VAL A . n 
A 1 131 GLY 131 137 137 GLY GLY A . n 
A 1 132 PHE 132 138 138 PHE PHE A . n 
A 1 133 TYR 133 139 139 TYR TYR A . n 
A 1 134 SER 134 140 140 SER SER A . n 
A 1 135 ALA 135 141 141 ALA ALA A . n 
A 1 136 TYR 136 142 142 TYR TYR A . n 
A 1 137 LEU 137 143 143 LEU LEU A . n 
A 1 138 VAL 138 144 144 VAL VAL A . n 
A 1 139 ALA 139 145 145 ALA ALA A . n 
A 1 140 GLU 140 146 146 GLU GLU A . n 
A 1 141 LYS 141 147 147 LYS LYS A . n 
A 1 142 VAL 142 148 148 VAL VAL A . n 
A 1 143 THR 143 149 149 THR THR A . n 
A 1 144 VAL 144 150 150 VAL VAL A . n 
A 1 145 ILE 145 151 151 ILE ILE A . n 
A 1 146 THR 146 152 152 THR THR A . n 
A 1 147 LYS 147 153 153 LYS LYS A . n 
A 1 148 HIS 148 154 154 HIS HIS A . n 
A 1 149 ASN 149 155 155 ASN ASN A . n 
A 1 150 ASP 150 156 156 ASP ASP A . n 
A 1 151 ASP 151 157 157 ASP ASP A . n 
A 1 152 GLU 152 158 158 GLU GLU A . n 
A 1 153 GLN 153 159 159 GLN GLN A . n 
A 1 154 TYR 154 160 160 TYR TYR A . n 
A 1 155 ALA 155 161 161 ALA ALA A . n 
A 1 156 TRP 156 162 162 TRP TRP A . n 
A 1 157 GLU 157 163 163 GLU GLU A . n 
A 1 158 SER 158 164 164 SER SER A . n 
A 1 159 SER 159 165 165 SER SER A . n 
A 1 160 ALA 160 166 166 ALA ALA A . n 
A 1 161 GLY 161 167 167 GLY GLY A . n 
A 1 162 GLY 162 168 168 GLY GLY A . n 
A 1 163 SER 163 169 169 SER SER A . n 
A 1 164 PHE 164 170 170 PHE PHE A . n 
A 1 165 THR 165 171 171 THR THR A . n 
A 1 166 VAL 166 172 172 VAL VAL A . n 
A 1 167 ARG 167 173 173 ARG ARG A . n 
A 1 168 THR 168 174 174 THR THR A . n 
A 1 169 ASP 169 175 175 ASP ASP A . n 
A 1 170 THR 170 176 176 THR THR A . n 
A 1 171 GLY 171 177 177 GLY GLY A . n 
A 1 172 GLU 172 178 178 GLU GLU A . n 
A 1 173 PRO 173 179 179 PRO PRO A . n 
A 1 174 MET 174 180 180 MET MET A . n 
A 1 175 GLY 175 181 181 GLY GLY A . n 
A 1 176 ARG 176 182 182 ARG ARG A . n 
A 1 177 GLY 177 183 183 GLY GLY A . n 
A 1 178 THR 178 184 184 THR THR A . n 
A 1 179 LYS 179 185 185 LYS LYS A . n 
A 1 180 VAL 180 186 186 VAL VAL A . n 
A 1 181 ILE 181 187 187 ILE ILE A . n 
A 1 182 LEU 182 188 188 LEU LEU A . n 
A 1 183 HIS 183 189 189 HIS HIS A . n 
A 1 184 LEU 184 190 190 LEU LEU A . n 
A 1 185 LYS 185 191 191 LYS LYS A . n 
A 1 186 GLU 186 192 192 GLU GLU A . n 
A 1 187 ASP 187 193 193 ASP ASP A . n 
A 1 188 GLN 188 194 194 GLN GLN A . n 
A 1 189 THR 189 195 195 THR THR A . n 
A 1 190 GLU 190 196 196 GLU GLU A . n 
A 1 191 TYR 191 197 197 TYR TYR A . n 
A 1 192 LEU 192 198 198 LEU LEU A . n 
A 1 193 GLU 193 199 199 GLU GLU A . n 
A 1 194 GLU 194 200 200 GLU GLU A . n 
A 1 195 ARG 195 201 201 ARG ARG A . n 
A 1 196 ARG 196 202 202 ARG ARG A . n 
A 1 197 ILE 197 203 203 ILE ILE A . n 
A 1 198 LYS 198 204 204 LYS LYS A . n 
A 1 199 GLU 199 205 205 GLU GLU A . n 
A 1 200 ILE 200 206 206 ILE ILE A . n 
A 1 201 VAL 201 207 207 VAL VAL A . n 
A 1 202 LYS 202 208 208 LYS LYS A . n 
A 1 203 LYS 203 209 209 LYS LYS A . n 
A 1 204 HIS 204 210 210 HIS HIS A . n 
A 1 205 SER 205 211 211 SER SER A . n 
A 1 206 GLN 206 212 212 GLN GLN A . n 
A 1 207 PHE 207 213 213 PHE PHE A . n 
A 1 208 ILE 208 214 214 ILE ILE A . n 
A 1 209 GLY 209 215 215 GLY GLY A . n 
A 1 210 TYR 210 216 216 TYR TYR A . n 
A 1 211 PRO 211 217 217 PRO PRO A . n 
A 1 212 ILE 212 218 218 ILE ILE A . n 
A 1 213 THR 213 219 219 THR THR A . n 
A 1 214 LEU 214 220 220 LEU LEU A . n 
A 1 215 PHE 215 221 221 PHE PHE A . n 
A 1 216 VAL 216 222 222 VAL VAL A . n 
A 1 217 GLU 217 223 223 GLU GLU A . n 
A 1 218 LYS 218 224 224 LYS LYS A . n 
A 1 219 GLU 219 225 225 GLU GLU A . n 
A 1 220 ARG 220 226 ?   ?   ?   A . n 
A 1 221 ASP 221 227 ?   ?   ?   A . n 
A 1 222 LYS 222 228 ?   ?   ?   A . n 
A 1 223 GLU 223 229 ?   ?   ?   A . n 
A 1 224 VAL 224 230 ?   ?   ?   A . n 
A 1 225 SER 225 231 ?   ?   ?   A . n 
A 1 226 ASP 226 232 ?   ?   ?   A . n 
A 1 227 ASP 227 233 ?   ?   ?   A . n 
A 1 228 GLU 228 234 ?   ?   ?   A . n 
A 1 229 ALA 229 235 ?   ?   ?   A . n 
A 1 230 GLU 230 236 ?   ?   ?   A . n 
# 
loop_
_pdbx_nonpoly_scheme.asym_id 
_pdbx_nonpoly_scheme.entity_id 
_pdbx_nonpoly_scheme.mon_id 
_pdbx_nonpoly_scheme.ndb_seq_num 
_pdbx_nonpoly_scheme.pdb_seq_num 
_pdbx_nonpoly_scheme.auth_seq_num 
_pdbx_nonpoly_scheme.pdb_mon_id 
_pdbx_nonpoly_scheme.auth_mon_id 
_pdbx_nonpoly_scheme.pdb_strand_id 
_pdbx_nonpoly_scheme.pdb_ins_code 
B 2 T62 1  1226 1226 T62 T62 A . 
C 3 HOH 1  2001 2001 HOH HOH A . 
C 3 HOH 2  2002 2002 HOH HOH A . 
C 3 HOH 3  2003 2003 HOH HOH A . 
C 3 HOH 4  2004 2004 HOH HOH A . 
C 3 HOH 5  2005 2005 HOH HOH A . 
C 3 HOH 6  2006 2006 HOH HOH A . 
C 3 HOH 7  2007 2007 HOH HOH A . 
C 3 HOH 8  2008 2008 HOH HOH A . 
C 3 HOH 9  2009 2009 HOH HOH A . 
C 3 HOH 10 2010 2010 HOH HOH A . 
C 3 HOH 11 2011 2011 HOH HOH A . 
C 3 HOH 12 2012 2012 HOH HOH A . 
C 3 HOH 13 2013 2013 HOH HOH A . 
C 3 HOH 14 2014 2014 HOH HOH A . 
C 3 HOH 15 2015 2015 HOH HOH A . 
C 3 HOH 16 2016 2016 HOH HOH A . 
C 3 HOH 17 2017 2017 HOH HOH A . 
C 3 HOH 18 2018 2018 HOH HOH A . 
C 3 HOH 19 2019 2019 HOH HOH A . 
C 3 HOH 20 2020 2020 HOH HOH A . 
C 3 HOH 21 2021 2021 HOH HOH A . 
C 3 HOH 22 2022 2022 HOH HOH A . 
C 3 HOH 23 2023 2023 HOH HOH A . 
C 3 HOH 24 2024 2024 HOH HOH A . 
C 3 HOH 25 2025 2025 HOH HOH A . 
C 3 HOH 26 2026 2026 HOH HOH A . 
C 3 HOH 27 2027 2027 HOH HOH A . 
C 3 HOH 28 2028 2028 HOH HOH A . 
C 3 HOH 29 2029 2029 HOH HOH A . 
C 3 HOH 30 2030 2030 HOH HOH A . 
C 3 HOH 31 2031 2031 HOH HOH A . 
C 3 HOH 32 2032 2032 HOH HOH A . 
C 3 HOH 33 2033 2033 HOH HOH A . 
C 3 HOH 34 2034 2034 HOH HOH A . 
C 3 HOH 35 2035 2035 HOH HOH A . 
C 3 HOH 36 2036 2036 HOH HOH A . 
C 3 HOH 37 2037 2037 HOH HOH A . 
C 3 HOH 38 2038 2038 HOH HOH A . 
C 3 HOH 39 2039 2039 HOH HOH A . 
C 3 HOH 40 2040 2040 HOH HOH A . 
C 3 HOH 41 2041 2041 HOH HOH A . 
C 3 HOH 42 2042 2042 HOH HOH A . 
C 3 HOH 43 2043 2043 HOH HOH A . 
C 3 HOH 44 2044 2044 HOH HOH A . 
C 3 HOH 45 2045 2045 HOH HOH A . 
C 3 HOH 46 2046 2046 HOH HOH A . 
C 3 HOH 47 2047 2047 HOH HOH A . 
C 3 HOH 48 2048 2048 HOH HOH A . 
C 3 HOH 49 2049 2049 HOH HOH A . 
C 3 HOH 50 2050 2050 HOH HOH A . 
C 3 HOH 51 2051 2051 HOH HOH A . 
C 3 HOH 52 2052 2052 HOH HOH A . 
C 3 HOH 53 2053 2053 HOH HOH A . 
C 3 HOH 54 2054 2054 HOH HOH A . 
C 3 HOH 55 2055 2055 HOH HOH A . 
C 3 HOH 56 2056 2056 HOH HOH A . 
C 3 HOH 57 2057 2057 HOH HOH A . 
C 3 HOH 58 2058 2058 HOH HOH A . 
C 3 HOH 59 2059 2059 HOH HOH A . 
C 3 HOH 60 2060 2060 HOH HOH A . 
C 3 HOH 61 2061 2061 HOH HOH A . 
C 3 HOH 62 2062 2062 HOH HOH A . 
C 3 HOH 63 2063 2063 HOH HOH A . 
C 3 HOH 64 2064 2064 HOH HOH A . 
C 3 HOH 65 2065 2065 HOH HOH A . 
C 3 HOH 66 2066 2066 HOH HOH A . 
C 3 HOH 67 2067 2067 HOH HOH A . 
C 3 HOH 68 2068 2068 HOH HOH A . 
C 3 HOH 69 2069 2069 HOH HOH A . 
# 
loop_
_software.name 
_software.classification 
_software.version 
_software.citation_id 
_software.pdbx_ordinal 
REFMAC    refinement       5.6.0117 ? 1 
DENZO     'data reduction' .        ? 2 
SCALEPACK 'data scaling'   .        ? 3 
# 
_cell.entry_id           4CWO 
_cell.length_a           67.985 
_cell.length_b           92.014 
_cell.length_c           100.291 
_cell.angle_alpha        90.00 
_cell.angle_beta         90.00 
_cell.angle_gamma        90.00 
_cell.Z_PDB              8 
_cell.pdbx_unique_axis   ? 
# 
_symmetry.entry_id                         4CWO 
_symmetry.space_group_name_H-M             'I 2 2 2' 
_symmetry.pdbx_full_space_group_name_H-M   ? 
_symmetry.cell_setting                     ? 
_symmetry.Int_Tables_number                23 
# 
_exptl.entry_id          4CWO 
_exptl.method            'X-RAY DIFFRACTION' 
_exptl.crystals_number   1 
# 
_exptl_crystal.id                    1 
_exptl_crystal.density_meas          ? 
_exptl_crystal.density_Matthews      3.2 
_exptl_crystal.density_percent_sol   61 
_exptl_crystal.description           NONE 
# 
_diffrn.id                     1 
_diffrn.ambient_temp           100 
_diffrn.ambient_temp_details   ? 
_diffrn.crystal_id             1 
# 
_diffrn_detector.diffrn_id              1 
_diffrn_detector.detector               'IMAGE PLATE' 
_diffrn_detector.type                   'MAR scanner 345 mm plate' 
_diffrn_detector.pdbx_collection_date   2007-10-01 
_diffrn_detector.details                ? 
# 
_diffrn_radiation.diffrn_id                        1 
_diffrn_radiation.wavelength_id                    1 
_diffrn_radiation.pdbx_monochromatic_or_laue_m_l   M 
_diffrn_radiation.monochromator                    ? 
_diffrn_radiation.pdbx_diffrn_protocol             'SINGLE WAVELENGTH' 
_diffrn_radiation.pdbx_scattering_type             x-ray 
# 
_diffrn_radiation_wavelength.id           1 
_diffrn_radiation_wavelength.wavelength   1.5418 
_diffrn_radiation_wavelength.wt           1.0 
# 
_diffrn_source.diffrn_id                   1 
_diffrn_source.source                      'ROTATING ANODE' 
_diffrn_source.type                        'RIGAKU MICROMAX-007 HF' 
_diffrn_source.pdbx_synchrotron_site       ? 
_diffrn_source.pdbx_synchrotron_beamline   ? 
_diffrn_source.pdbx_wavelength             1.5418 
_diffrn_source.pdbx_wavelength_list        ? 
# 
_reflns.pdbx_diffrn_id               1 
_reflns.pdbx_ordinal                 1 
_reflns.entry_id                     4CWO 
_reflns.observed_criterion_sigma_I   0.0 
_reflns.observed_criterion_sigma_F   ? 
_reflns.d_resolution_low             30.00 
_reflns.d_resolution_high            2.30 
_reflns.number_obs                   13734 
_reflns.number_all                   ? 
_reflns.percent_possible_obs         95.8 
_reflns.pdbx_Rmerge_I_obs            0.09 
_reflns.pdbx_Rsym_value              ? 
_reflns.pdbx_netI_over_sigmaI        17.50 
_reflns.B_iso_Wilson_estimate        ? 
_reflns.pdbx_redundancy              7 
# 
_reflns_shell.pdbx_diffrn_id         1 
_reflns_shell.pdbx_ordinal           1 
_reflns_shell.d_res_high             2.30 
_reflns_shell.d_res_low              2.38 
_reflns_shell.percent_possible_all   99.4 
_reflns_shell.Rmerge_I_obs           ? 
_reflns_shell.pdbx_Rsym_value        ? 
_reflns_shell.meanI_over_sigI_obs    2.50 
_reflns_shell.pdbx_redundancy        ? 
# 
_refine.pdbx_refine_id                           'X-RAY DIFFRACTION' 
_refine.entry_id                                 4CWO 
_refine.pdbx_diffrn_id                           1 
_refine.pdbx_TLS_residual_ADP_flag               ? 
_refine.ls_number_reflns_obs                     12749 
_refine.ls_number_reflns_all                     ? 
_refine.pdbx_ls_sigma_I                          ? 
_refine.pdbx_ls_sigma_F                          . 
_refine.pdbx_data_cutoff_high_absF               ? 
_refine.pdbx_data_cutoff_low_absF                ? 
_refine.pdbx_data_cutoff_high_rms_absF           ? 
_refine.ls_d_res_low                             67.73 
_refine.ls_d_res_high                            2.31 
_refine.ls_percent_reflns_obs                    95.21 
_refine.ls_R_factor_obs                          0.19908 
_refine.ls_R_factor_all                          ? 
_refine.ls_R_factor_R_work                       0.19644 
_refine.ls_R_factor_R_free                       0.25292 
_refine.ls_R_factor_R_free_error                 ? 
_refine.ls_R_factor_R_free_error_details         ? 
_refine.ls_percent_reflns_R_free                 5.0 
_refine.ls_number_reflns_R_free                  667 
_refine.ls_number_parameters                     ? 
_refine.ls_number_restraints                     ? 
_refine.occupancy_min                            ? 
_refine.occupancy_max                            ? 
_refine.correlation_coeff_Fo_to_Fc               0.952 
_refine.correlation_coeff_Fo_to_Fc_free          0.918 
_refine.B_iso_mean                               38.831 
_refine.aniso_B[1][1]                            0.09 
_refine.aniso_B[2][2]                            -1.64 
_refine.aniso_B[3][3]                            1.55 
_refine.aniso_B[1][2]                            0.00 
_refine.aniso_B[1][3]                            0.00 
_refine.aniso_B[2][3]                            0.00 
_refine.solvent_model_details                    MASK 
_refine.solvent_model_param_ksol                 ? 
_refine.solvent_model_param_bsol                 ? 
_refine.pdbx_solvent_vdw_probe_radii             1.40 
_refine.pdbx_solvent_ion_probe_radii             0.80 
_refine.pdbx_solvent_shrinkage_radii             0.80 
_refine.pdbx_ls_cross_valid_method               THROUGHOUT 
_refine.details                                  'HYDROGENS HAVE BEEN ADDED IN THE RIDING POSITIONS.' 
_refine.pdbx_starting_model                      NONE 
_refine.pdbx_method_to_determine_struct          OTHER 
_refine.pdbx_isotropic_thermal_model             ? 
_refine.pdbx_stereochemistry_target_values       'MAXIMUM LIKELIHOOD' 
_refine.pdbx_stereochem_target_val_spec_case     ? 
_refine.pdbx_R_Free_selection_details            RANDOM 
_refine.pdbx_overall_ESU_R                       0.258 
_refine.pdbx_overall_ESU_R_Free                  0.224 
_refine.overall_SU_ML                            0.144 
_refine.pdbx_overall_phase_error                 ? 
_refine.overall_SU_B                             5.979 
_refine.overall_SU_R_Cruickshank_DPI             ? 
_refine.pdbx_overall_SU_R_free_Cruickshank_DPI   ? 
_refine.pdbx_overall_SU_R_Blow_DPI               ? 
_refine.pdbx_overall_SU_R_free_Blow_DPI          ? 
# 
_refine_hist.pdbx_refine_id                   'X-RAY DIFFRACTION' 
_refine_hist.cycle_id                         LAST 
_refine_hist.pdbx_number_atoms_protein        1653 
_refine_hist.pdbx_number_atoms_nucleic_acid   0 
_refine_hist.pdbx_number_atoms_ligand         23 
_refine_hist.number_atoms_solvent             69 
_refine_hist.number_atoms_total               1745 
_refine_hist.d_res_high                       2.31 
_refine_hist.d_res_low                        67.73 
# 
loop_
_refine_ls_restr.type 
_refine_ls_restr.dev_ideal 
_refine_ls_restr.dev_ideal_target 
_refine_ls_restr.weight 
_refine_ls_restr.number 
_refine_ls_restr.pdbx_refine_id 
_refine_ls_restr.pdbx_restraint_function 
r_bond_refined_d             0.010  0.020  ? 1705 'X-RAY DIFFRACTION' ? 
r_bond_other_d               ?      ?      ? ?    'X-RAY DIFFRACTION' ? 
r_angle_refined_deg          1.398  1.979  ? 2301 'X-RAY DIFFRACTION' ? 
r_angle_other_deg            ?      ?      ? ?    'X-RAY DIFFRACTION' ? 
r_dihedral_angle_1_deg       5.675  5.000  ? 209  'X-RAY DIFFRACTION' ? 
r_dihedral_angle_2_deg       36.063 25.325 ? 77   'X-RAY DIFFRACTION' ? 
r_dihedral_angle_3_deg       14.517 15.000 ? 313  'X-RAY DIFFRACTION' ? 
r_dihedral_angle_4_deg       17.236 15.000 ? 7    'X-RAY DIFFRACTION' ? 
r_chiral_restr               0.090  0.200  ? 259  'X-RAY DIFFRACTION' ? 
r_gen_planes_refined         0.005  0.020  ? 1263 'X-RAY DIFFRACTION' ? 
r_gen_planes_other           ?      ?      ? ?    'X-RAY DIFFRACTION' ? 
r_nbd_refined                ?      ?      ? ?    'X-RAY DIFFRACTION' ? 
r_nbd_other                  ?      ?      ? ?    'X-RAY DIFFRACTION' ? 
r_nbtor_refined              ?      ?      ? ?    'X-RAY DIFFRACTION' ? 
r_nbtor_other                ?      ?      ? ?    'X-RAY DIFFRACTION' ? 
r_xyhbond_nbd_refined        ?      ?      ? ?    'X-RAY DIFFRACTION' ? 
r_xyhbond_nbd_other          ?      ?      ? ?    'X-RAY DIFFRACTION' ? 
r_metal_ion_refined          ?      ?      ? ?    'X-RAY DIFFRACTION' ? 
r_metal_ion_other            ?      ?      ? ?    'X-RAY DIFFRACTION' ? 
r_symmetry_vdw_refined       ?      ?      ? ?    'X-RAY DIFFRACTION' ? 
r_symmetry_vdw_other         ?      ?      ? ?    'X-RAY DIFFRACTION' ? 
r_symmetry_hbond_refined     ?      ?      ? ?    'X-RAY DIFFRACTION' ? 
r_symmetry_hbond_other       ?      ?      ? ?    'X-RAY DIFFRACTION' ? 
r_symmetry_metal_ion_refined ?      ?      ? ?    'X-RAY DIFFRACTION' ? 
r_symmetry_metal_ion_other   ?      ?      ? ?    'X-RAY DIFFRACTION' ? 
r_mcbond_it                  ?      ?      ? ?    'X-RAY DIFFRACTION' ? 
r_mcbond_other               ?      ?      ? ?    'X-RAY DIFFRACTION' ? 
r_mcangle_it                 ?      ?      ? ?    'X-RAY DIFFRACTION' ? 
r_mcangle_other              ?      ?      ? ?    'X-RAY DIFFRACTION' ? 
r_scbond_it                  ?      ?      ? ?    'X-RAY DIFFRACTION' ? 
r_scbond_other               ?      ?      ? ?    'X-RAY DIFFRACTION' ? 
r_scangle_it                 ?      ?      ? ?    'X-RAY DIFFRACTION' ? 
r_scangle_other              ?      ?      ? ?    'X-RAY DIFFRACTION' ? 
r_long_range_B_refined       ?      ?      ? ?    'X-RAY DIFFRACTION' ? 
r_long_range_B_other         ?      ?      ? ?    'X-RAY DIFFRACTION' ? 
r_rigid_bond_restr           ?      ?      ? ?    'X-RAY DIFFRACTION' ? 
r_sphericity_free            ?      ?      ? ?    'X-RAY DIFFRACTION' ? 
r_sphericity_bonded          ?      ?      ? ?    'X-RAY DIFFRACTION' ? 
# 
_refine_ls_shell.pdbx_refine_id                   'X-RAY DIFFRACTION' 
_refine_ls_shell.pdbx_total_number_of_bins_used   20 
_refine_ls_shell.d_res_high                       2.314 
_refine_ls_shell.d_res_low                        2.374 
_refine_ls_shell.number_reflns_R_work             849 
_refine_ls_shell.R_factor_R_work                  0.373 
_refine_ls_shell.percent_reflns_obs               94.20 
_refine_ls_shell.R_factor_R_free                  0.507 
_refine_ls_shell.R_factor_R_free_error            ? 
_refine_ls_shell.percent_reflns_R_free            ? 
_refine_ls_shell.number_reflns_R_free             45 
_refine_ls_shell.number_reflns_all                ? 
_refine_ls_shell.R_factor_all                     ? 
# 
_struct.entry_id                  4CWO 
_struct.title                     'Human HSP90 alpha N-terminal domain in complex with an Aminotriazoloquinazoline inhibitor' 
_struct.pdbx_model_details        ? 
_struct.pdbx_CASP_flag            ? 
_struct.pdbx_model_type_details   ? 
# 
_struct_keywords.entry_id        4CWO 
_struct_keywords.pdbx_keywords   CHAPERONE 
_struct_keywords.text            CHAPERONE 
# 
loop_
_struct_asym.id 
_struct_asym.pdbx_blank_PDB_chainid_flag 
_struct_asym.pdbx_modified 
_struct_asym.entity_id 
_struct_asym.details 
A N N 1 ? 
B N N 2 ? 
C N N 3 ? 
# 
_struct_ref.id                         1 
_struct_ref.db_name                    UNP 
_struct_ref.db_code                    HS90A_HUMAN 
_struct_ref.entity_id                  1 
_struct_ref.pdbx_seq_one_letter_code   ? 
_struct_ref.pdbx_align_begin           ? 
_struct_ref.pdbx_db_accession          P07900 
_struct_ref.pdbx_db_isoform            ? 
# 
_struct_ref_seq.align_id                      1 
_struct_ref_seq.ref_id                        1 
_struct_ref_seq.pdbx_PDB_id_code              4CWO 
_struct_ref_seq.pdbx_strand_id                A 
_struct_ref_seq.seq_align_beg                 3 
_struct_ref_seq.pdbx_seq_align_beg_ins_code   ? 
_struct_ref_seq.seq_align_end                 230 
_struct_ref_seq.pdbx_seq_align_end_ins_code   ? 
_struct_ref_seq.pdbx_db_accession             P07900 
_struct_ref_seq.db_align_beg                  9 
_struct_ref_seq.pdbx_db_align_beg_ins_code    ? 
_struct_ref_seq.db_align_end                  236 
_struct_ref_seq.pdbx_db_align_end_ins_code    ? 
_struct_ref_seq.pdbx_auth_seq_align_beg       9 
_struct_ref_seq.pdbx_auth_seq_align_end       236 
# 
loop_
_struct_ref_seq_dif.align_id 
_struct_ref_seq_dif.pdbx_pdb_id_code 
_struct_ref_seq_dif.mon_id 
_struct_ref_seq_dif.pdbx_pdb_strand_id 
_struct_ref_seq_dif.seq_num 
_struct_ref_seq_dif.pdbx_pdb_ins_code 
_struct_ref_seq_dif.pdbx_seq_db_name 
_struct_ref_seq_dif.pdbx_seq_db_accession_code 
_struct_ref_seq_dif.db_mon_id 
_struct_ref_seq_dif.pdbx_seq_db_seq_num 
_struct_ref_seq_dif.details 
_struct_ref_seq_dif.pdbx_auth_seq_num 
_struct_ref_seq_dif.pdbx_ordinal 
1 4CWO GLY A 1 ? UNP P07900 ? ? 'expression tag' 7 1 
1 4CWO PRO A 2 ? UNP P07900 ? ? 'expression tag' 8 2 
# 
_pdbx_struct_assembly.id                   1 
_pdbx_struct_assembly.details              author_and_software_defined_assembly 
_pdbx_struct_assembly.method_details       PISA 
_pdbx_struct_assembly.oligomeric_details   monomeric 
_pdbx_struct_assembly.oligomeric_count     1 
# 
_pdbx_struct_assembly_gen.assembly_id       1 
_pdbx_struct_assembly_gen.oper_expression   1 
_pdbx_struct_assembly_gen.asym_id_list      A,B,C 
# 
_pdbx_struct_oper_list.id                   1 
_pdbx_struct_oper_list.type                 'identity operation' 
_pdbx_struct_oper_list.name                 1_555 
_pdbx_struct_oper_list.symmetry_operation   x,y,z 
_pdbx_struct_oper_list.matrix[1][1]         1.0000000000 
_pdbx_struct_oper_list.matrix[1][2]         0.0000000000 
_pdbx_struct_oper_list.matrix[1][3]         0.0000000000 
_pdbx_struct_oper_list.vector[1]            0.0000000000 
_pdbx_struct_oper_list.matrix[2][1]         0.0000000000 
_pdbx_struct_oper_list.matrix[2][2]         1.0000000000 
_pdbx_struct_oper_list.matrix[2][3]         0.0000000000 
_pdbx_struct_oper_list.vector[2]            0.0000000000 
_pdbx_struct_oper_list.matrix[3][1]         0.0000000000 
_pdbx_struct_oper_list.matrix[3][2]         0.0000000000 
_pdbx_struct_oper_list.matrix[3][3]         1.0000000000 
_pdbx_struct_oper_list.vector[3]            0.0000000000 
# 
_struct_biol.id   1 
# 
loop_
_struct_conf.conf_type_id 
_struct_conf.id 
_struct_conf.pdbx_PDB_helix_id 
_struct_conf.beg_label_comp_id 
_struct_conf.beg_label_asym_id 
_struct_conf.beg_label_seq_id 
_struct_conf.pdbx_beg_PDB_ins_code 
_struct_conf.end_label_comp_id 
_struct_conf.end_label_asym_id 
_struct_conf.end_label_seq_id 
_struct_conf.pdbx_end_PDB_ins_code 
_struct_conf.beg_auth_comp_id 
_struct_conf.beg_auth_asym_id 
_struct_conf.beg_auth_seq_id 
_struct_conf.end_auth_comp_id 
_struct_conf.end_auth_asym_id 
_struct_conf.end_auth_seq_id 
_struct_conf.pdbx_PDB_helix_class 
_struct_conf.details 
_struct_conf.pdbx_PDB_helix_length 
HELX_P HELX_P1  1  GLN A 17  ? THR A 30  ? GLN A 23  THR A 36  1 ? 14 
HELX_P HELX_P2  2  ASN A 34  ? GLU A 36  ? ASN A 40  GLU A 42  5 ? 3  
HELX_P HELX_P3  3  ILE A 37  ? ASP A 60  ? ILE A 43  ASP A 66  1 ? 24 
HELX_P HELX_P4  4  PRO A 61  ? ASP A 65  ? PRO A 67  ASP A 71  5 ? 5  
HELX_P HELX_P5  5  THR A 93  ? ASN A 99  ? THR A 99  ASN A 105 1 ? 7  
HELX_P HELX_P6  6  ASN A 99  ? ALA A 118 ? ASN A 105 ALA A 124 1 ? 20 
HELX_P HELX_P7  7  ASP A 121 ? GLY A 129 ? ASP A 127 GLY A 135 5 ? 9  
HELX_P HELX_P8  8  VAL A 130 ? LEU A 137 ? VAL A 136 LEU A 143 5 ? 8  
HELX_P HELX_P9  9  GLU A 186 ? LEU A 192 ? GLU A 192 LEU A 198 5 ? 7  
HELX_P HELX_P10 10 GLU A 193 ? SER A 205 ? GLU A 199 SER A 211 1 ? 13 
# 
_struct_conf_type.id          HELX_P 
_struct_conf_type.criteria    ? 
_struct_conf_type.reference   ? 
# 
_struct_sheet.id               AA 
_struct_sheet.type             ? 
_struct_sheet.number_strands   8 
_struct_sheet.details          ? 
# 
loop_
_struct_sheet_order.sheet_id 
_struct_sheet_order.range_id_1 
_struct_sheet_order.range_id_2 
_struct_sheet_order.offset 
_struct_sheet_order.sense 
AA 1 2 ? anti-parallel 
AA 2 3 ? anti-parallel 
AA 3 4 ? anti-parallel 
AA 4 5 ? anti-parallel 
AA 5 6 ? anti-parallel 
AA 6 7 ? anti-parallel 
AA 7 8 ? parallel      
# 
loop_
_struct_sheet_range.sheet_id 
_struct_sheet_range.id 
_struct_sheet_range.beg_label_comp_id 
_struct_sheet_range.beg_label_asym_id 
_struct_sheet_range.beg_label_seq_id 
_struct_sheet_range.pdbx_beg_PDB_ins_code 
_struct_sheet_range.end_label_comp_id 
_struct_sheet_range.end_label_asym_id 
_struct_sheet_range.end_label_seq_id 
_struct_sheet_range.pdbx_end_PDB_ins_code 
_struct_sheet_range.beg_auth_comp_id 
_struct_sheet_range.beg_auth_asym_id 
_struct_sheet_range.beg_auth_seq_id 
_struct_sheet_range.end_auth_comp_id 
_struct_sheet_range.end_auth_asym_id 
_struct_sheet_range.end_auth_seq_id 
AA 1 GLU A 12  ? ALA A 15  ? GLU A 18  ALA A 21  
AA 2 SER A 163 ? THR A 168 ? SER A 169 THR A 174 
AA 3 GLN A 153 ? SER A 158 ? GLN A 159 SER A 164 
AA 4 ALA A 139 ? LYS A 147 ? ALA A 145 LYS A 153 
AA 5 GLY A 177 ? LEU A 184 ? GLY A 183 LEU A 190 
AA 6 THR A 82  ? ASP A 87  ? THR A 88  ASP A 93  
AA 7 ILE A 72  ? ASN A 77  ? ILE A 78  ASN A 83  
AA 8 ILE A 212 ? LEU A 214 ? ILE A 218 LEU A 220 
# 
loop_
_pdbx_struct_sheet_hbond.sheet_id 
_pdbx_struct_sheet_hbond.range_id_1 
_pdbx_struct_sheet_hbond.range_id_2 
_pdbx_struct_sheet_hbond.range_1_label_atom_id 
_pdbx_struct_sheet_hbond.range_1_label_comp_id 
_pdbx_struct_sheet_hbond.range_1_label_asym_id 
_pdbx_struct_sheet_hbond.range_1_label_seq_id 
_pdbx_struct_sheet_hbond.range_1_PDB_ins_code 
_pdbx_struct_sheet_hbond.range_1_auth_atom_id 
_pdbx_struct_sheet_hbond.range_1_auth_comp_id 
_pdbx_struct_sheet_hbond.range_1_auth_asym_id 
_pdbx_struct_sheet_hbond.range_1_auth_seq_id 
_pdbx_struct_sheet_hbond.range_2_label_atom_id 
_pdbx_struct_sheet_hbond.range_2_label_comp_id 
_pdbx_struct_sheet_hbond.range_2_label_asym_id 
_pdbx_struct_sheet_hbond.range_2_label_seq_id 
_pdbx_struct_sheet_hbond.range_2_PDB_ins_code 
_pdbx_struct_sheet_hbond.range_2_auth_atom_id 
_pdbx_struct_sheet_hbond.range_2_auth_comp_id 
_pdbx_struct_sheet_hbond.range_2_auth_asym_id 
_pdbx_struct_sheet_hbond.range_2_auth_seq_id 
AA 1 2 N PHE A 14  ? N PHE A 20  O PHE A 164 ? O PHE A 170 
AA 2 3 N ARG A 167 ? N ARG A 173 O ALA A 155 ? O ALA A 161 
AA 3 4 N SER A 158 ? N SER A 164 O VAL A 142 ? O VAL A 148 
AA 4 5 N LYS A 147 ? N LYS A 153 O GLY A 177 ? O GLY A 183 
AA 5 6 N LEU A 182 ? N LEU A 188 O LEU A 83  ? O LEU A 89  
AA 6 7 N VAL A 86  ? N VAL A 92  O ASN A 73  ? O ASN A 79  
AA 7 8 N LEU A 74  ? N LEU A 80  O THR A 213 ? O THR A 219 
# 
_struct_site.id                   AC1 
_struct_site.pdbx_evidence_code   Software 
_struct_site.pdbx_auth_asym_id    A 
_struct_site.pdbx_auth_comp_id    T62 
_struct_site.pdbx_auth_seq_id     1226 
_struct_site.pdbx_auth_ins_code   ? 
_struct_site.pdbx_num_residues    14 
_struct_site.details              'BINDING SITE FOR RESIDUE T62 A 1226' 
# 
loop_
_struct_site_gen.id 
_struct_site_gen.site_id 
_struct_site_gen.pdbx_num_res 
_struct_site_gen.label_comp_id 
_struct_site_gen.label_asym_id 
_struct_site_gen.label_seq_id 
_struct_site_gen.pdbx_auth_ins_code 
_struct_site_gen.auth_comp_id 
_struct_site_gen.auth_asym_id 
_struct_site_gen.auth_seq_id 
_struct_site_gen.label_atom_id 
_struct_site_gen.label_alt_id 
_struct_site_gen.symmetry 
_struct_site_gen.details 
1  AC1 14 ASN A 45  ? ASN A 51   . ? 1_555 ? 
2  AC1 14 ALA A 49  ? ALA A 55   . ? 1_555 ? 
3  AC1 14 ASP A 87  ? ASP A 93   . ? 1_555 ? 
4  AC1 14 MET A 92  ? MET A 98   . ? 1_555 ? 
5  AC1 14 GLY A 129 ? GLY A 135  . ? 1_555 ? 
6  AC1 14 PHE A 132 ? PHE A 138  . ? 1_555 ? 
7  AC1 14 TYR A 133 ? TYR A 139  . ? 1_555 ? 
8  AC1 14 TRP A 156 ? TRP A 162  . ? 1_555 ? 
9  AC1 14 THR A 178 ? THR A 184  . ? 1_555 ? 
10 AC1 14 VAL A 180 ? VAL A 186  . ? 1_555 ? 
11 AC1 14 HOH C .   ? HOH A 2017 . ? 1_555 ? 
12 AC1 14 HOH C .   ? HOH A 2019 . ? 1_555 ? 
13 AC1 14 HOH C .   ? HOH A 2040 . ? 1_555 ? 
14 AC1 14 HOH C .   ? HOH A 2048 . ? 1_555 ? 
# 
_pdbx_validate_rmsd_bond.id                        1 
_pdbx_validate_rmsd_bond.PDB_model_num             1 
_pdbx_validate_rmsd_bond.auth_atom_id_1            CG 
_pdbx_validate_rmsd_bond.auth_asym_id_1            A 
_pdbx_validate_rmsd_bond.auth_comp_id_1            HIS 
_pdbx_validate_rmsd_bond.auth_seq_id_1             189 
_pdbx_validate_rmsd_bond.PDB_ins_code_1            ? 
_pdbx_validate_rmsd_bond.label_alt_id_1            ? 
_pdbx_validate_rmsd_bond.auth_atom_id_2            CD2 
_pdbx_validate_rmsd_bond.auth_asym_id_2            A 
_pdbx_validate_rmsd_bond.auth_comp_id_2            HIS 
_pdbx_validate_rmsd_bond.auth_seq_id_2             189 
_pdbx_validate_rmsd_bond.PDB_ins_code_2            ? 
_pdbx_validate_rmsd_bond.label_alt_id_2            ? 
_pdbx_validate_rmsd_bond.bond_value                1.409 
_pdbx_validate_rmsd_bond.bond_target_value         1.354 
_pdbx_validate_rmsd_bond.bond_deviation            0.055 
_pdbx_validate_rmsd_bond.bond_standard_deviation   0.009 
_pdbx_validate_rmsd_bond.linker_flag               N 
# 
loop_
_pdbx_validate_torsion.id 
_pdbx_validate_torsion.PDB_model_num 
_pdbx_validate_torsion.auth_comp_id 
_pdbx_validate_torsion.auth_asym_id 
_pdbx_validate_torsion.auth_seq_id 
_pdbx_validate_torsion.PDB_ins_code 
_pdbx_validate_torsion.label_alt_id 
_pdbx_validate_torsion.phi 
_pdbx_validate_torsion.psi 
1 1 ASP A 66  ? ? -155.91 85.78   
2 1 THR A 94  ? ? -100.77 40.49   
3 1 ALA A 166 ? ? 61.83   -149.58 
4 1 ARG A 182 ? ? -175.59 135.44  
# 
_pdbx_entry_details.entry_id                 4CWO 
_pdbx_entry_details.compound_details         ? 
_pdbx_entry_details.source_details           ? 
_pdbx_entry_details.nonpolymer_details       ? 
_pdbx_entry_details.sequence_details         'THE FIRST TWO RESIDUES  GP  ARE EXPRESSION  TAG' 
_pdbx_entry_details.has_ligand_of_interest   ? 
# 
loop_
_pdbx_unobs_or_zero_occ_residues.id 
_pdbx_unobs_or_zero_occ_residues.PDB_model_num 
_pdbx_unobs_or_zero_occ_residues.polymer_flag 
_pdbx_unobs_or_zero_occ_residues.occupancy_flag 
_pdbx_unobs_or_zero_occ_residues.auth_asym_id 
_pdbx_unobs_or_zero_occ_residues.auth_comp_id 
_pdbx_unobs_or_zero_occ_residues.auth_seq_id 
_pdbx_unobs_or_zero_occ_residues.PDB_ins_code 
_pdbx_unobs_or_zero_occ_residues.label_asym_id 
_pdbx_unobs_or_zero_occ_residues.label_comp_id 
_pdbx_unobs_or_zero_occ_residues.label_seq_id 
1  1 Y 1 A GLY 7   ? A GLY 1   
2  1 Y 1 A PRO 8   ? A PRO 2   
3  1 Y 1 A ASP 9   ? A ASP 3   
4  1 Y 1 A GLN 10  ? A GLN 4   
5  1 Y 1 A PRO 11  ? A PRO 5   
6  1 Y 1 A MET 12  ? A MET 6   
7  1 Y 1 A GLU 13  ? A GLU 7   
8  1 Y 1 A GLU 14  ? A GLU 8   
9  1 Y 1 A GLU 15  ? A GLU 9   
10 1 Y 1 A ARG 226 ? A ARG 220 
11 1 Y 1 A ASP 227 ? A ASP 221 
12 1 Y 1 A LYS 228 ? A LYS 222 
13 1 Y 1 A GLU 229 ? A GLU 223 
14 1 Y 1 A VAL 230 ? A VAL 224 
15 1 Y 1 A SER 231 ? A SER 225 
16 1 Y 1 A ASP 232 ? A ASP 226 
17 1 Y 1 A ASP 233 ? A ASP 227 
18 1 Y 1 A GLU 234 ? A GLU 228 
19 1 Y 1 A ALA 235 ? A ALA 229 
20 1 Y 1 A GLU 236 ? A GLU 230 
# 
loop_
_chem_comp_atom.comp_id 
_chem_comp_atom.atom_id 
_chem_comp_atom.type_symbol 
_chem_comp_atom.pdbx_aromatic_flag 
_chem_comp_atom.pdbx_stereo_config 
_chem_comp_atom.pdbx_ordinal 
ALA N    N N N 1   
ALA CA   C N S 2   
ALA C    C N N 3   
ALA O    O N N 4   
ALA CB   C N N 5   
ALA OXT  O N N 6   
ALA H    H N N 7   
ALA H2   H N N 8   
ALA HA   H N N 9   
ALA HB1  H N N 10  
ALA HB2  H N N 11  
ALA HB3  H N N 12  
ALA HXT  H N N 13  
ARG N    N N N 14  
ARG CA   C N S 15  
ARG C    C N N 16  
ARG O    O N N 17  
ARG CB   C N N 18  
ARG CG   C N N 19  
ARG CD   C N N 20  
ARG NE   N N N 21  
ARG CZ   C N N 22  
ARG NH1  N N N 23  
ARG NH2  N N N 24  
ARG OXT  O N N 25  
ARG H    H N N 26  
ARG H2   H N N 27  
ARG HA   H N N 28  
ARG HB2  H N N 29  
ARG HB3  H N N 30  
ARG HG2  H N N 31  
ARG HG3  H N N 32  
ARG HD2  H N N 33  
ARG HD3  H N N 34  
ARG HE   H N N 35  
ARG HH11 H N N 36  
ARG HH12 H N N 37  
ARG HH21 H N N 38  
ARG HH22 H N N 39  
ARG HXT  H N N 40  
ASN N    N N N 41  
ASN CA   C N S 42  
ASN C    C N N 43  
ASN O    O N N 44  
ASN CB   C N N 45  
ASN CG   C N N 46  
ASN OD1  O N N 47  
ASN ND2  N N N 48  
ASN OXT  O N N 49  
ASN H    H N N 50  
ASN H2   H N N 51  
ASN HA   H N N 52  
ASN HB2  H N N 53  
ASN HB3  H N N 54  
ASN HD21 H N N 55  
ASN HD22 H N N 56  
ASN HXT  H N N 57  
ASP N    N N N 58  
ASP CA   C N S 59  
ASP C    C N N 60  
ASP O    O N N 61  
ASP CB   C N N 62  
ASP CG   C N N 63  
ASP OD1  O N N 64  
ASP OD2  O N N 65  
ASP OXT  O N N 66  
ASP H    H N N 67  
ASP H2   H N N 68  
ASP HA   H N N 69  
ASP HB2  H N N 70  
ASP HB3  H N N 71  
ASP HD2  H N N 72  
ASP HXT  H N N 73  
GLN N    N N N 74  
GLN CA   C N S 75  
GLN C    C N N 76  
GLN O    O N N 77  
GLN CB   C N N 78  
GLN CG   C N N 79  
GLN CD   C N N 80  
GLN OE1  O N N 81  
GLN NE2  N N N 82  
GLN OXT  O N N 83  
GLN H    H N N 84  
GLN H2   H N N 85  
GLN HA   H N N 86  
GLN HB2  H N N 87  
GLN HB3  H N N 88  
GLN HG2  H N N 89  
GLN HG3  H N N 90  
GLN HE21 H N N 91  
GLN HE22 H N N 92  
GLN HXT  H N N 93  
GLU N    N N N 94  
GLU CA   C N S 95  
GLU C    C N N 96  
GLU O    O N N 97  
GLU CB   C N N 98  
GLU CG   C N N 99  
GLU CD   C N N 100 
GLU OE1  O N N 101 
GLU OE2  O N N 102 
GLU OXT  O N N 103 
GLU H    H N N 104 
GLU H2   H N N 105 
GLU HA   H N N 106 
GLU HB2  H N N 107 
GLU HB3  H N N 108 
GLU HG2  H N N 109 
GLU HG3  H N N 110 
GLU HE2  H N N 111 
GLU HXT  H N N 112 
GLY N    N N N 113 
GLY CA   C N N 114 
GLY C    C N N 115 
GLY O    O N N 116 
GLY OXT  O N N 117 
GLY H    H N N 118 
GLY H2   H N N 119 
GLY HA2  H N N 120 
GLY HA3  H N N 121 
GLY HXT  H N N 122 
HIS N    N N N 123 
HIS CA   C N S 124 
HIS C    C N N 125 
HIS O    O N N 126 
HIS CB   C N N 127 
HIS CG   C Y N 128 
HIS ND1  N Y N 129 
HIS CD2  C Y N 130 
HIS CE1  C Y N 131 
HIS NE2  N Y N 132 
HIS OXT  O N N 133 
HIS H    H N N 134 
HIS H2   H N N 135 
HIS HA   H N N 136 
HIS HB2  H N N 137 
HIS HB3  H N N 138 
HIS HD1  H N N 139 
HIS HD2  H N N 140 
HIS HE1  H N N 141 
HIS HE2  H N N 142 
HIS HXT  H N N 143 
HOH O    O N N 144 
HOH H1   H N N 145 
HOH H2   H N N 146 
ILE N    N N N 147 
ILE CA   C N S 148 
ILE C    C N N 149 
ILE O    O N N 150 
ILE CB   C N S 151 
ILE CG1  C N N 152 
ILE CG2  C N N 153 
ILE CD1  C N N 154 
ILE OXT  O N N 155 
ILE H    H N N 156 
ILE H2   H N N 157 
ILE HA   H N N 158 
ILE HB   H N N 159 
ILE HG12 H N N 160 
ILE HG13 H N N 161 
ILE HG21 H N N 162 
ILE HG22 H N N 163 
ILE HG23 H N N 164 
ILE HD11 H N N 165 
ILE HD12 H N N 166 
ILE HD13 H N N 167 
ILE HXT  H N N 168 
LEU N    N N N 169 
LEU CA   C N S 170 
LEU C    C N N 171 
LEU O    O N N 172 
LEU CB   C N N 173 
LEU CG   C N N 174 
LEU CD1  C N N 175 
LEU CD2  C N N 176 
LEU OXT  O N N 177 
LEU H    H N N 178 
LEU H2   H N N 179 
LEU HA   H N N 180 
LEU HB2  H N N 181 
LEU HB3  H N N 182 
LEU HG   H N N 183 
LEU HD11 H N N 184 
LEU HD12 H N N 185 
LEU HD13 H N N 186 
LEU HD21 H N N 187 
LEU HD22 H N N 188 
LEU HD23 H N N 189 
LEU HXT  H N N 190 
LYS N    N N N 191 
LYS CA   C N S 192 
LYS C    C N N 193 
LYS O    O N N 194 
LYS CB   C N N 195 
LYS CG   C N N 196 
LYS CD   C N N 197 
LYS CE   C N N 198 
LYS NZ   N N N 199 
LYS OXT  O N N 200 
LYS H    H N N 201 
LYS H2   H N N 202 
LYS HA   H N N 203 
LYS HB2  H N N 204 
LYS HB3  H N N 205 
LYS HG2  H N N 206 
LYS HG3  H N N 207 
LYS HD2  H N N 208 
LYS HD3  H N N 209 
LYS HE2  H N N 210 
LYS HE3  H N N 211 
LYS HZ1  H N N 212 
LYS HZ2  H N N 213 
LYS HZ3  H N N 214 
LYS HXT  H N N 215 
MET N    N N N 216 
MET CA   C N S 217 
MET C    C N N 218 
MET O    O N N 219 
MET CB   C N N 220 
MET CG   C N N 221 
MET SD   S N N 222 
MET CE   C N N 223 
MET OXT  O N N 224 
MET H    H N N 225 
MET H2   H N N 226 
MET HA   H N N 227 
MET HB2  H N N 228 
MET HB3  H N N 229 
MET HG2  H N N 230 
MET HG3  H N N 231 
MET HE1  H N N 232 
MET HE2  H N N 233 
MET HE3  H N N 234 
MET HXT  H N N 235 
PHE N    N N N 236 
PHE CA   C N S 237 
PHE C    C N N 238 
PHE O    O N N 239 
PHE CB   C N N 240 
PHE CG   C Y N 241 
PHE CD1  C Y N 242 
PHE CD2  C Y N 243 
PHE CE1  C Y N 244 
PHE CE2  C Y N 245 
PHE CZ   C Y N 246 
PHE OXT  O N N 247 
PHE H    H N N 248 
PHE H2   H N N 249 
PHE HA   H N N 250 
PHE HB2  H N N 251 
PHE HB3  H N N 252 
PHE HD1  H N N 253 
PHE HD2  H N N 254 
PHE HE1  H N N 255 
PHE HE2  H N N 256 
PHE HZ   H N N 257 
PHE HXT  H N N 258 
PRO N    N N N 259 
PRO CA   C N S 260 
PRO C    C N N 261 
PRO O    O N N 262 
PRO CB   C N N 263 
PRO CG   C N N 264 
PRO CD   C N N 265 
PRO OXT  O N N 266 
PRO H    H N N 267 
PRO HA   H N N 268 
PRO HB2  H N N 269 
PRO HB3  H N N 270 
PRO HG2  H N N 271 
PRO HG3  H N N 272 
PRO HD2  H N N 273 
PRO HD3  H N N 274 
PRO HXT  H N N 275 
SER N    N N N 276 
SER CA   C N S 277 
SER C    C N N 278 
SER O    O N N 279 
SER CB   C N N 280 
SER OG   O N N 281 
SER OXT  O N N 282 
SER H    H N N 283 
SER H2   H N N 284 
SER HA   H N N 285 
SER HB2  H N N 286 
SER HB3  H N N 287 
SER HG   H N N 288 
SER HXT  H N N 289 
T62 N18  N N N 290 
T62 C17  C Y N 291 
T62 N16  N Y N 292 
T62 N19  N Y N 293 
T62 C20  C Y N 294 
T62 C21  C Y N 295 
T62 C22  C Y N 296 
T62 C23  C Y N 297 
T62 C14  C Y N 298 
T62 C13  C Y N 299 
T62 C12  C Y N 300 
T62 N11  N Y N 301 
T62 N15  N Y N 302 
T62 C10  C Y N 303 
T62 C9   C N N 304 
T62 C8   C Y N 305 
T62 C3   C Y N 306 
T62 C7   C Y N 307 
T62 C5   C Y N 308 
T62 O6   O N N 309 
T62 C4   C Y N 310 
T62 C2   C Y N 311 
T62 O1   O N N 312 
T62 H18A H N N 313 
T62 H18B H N N 314 
T62 H22  H N N 315 
T62 H23  H N N 316 
T62 H14  H N N 317 
T62 H13  H N N 318 
T62 H91C H N N 319 
T62 H92C H N N 320 
T62 H3   H N N 321 
T62 H7   H N N 322 
T62 H6   H N N 323 
T62 H4   H N N 324 
T62 H1   H N N 325 
THR N    N N N 326 
THR CA   C N S 327 
THR C    C N N 328 
THR O    O N N 329 
THR CB   C N R 330 
THR OG1  O N N 331 
THR CG2  C N N 332 
THR OXT  O N N 333 
THR H    H N N 334 
THR H2   H N N 335 
THR HA   H N N 336 
THR HB   H N N 337 
THR HG1  H N N 338 
THR HG21 H N N 339 
THR HG22 H N N 340 
THR HG23 H N N 341 
THR HXT  H N N 342 
TRP N    N N N 343 
TRP CA   C N S 344 
TRP C    C N N 345 
TRP O    O N N 346 
TRP CB   C N N 347 
TRP CG   C Y N 348 
TRP CD1  C Y N 349 
TRP CD2  C Y N 350 
TRP NE1  N Y N 351 
TRP CE2  C Y N 352 
TRP CE3  C Y N 353 
TRP CZ2  C Y N 354 
TRP CZ3  C Y N 355 
TRP CH2  C Y N 356 
TRP OXT  O N N 357 
TRP H    H N N 358 
TRP H2   H N N 359 
TRP HA   H N N 360 
TRP HB2  H N N 361 
TRP HB3  H N N 362 
TRP HD1  H N N 363 
TRP HE1  H N N 364 
TRP HE3  H N N 365 
TRP HZ2  H N N 366 
TRP HZ3  H N N 367 
TRP HH2  H N N 368 
TRP HXT  H N N 369 
TYR N    N N N 370 
TYR CA   C N S 371 
TYR C    C N N 372 
TYR O    O N N 373 
TYR CB   C N N 374 
TYR CG   C Y N 375 
TYR CD1  C Y N 376 
TYR CD2  C Y N 377 
TYR CE1  C Y N 378 
TYR CE2  C Y N 379 
TYR CZ   C Y N 380 
TYR OH   O N N 381 
TYR OXT  O N N 382 
TYR H    H N N 383 
TYR H2   H N N 384 
TYR HA   H N N 385 
TYR HB2  H N N 386 
TYR HB3  H N N 387 
TYR HD1  H N N 388 
TYR HD2  H N N 389 
TYR HE1  H N N 390 
TYR HE2  H N N 391 
TYR HH   H N N 392 
TYR HXT  H N N 393 
VAL N    N N N 394 
VAL CA   C N S 395 
VAL C    C N N 396 
VAL O    O N N 397 
VAL CB   C N N 398 
VAL CG1  C N N 399 
VAL CG2  C N N 400 
VAL OXT  O N N 401 
VAL H    H N N 402 
VAL H2   H N N 403 
VAL HA   H N N 404 
VAL HB   H N N 405 
VAL HG11 H N N 406 
VAL HG12 H N N 407 
VAL HG13 H N N 408 
VAL HG21 H N N 409 
VAL HG22 H N N 410 
VAL HG23 H N N 411 
VAL HXT  H N N 412 
# 
loop_
_chem_comp_bond.comp_id 
_chem_comp_bond.atom_id_1 
_chem_comp_bond.atom_id_2 
_chem_comp_bond.value_order 
_chem_comp_bond.pdbx_aromatic_flag 
_chem_comp_bond.pdbx_stereo_config 
_chem_comp_bond.pdbx_ordinal 
ALA N   CA   sing N N 1   
ALA N   H    sing N N 2   
ALA N   H2   sing N N 3   
ALA CA  C    sing N N 4   
ALA CA  CB   sing N N 5   
ALA CA  HA   sing N N 6   
ALA C   O    doub N N 7   
ALA C   OXT  sing N N 8   
ALA CB  HB1  sing N N 9   
ALA CB  HB2  sing N N 10  
ALA CB  HB3  sing N N 11  
ALA OXT HXT  sing N N 12  
ARG N   CA   sing N N 13  
ARG N   H    sing N N 14  
ARG N   H2   sing N N 15  
ARG CA  C    sing N N 16  
ARG CA  CB   sing N N 17  
ARG CA  HA   sing N N 18  
ARG C   O    doub N N 19  
ARG C   OXT  sing N N 20  
ARG CB  CG   sing N N 21  
ARG CB  HB2  sing N N 22  
ARG CB  HB3  sing N N 23  
ARG CG  CD   sing N N 24  
ARG CG  HG2  sing N N 25  
ARG CG  HG3  sing N N 26  
ARG CD  NE   sing N N 27  
ARG CD  HD2  sing N N 28  
ARG CD  HD3  sing N N 29  
ARG NE  CZ   sing N N 30  
ARG NE  HE   sing N N 31  
ARG CZ  NH1  sing N N 32  
ARG CZ  NH2  doub N N 33  
ARG NH1 HH11 sing N N 34  
ARG NH1 HH12 sing N N 35  
ARG NH2 HH21 sing N N 36  
ARG NH2 HH22 sing N N 37  
ARG OXT HXT  sing N N 38  
ASN N   CA   sing N N 39  
ASN N   H    sing N N 40  
ASN N   H2   sing N N 41  
ASN CA  C    sing N N 42  
ASN CA  CB   sing N N 43  
ASN CA  HA   sing N N 44  
ASN C   O    doub N N 45  
ASN C   OXT  sing N N 46  
ASN CB  CG   sing N N 47  
ASN CB  HB2  sing N N 48  
ASN CB  HB3  sing N N 49  
ASN CG  OD1  doub N N 50  
ASN CG  ND2  sing N N 51  
ASN ND2 HD21 sing N N 52  
ASN ND2 HD22 sing N N 53  
ASN OXT HXT  sing N N 54  
ASP N   CA   sing N N 55  
ASP N   H    sing N N 56  
ASP N   H2   sing N N 57  
ASP CA  C    sing N N 58  
ASP CA  CB   sing N N 59  
ASP CA  HA   sing N N 60  
ASP C   O    doub N N 61  
ASP C   OXT  sing N N 62  
ASP CB  CG   sing N N 63  
ASP CB  HB2  sing N N 64  
ASP CB  HB3  sing N N 65  
ASP CG  OD1  doub N N 66  
ASP CG  OD2  sing N N 67  
ASP OD2 HD2  sing N N 68  
ASP OXT HXT  sing N N 69  
GLN N   CA   sing N N 70  
GLN N   H    sing N N 71  
GLN N   H2   sing N N 72  
GLN CA  C    sing N N 73  
GLN CA  CB   sing N N 74  
GLN CA  HA   sing N N 75  
GLN C   O    doub N N 76  
GLN C   OXT  sing N N 77  
GLN CB  CG   sing N N 78  
GLN CB  HB2  sing N N 79  
GLN CB  HB3  sing N N 80  
GLN CG  CD   sing N N 81  
GLN CG  HG2  sing N N 82  
GLN CG  HG3  sing N N 83  
GLN CD  OE1  doub N N 84  
GLN CD  NE2  sing N N 85  
GLN NE2 HE21 sing N N 86  
GLN NE2 HE22 sing N N 87  
GLN OXT HXT  sing N N 88  
GLU N   CA   sing N N 89  
GLU N   H    sing N N 90  
GLU N   H2   sing N N 91  
GLU CA  C    sing N N 92  
GLU CA  CB   sing N N 93  
GLU CA  HA   sing N N 94  
GLU C   O    doub N N 95  
GLU C   OXT  sing N N 96  
GLU CB  CG   sing N N 97  
GLU CB  HB2  sing N N 98  
GLU CB  HB3  sing N N 99  
GLU CG  CD   sing N N 100 
GLU CG  HG2  sing N N 101 
GLU CG  HG3  sing N N 102 
GLU CD  OE1  doub N N 103 
GLU CD  OE2  sing N N 104 
GLU OE2 HE2  sing N N 105 
GLU OXT HXT  sing N N 106 
GLY N   CA   sing N N 107 
GLY N   H    sing N N 108 
GLY N   H2   sing N N 109 
GLY CA  C    sing N N 110 
GLY CA  HA2  sing N N 111 
GLY CA  HA3  sing N N 112 
GLY C   O    doub N N 113 
GLY C   OXT  sing N N 114 
GLY OXT HXT  sing N N 115 
HIS N   CA   sing N N 116 
HIS N   H    sing N N 117 
HIS N   H2   sing N N 118 
HIS CA  C    sing N N 119 
HIS CA  CB   sing N N 120 
HIS CA  HA   sing N N 121 
HIS C   O    doub N N 122 
HIS C   OXT  sing N N 123 
HIS CB  CG   sing N N 124 
HIS CB  HB2  sing N N 125 
HIS CB  HB3  sing N N 126 
HIS CG  ND1  sing Y N 127 
HIS CG  CD2  doub Y N 128 
HIS ND1 CE1  doub Y N 129 
HIS ND1 HD1  sing N N 130 
HIS CD2 NE2  sing Y N 131 
HIS CD2 HD2  sing N N 132 
HIS CE1 NE2  sing Y N 133 
HIS CE1 HE1  sing N N 134 
HIS NE2 HE2  sing N N 135 
HIS OXT HXT  sing N N 136 
HOH O   H1   sing N N 137 
HOH O   H2   sing N N 138 
ILE N   CA   sing N N 139 
ILE N   H    sing N N 140 
ILE N   H2   sing N N 141 
ILE CA  C    sing N N 142 
ILE CA  CB   sing N N 143 
ILE CA  HA   sing N N 144 
ILE C   O    doub N N 145 
ILE C   OXT  sing N N 146 
ILE CB  CG1  sing N N 147 
ILE CB  CG2  sing N N 148 
ILE CB  HB   sing N N 149 
ILE CG1 CD1  sing N N 150 
ILE CG1 HG12 sing N N 151 
ILE CG1 HG13 sing N N 152 
ILE CG2 HG21 sing N N 153 
ILE CG2 HG22 sing N N 154 
ILE CG2 HG23 sing N N 155 
ILE CD1 HD11 sing N N 156 
ILE CD1 HD12 sing N N 157 
ILE CD1 HD13 sing N N 158 
ILE OXT HXT  sing N N 159 
LEU N   CA   sing N N 160 
LEU N   H    sing N N 161 
LEU N   H2   sing N N 162 
LEU CA  C    sing N N 163 
LEU CA  CB   sing N N 164 
LEU CA  HA   sing N N 165 
LEU C   O    doub N N 166 
LEU C   OXT  sing N N 167 
LEU CB  CG   sing N N 168 
LEU CB  HB2  sing N N 169 
LEU CB  HB3  sing N N 170 
LEU CG  CD1  sing N N 171 
LEU CG  CD2  sing N N 172 
LEU CG  HG   sing N N 173 
LEU CD1 HD11 sing N N 174 
LEU CD1 HD12 sing N N 175 
LEU CD1 HD13 sing N N 176 
LEU CD2 HD21 sing N N 177 
LEU CD2 HD22 sing N N 178 
LEU CD2 HD23 sing N N 179 
LEU OXT HXT  sing N N 180 
LYS N   CA   sing N N 181 
LYS N   H    sing N N 182 
LYS N   H2   sing N N 183 
LYS CA  C    sing N N 184 
LYS CA  CB   sing N N 185 
LYS CA  HA   sing N N 186 
LYS C   O    doub N N 187 
LYS C   OXT  sing N N 188 
LYS CB  CG   sing N N 189 
LYS CB  HB2  sing N N 190 
LYS CB  HB3  sing N N 191 
LYS CG  CD   sing N N 192 
LYS CG  HG2  sing N N 193 
LYS CG  HG3  sing N N 194 
LYS CD  CE   sing N N 195 
LYS CD  HD2  sing N N 196 
LYS CD  HD3  sing N N 197 
LYS CE  NZ   sing N N 198 
LYS CE  HE2  sing N N 199 
LYS CE  HE3  sing N N 200 
LYS NZ  HZ1  sing N N 201 
LYS NZ  HZ2  sing N N 202 
LYS NZ  HZ3  sing N N 203 
LYS OXT HXT  sing N N 204 
MET N   CA   sing N N 205 
MET N   H    sing N N 206 
MET N   H2   sing N N 207 
MET CA  C    sing N N 208 
MET CA  CB   sing N N 209 
MET CA  HA   sing N N 210 
MET C   O    doub N N 211 
MET C   OXT  sing N N 212 
MET CB  CG   sing N N 213 
MET CB  HB2  sing N N 214 
MET CB  HB3  sing N N 215 
MET CG  SD   sing N N 216 
MET CG  HG2  sing N N 217 
MET CG  HG3  sing N N 218 
MET SD  CE   sing N N 219 
MET CE  HE1  sing N N 220 
MET CE  HE2  sing N N 221 
MET CE  HE3  sing N N 222 
MET OXT HXT  sing N N 223 
PHE N   CA   sing N N 224 
PHE N   H    sing N N 225 
PHE N   H2   sing N N 226 
PHE CA  C    sing N N 227 
PHE CA  CB   sing N N 228 
PHE CA  HA   sing N N 229 
PHE C   O    doub N N 230 
PHE C   OXT  sing N N 231 
PHE CB  CG   sing N N 232 
PHE CB  HB2  sing N N 233 
PHE CB  HB3  sing N N 234 
PHE CG  CD1  doub Y N 235 
PHE CG  CD2  sing Y N 236 
PHE CD1 CE1  sing Y N 237 
PHE CD1 HD1  sing N N 238 
PHE CD2 CE2  doub Y N 239 
PHE CD2 HD2  sing N N 240 
PHE CE1 CZ   doub Y N 241 
PHE CE1 HE1  sing N N 242 
PHE CE2 CZ   sing Y N 243 
PHE CE2 HE2  sing N N 244 
PHE CZ  HZ   sing N N 245 
PHE OXT HXT  sing N N 246 
PRO N   CA   sing N N 247 
PRO N   CD   sing N N 248 
PRO N   H    sing N N 249 
PRO CA  C    sing N N 250 
PRO CA  CB   sing N N 251 
PRO CA  HA   sing N N 252 
PRO C   O    doub N N 253 
PRO C   OXT  sing N N 254 
PRO CB  CG   sing N N 255 
PRO CB  HB2  sing N N 256 
PRO CB  HB3  sing N N 257 
PRO CG  CD   sing N N 258 
PRO CG  HG2  sing N N 259 
PRO CG  HG3  sing N N 260 
PRO CD  HD2  sing N N 261 
PRO CD  HD3  sing N N 262 
PRO OXT HXT  sing N N 263 
SER N   CA   sing N N 264 
SER N   H    sing N N 265 
SER N   H2   sing N N 266 
SER CA  C    sing N N 267 
SER CA  CB   sing N N 268 
SER CA  HA   sing N N 269 
SER C   O    doub N N 270 
SER C   OXT  sing N N 271 
SER CB  OG   sing N N 272 
SER CB  HB2  sing N N 273 
SER CB  HB3  sing N N 274 
SER OG  HG   sing N N 275 
SER OXT HXT  sing N N 276 
T62 N18 C17  sing N N 277 
T62 C17 N16  doub Y N 278 
T62 C17 N19  sing Y N 279 
T62 N16 N15  sing Y N 280 
T62 N19 C20  doub Y N 281 
T62 C20 C21  sing Y N 282 
T62 C20 N15  sing Y N 283 
T62 C21 C22  sing Y N 284 
T62 C21 C12  doub Y N 285 
T62 C22 C23  doub Y N 286 
T62 C23 C14  sing Y N 287 
T62 C14 C13  doub Y N 288 
T62 C13 C12  sing Y N 289 
T62 C12 N11  sing Y N 290 
T62 N11 C10  doub Y N 291 
T62 N15 C10  sing Y N 292 
T62 C10 C9   sing N N 293 
T62 C9  C8   sing N N 294 
T62 C8  C3   sing Y N 295 
T62 C8  C7   doub Y N 296 
T62 C3  C2   doub Y N 297 
T62 C7  C5   sing Y N 298 
T62 C5  O6   sing N N 299 
T62 C5  C4   doub Y N 300 
T62 C4  C2   sing Y N 301 
T62 C2  O1   sing N N 302 
T62 N18 H18A sing N N 303 
T62 N18 H18B sing N N 304 
T62 C22 H22  sing N N 305 
T62 C23 H23  sing N N 306 
T62 C14 H14  sing N N 307 
T62 C13 H13  sing N N 308 
T62 C9  H91C sing N N 309 
T62 C9  H92C sing N N 310 
T62 C3  H3   sing N N 311 
T62 C7  H7   sing N N 312 
T62 O6  H6   sing N N 313 
T62 C4  H4   sing N N 314 
T62 O1  H1   sing N N 315 
THR N   CA   sing N N 316 
THR N   H    sing N N 317 
THR N   H2   sing N N 318 
THR CA  C    sing N N 319 
THR CA  CB   sing N N 320 
THR CA  HA   sing N N 321 
THR C   O    doub N N 322 
THR C   OXT  sing N N 323 
THR CB  OG1  sing N N 324 
THR CB  CG2  sing N N 325 
THR CB  HB   sing N N 326 
THR OG1 HG1  sing N N 327 
THR CG2 HG21 sing N N 328 
THR CG2 HG22 sing N N 329 
THR CG2 HG23 sing N N 330 
THR OXT HXT  sing N N 331 
TRP N   CA   sing N N 332 
TRP N   H    sing N N 333 
TRP N   H2   sing N N 334 
TRP CA  C    sing N N 335 
TRP CA  CB   sing N N 336 
TRP CA  HA   sing N N 337 
TRP C   O    doub N N 338 
TRP C   OXT  sing N N 339 
TRP CB  CG   sing N N 340 
TRP CB  HB2  sing N N 341 
TRP CB  HB3  sing N N 342 
TRP CG  CD1  doub Y N 343 
TRP CG  CD2  sing Y N 344 
TRP CD1 NE1  sing Y N 345 
TRP CD1 HD1  sing N N 346 
TRP CD2 CE2  doub Y N 347 
TRP CD2 CE3  sing Y N 348 
TRP NE1 CE2  sing Y N 349 
TRP NE1 HE1  sing N N 350 
TRP CE2 CZ2  sing Y N 351 
TRP CE3 CZ3  doub Y N 352 
TRP CE3 HE3  sing N N 353 
TRP CZ2 CH2  doub Y N 354 
TRP CZ2 HZ2  sing N N 355 
TRP CZ3 CH2  sing Y N 356 
TRP CZ3 HZ3  sing N N 357 
TRP CH2 HH2  sing N N 358 
TRP OXT HXT  sing N N 359 
TYR N   CA   sing N N 360 
TYR N   H    sing N N 361 
TYR N   H2   sing N N 362 
TYR CA  C    sing N N 363 
TYR CA  CB   sing N N 364 
TYR CA  HA   sing N N 365 
TYR C   O    doub N N 366 
TYR C   OXT  sing N N 367 
TYR CB  CG   sing N N 368 
TYR CB  HB2  sing N N 369 
TYR CB  HB3  sing N N 370 
TYR CG  CD1  doub Y N 371 
TYR CG  CD2  sing Y N 372 
TYR CD1 CE1  sing Y N 373 
TYR CD1 HD1  sing N N 374 
TYR CD2 CE2  doub Y N 375 
TYR CD2 HD2  sing N N 376 
TYR CE1 CZ   doub Y N 377 
TYR CE1 HE1  sing N N 378 
TYR CE2 CZ   sing Y N 379 
TYR CE2 HE2  sing N N 380 
TYR CZ  OH   sing N N 381 
TYR OH  HH   sing N N 382 
TYR OXT HXT  sing N N 383 
VAL N   CA   sing N N 384 
VAL N   H    sing N N 385 
VAL N   H2   sing N N 386 
VAL CA  C    sing N N 387 
VAL CA  CB   sing N N 388 
VAL CA  HA   sing N N 389 
VAL C   O    doub N N 390 
VAL C   OXT  sing N N 391 
VAL CB  CG1  sing N N 392 
VAL CB  CG2  sing N N 393 
VAL CB  HB   sing N N 394 
VAL CG1 HG11 sing N N 395 
VAL CG1 HG12 sing N N 396 
VAL CG1 HG13 sing N N 397 
VAL CG2 HG21 sing N N 398 
VAL CG2 HG22 sing N N 399 
VAL CG2 HG23 sing N N 400 
VAL OXT HXT  sing N N 401 
# 
_atom_sites.entry_id                    4CWO 
_atom_sites.fract_transf_matrix[1][1]   -0.00636248 
_atom_sites.fract_transf_matrix[1][2]   0.00134933 
_atom_sites.fract_transf_matrix[1][3]   0.01319291 
_atom_sites.fract_transf_matrix[2][1]   -0.00531554 
_atom_sites.fract_transf_matrix[2][2]   0.00882304 
_atom_sites.fract_transf_matrix[2][3]   -0.00346590 
_atom_sites.fract_transf_matrix[3][1]   -0.00755217 
_atom_sites.fract_transf_matrix[3][2]   -0.00574961 
_atom_sites.fract_transf_matrix[3][3]   -0.00305410 
_atom_sites.fract_transf_vector[1]      0.008564 
_atom_sites.fract_transf_vector[2]      0.160894 
_atom_sites.fract_transf_vector[3]      0.210481 
# 
loop_
_atom_type.symbol 
C 
N 
O 
S 
# 
loop_
_atom_site.group_PDB 
_atom_site.id 
_atom_site.type_symbol 
_atom_site.label_atom_id 
_atom_site.label_alt_id 
_atom_site.label_comp_id 
_atom_site.label_asym_id 
_atom_site.label_entity_id 
_atom_site.label_seq_id 
_atom_site.pdbx_PDB_ins_code 
_atom_site.Cartn_x 
_atom_site.Cartn_y 
_atom_site.Cartn_z 
_atom_site.occupancy 
_atom_site.B_iso_or_equiv 
_atom_site.pdbx_formal_charge 
_atom_site.auth_seq_id 
_atom_site.auth_comp_id 
_atom_site.auth_asym_id 
_atom_site.auth_atom_id 
_atom_site.pdbx_PDB_model_num 
ATOM   1    N N   . GLU A 1 10  ? -23.204 1.279   -4.800  1.00 65.23  ? 16   GLU A N   1 
ATOM   2    C CA  . GLU A 1 10  ? -23.518 1.197   -3.344  1.00 69.74  ? 16   GLU A CA  1 
ATOM   3    C C   . GLU A 1 10  ? -22.223 1.272   -2.514  1.00 65.60  ? 16   GLU A C   1 
ATOM   4    O O   . GLU A 1 10  ? -21.518 0.271   -2.351  1.00 69.58  ? 16   GLU A O   1 
ATOM   5    C CB  . GLU A 1 10  ? -24.298 -0.092  -3.044  1.00 71.64  ? 16   GLU A CB  1 
ATOM   6    C CG  . GLU A 1 10  ? -24.790 -0.240  -1.607  1.00 70.58  ? 16   GLU A CG  1 
ATOM   7    C CD  . GLU A 1 10  ? -24.799 -1.698  -1.147  1.00 76.62  ? 16   GLU A CD  1 
ATOM   8    O OE1 . GLU A 1 10  ? -23.706 -2.277  -0.932  1.00 73.37  ? 16   GLU A OE1 1 
ATOM   9    O OE2 . GLU A 1 10  ? -25.897 -2.288  -1.012  1.00 73.88  ? 16   GLU A OE2 1 
ATOM   10   N N   . VAL A 1 11  ? -21.923 2.466   -2.002  1.00 57.67  ? 17   VAL A N   1 
ATOM   11   C CA  . VAL A 1 11  ? -20.724 2.705   -1.191  1.00 50.98  ? 17   VAL A CA  1 
ATOM   12   C C   . VAL A 1 11  ? -20.961 2.419   0.302   1.00 47.31  ? 17   VAL A C   1 
ATOM   13   O O   . VAL A 1 11  ? -21.770 3.100   0.940   1.00 46.07  ? 17   VAL A O   1 
ATOM   14   C CB  . VAL A 1 11  ? -20.229 4.152   -1.359  1.00 52.69  ? 17   VAL A CB  1 
ATOM   15   C CG1 . VAL A 1 11  ? -18.952 4.387   -0.554  1.00 50.50  ? 17   VAL A CG1 1 
ATOM   16   C CG2 . VAL A 1 11  ? -20.017 4.478   -2.839  1.00 53.93  ? 17   VAL A CG2 1 
ATOM   17   N N   . GLU A 1 12  ? -20.261 1.420   0.850   1.00 40.75  ? 18   GLU A N   1 
ATOM   18   C CA  . GLU A 1 12  ? -20.378 1.079   2.267   1.00 36.40  ? 18   GLU A CA  1 
ATOM   19   C C   . GLU A 1 12  ? -19.279 1.760   3.107   1.00 34.81  ? 18   GLU A C   1 
ATOM   20   O O   . GLU A 1 12  ? -18.116 1.817   2.688   1.00 32.79  ? 18   GLU A O   1 
ATOM   21   C CB  . GLU A 1 12  ? -20.315 -0.439  2.458   1.00 37.65  ? 18   GLU A CB  1 
ATOM   22   C CG  . GLU A 1 12  ? -21.489 -1.242  1.906   1.00 41.23  ? 18   GLU A CG  1 
ATOM   23   C CD  . GLU A 1 12  ? -21.310 -2.750  2.094   1.00 45.80  ? 18   GLU A CD  1 
ATOM   24   O OE1 . GLU A 1 12  ? -20.257 -3.304  1.703   1.00 48.35  ? 18   GLU A OE1 1 
ATOM   25   O OE2 . GLU A 1 12  ? -22.224 -3.397  2.647   1.00 50.90  ? 18   GLU A OE2 1 
ATOM   26   N N   . THR A 1 13  ? -19.645 2.239   4.302   1.00 30.31  ? 19   THR A N   1 
ATOM   27   C CA  . THR A 1 13  ? -18.734 2.938   5.210   1.00 28.10  ? 19   THR A CA  1 
ATOM   28   C C   . THR A 1 13  ? -18.516 2.132   6.489   1.00 28.66  ? 19   THR A C   1 
ATOM   29   O O   . THR A 1 13  ? -19.470 1.681   7.114   1.00 27.14  ? 19   THR A O   1 
ATOM   30   C CB  . THR A 1 13  ? -19.253 4.361   5.544   1.00 28.53  ? 19   THR A CB  1 
ATOM   31   O OG1 . THR A 1 13  ? -19.326 5.141   4.342   1.00 27.84  ? 19   THR A OG1 1 
ATOM   32   C CG2 . THR A 1 13  ? -18.327 5.078   6.507   1.00 26.57  ? 19   THR A CG2 1 
ATOM   33   N N   . PHE A 1 14  ? -17.253 1.949   6.873   1.00 28.61  ? 20   PHE A N   1 
ATOM   34   C CA  . PHE A 1 14  ? -16.916 1.104   8.022   1.00 28.50  ? 20   PHE A CA  1 
ATOM   35   C C   . PHE A 1 14  ? -16.010 1.832   9.012   1.00 27.56  ? 20   PHE A C   1 
ATOM   36   O O   . PHE A 1 14  ? -15.182 2.633   8.603   1.00 25.83  ? 20   PHE A O   1 
ATOM   37   C CB  . PHE A 1 14  ? -16.165 -0.150  7.547   1.00 28.86  ? 20   PHE A CB  1 
ATOM   38   C CG  . PHE A 1 14  ? -16.937 -1.009  6.590   1.00 28.43  ? 20   PHE A CG  1 
ATOM   39   C CD1 . PHE A 1 14  ? -17.743 -2.041  7.058   1.00 27.56  ? 20   PHE A CD1 1 
ATOM   40   C CD2 . PHE A 1 14  ? -16.832 -0.807  5.218   1.00 28.19  ? 20   PHE A CD2 1 
ATOM   41   C CE1 . PHE A 1 14  ? -18.455 -2.845  6.169   1.00 28.20  ? 20   PHE A CE1 1 
ATOM   42   C CE2 . PHE A 1 14  ? -17.539 -1.612  4.325   1.00 28.20  ? 20   PHE A CE2 1 
ATOM   43   C CZ  . PHE A 1 14  ? -18.345 -2.630  4.803   1.00 27.58  ? 20   PHE A CZ  1 
ATOM   44   N N   . ALA A 1 15  ? -16.154 1.530   10.301  1.00 26.73  ? 21   ALA A N   1 
ATOM   45   C CA  . ALA A 1 15  ? -15.212 2.007   11.325  1.00 27.97  ? 21   ALA A CA  1 
ATOM   46   C C   . ALA A 1 15  ? -13.974 1.108   11.383  1.00 29.13  ? 21   ALA A C   1 
ATOM   47   O O   . ALA A 1 15  ? -14.090 -0.125  11.337  1.00 29.14  ? 21   ALA A O   1 
ATOM   48   C CB  . ALA A 1 15  ? -15.885 2.061   12.706  1.00 25.97  ? 21   ALA A CB  1 
ATOM   49   N N   . PHE A 1 16  ? -12.791 1.717   11.473  1.00 29.63  ? 22   PHE A N   1 
ATOM   50   C CA  . PHE A 1 16  ? -11.574 0.955   11.751  1.00 32.37  ? 22   PHE A CA  1 
ATOM   51   C C   . PHE A 1 16  ? -11.708 0.367   13.145  1.00 35.20  ? 22   PHE A C   1 
ATOM   52   O O   . PHE A 1 16  ? -12.344 0.972   14.009  1.00 36.90  ? 22   PHE A O   1 
ATOM   53   C CB  . PHE A 1 16  ? -10.332 1.866   11.743  1.00 30.50  ? 22   PHE A CB  1 
ATOM   54   C CG  . PHE A 1 16  ? -9.821  2.207   10.372  1.00 28.51  ? 22   PHE A CG  1 
ATOM   55   C CD1 . PHE A 1 16  ? -9.291  1.216   9.541   1.00 27.70  ? 22   PHE A CD1 1 
ATOM   56   C CD2 . PHE A 1 16  ? -9.847  3.518   9.919   1.00 27.10  ? 22   PHE A CD2 1 
ATOM   57   C CE1 . PHE A 1 16  ? -8.807  1.531   8.276   1.00 26.67  ? 22   PHE A CE1 1 
ATOM   58   C CE2 . PHE A 1 16  ? -9.373  3.844   8.650   1.00 27.70  ? 22   PHE A CE2 1 
ATOM   59   C CZ  . PHE A 1 16  ? -8.844  2.854   7.830   1.00 27.88  ? 22   PHE A CZ  1 
ATOM   60   N N   . GLN A 1 17  ? -11.116 -0.803  13.371  1.00 40.39  ? 23   GLN A N   1 
ATOM   61   C CA  . GLN A 1 17  ? -10.871 -1.283  14.733  1.00 42.45  ? 23   GLN A CA  1 
ATOM   62   C C   . GLN A 1 17  ? -10.048 -0.267  15.510  1.00 42.55  ? 23   GLN A C   1 
ATOM   63   O O   . GLN A 1 17  ? -9.149  0.376   14.952  1.00 41.84  ? 23   GLN A O   1 
ATOM   64   C CB  . GLN A 1 17  ? -10.119 -2.602  14.710  1.00 48.98  ? 23   GLN A CB  1 
ATOM   65   C CG  . GLN A 1 17  ? -11.019 -3.813  14.830  1.00 58.06  ? 23   GLN A CG  1 
ATOM   66   C CD  . GLN A 1 17  ? -10.457 -4.981  14.066  1.00 65.83  ? 23   GLN A CD  1 
ATOM   67   O OE1 . GLN A 1 17  ? -9.528  -4.817  13.264  1.00 72.55  ? 23   GLN A OE1 1 
ATOM   68   N NE2 . GLN A 1 17  ? -11.011 -6.168  14.294  1.00 66.36  ? 23   GLN A NE2 1 
ATOM   69   N N   . ALA A 1 18  ? -10.351 -0.142  16.800  1.00 43.13  ? 24   ALA A N   1 
ATOM   70   C CA  . ALA A 1 18  ? -9.771  0.889   17.664  1.00 44.11  ? 24   ALA A CA  1 
ATOM   71   C C   . ALA A 1 18  ? -8.240  1.017   17.554  1.00 42.37  ? 24   ALA A C   1 
ATOM   72   O O   . ALA A 1 18  ? -7.705  2.133   17.523  1.00 44.28  ? 24   ALA A O   1 
ATOM   73   C CB  . ALA A 1 18  ? -10.206 0.670   19.125  1.00 43.82  ? 24   ALA A CB  1 
ATOM   74   N N   . GLU A 1 19  ? -7.548  -0.114  17.476  1.00 37.97  ? 25   GLU A N   1 
ATOM   75   C CA  . GLU A 1 19  ? -6.084  -0.124  17.514  1.00 40.12  ? 25   GLU A CA  1 
ATOM   76   C C   . GLU A 1 19  ? -5.477  0.458   16.250  1.00 36.39  ? 25   GLU A C   1 
ATOM   77   O O   . GLU A 1 19  ? -4.454  1.141   16.312  1.00 35.70  ? 25   GLU A O   1 
ATOM   78   C CB  . GLU A 1 19  ? -5.541  -1.536  17.744  1.00 44.55  ? 25   GLU A CB  1 
ATOM   79   C CG  . GLU A 1 19  ? -5.890  -2.111  19.108  1.00 52.05  ? 25   GLU A CG  1 
ATOM   80   C CD  . GLU A 1 19  ? -7.165  -2.946  19.103  1.00 58.32  ? 25   GLU A CD  1 
ATOM   81   O OE1 . GLU A 1 19  ? -7.815  -3.082  18.034  1.00 59.14  ? 25   GLU A OE1 1 
ATOM   82   O OE2 . GLU A 1 19  ? -7.512  -3.477  20.180  1.00 60.65  ? 25   GLU A OE2 1 
ATOM   83   N N   . ILE A 1 20  ? -6.123  0.195   15.119  1.00 34.22  ? 26   ILE A N   1 
ATOM   84   C CA  . ILE A 1 20  ? -5.707  0.739   13.820  1.00 32.89  ? 26   ILE A CA  1 
ATOM   85   C C   . ILE A 1 20  ? -5.937  2.260   13.756  1.00 31.38  ? 26   ILE A C   1 
ATOM   86   O O   . ILE A 1 20  ? -5.048  2.991   13.347  1.00 30.44  ? 26   ILE A O   1 
ATOM   87   C CB  . ILE A 1 20  ? -6.431  0.028   12.664  1.00 33.84  ? 26   ILE A CB  1 
ATOM   88   C CG1 . ILE A 1 20  ? -6.350  -1.512  12.800  1.00 36.70  ? 26   ILE A CG1 1 
ATOM   89   C CG2 . ILE A 1 20  ? -5.924  0.536   11.326  1.00 33.11  ? 26   ILE A CG2 1 
ATOM   90   C CD1 . ILE A 1 20  ? -4.947  -2.088  12.921  1.00 38.73  ? 26   ILE A CD1 1 
ATOM   91   N N   . ALA A 1 21  ? -7.103  2.735   14.205  1.00 31.00  ? 27   ALA A N   1 
ATOM   92   C CA  . ALA A 1 21  ? -7.358  4.186   14.357  1.00 31.50  ? 27   ALA A CA  1 
ATOM   93   C C   . ALA A 1 21  ? -6.282  4.863   15.201  1.00 29.59  ? 27   ALA A C   1 
ATOM   94   O O   . ALA A 1 21  ? -5.720  5.884   14.803  1.00 29.52  ? 27   ALA A O   1 
ATOM   95   C CB  . ALA A 1 21  ? -8.755  4.454   14.950  1.00 31.42  ? 27   ALA A CB  1 
ATOM   96   N N   . GLN A 1 22  ? -5.985  4.280   16.358  1.00 32.98  ? 28   GLN A N   1 
ATOM   97   C CA  . GLN A 1 22  ? -4.864  4.728   17.205  1.00 34.03  ? 28   GLN A CA  1 
ATOM   98   C C   . GLN A 1 22  ? -3.525  4.782   16.470  1.00 31.02  ? 28   GLN A C   1 
ATOM   99   O O   . GLN A 1 22  ? -2.791  5.755   16.589  1.00 32.45  ? 28   GLN A O   1 
ATOM   100  C CB  . GLN A 1 22  ? -4.710  3.803   18.418  1.00 41.01  ? 28   GLN A CB  1 
ATOM   101  C CG  . GLN A 1 22  ? -5.725  3.988   19.539  1.00 48.37  ? 28   GLN A CG  1 
ATOM   102  C CD  . GLN A 1 22  ? -5.629  2.877   20.586  1.00 53.15  ? 28   GLN A CD  1 
ATOM   103  O OE1 . GLN A 1 22  ? -6.602  2.159   20.845  1.00 55.02  ? 28   GLN A OE1 1 
ATOM   104  N NE2 . GLN A 1 22  ? -4.443  2.715   21.171  1.00 54.22  ? 28   GLN A NE2 1 
ATOM   105  N N   . LEU A 1 23  ? -3.189  3.731   15.727  1.00 30.29  ? 29   LEU A N   1 
ATOM   106  C CA  . LEU A 1 23  ? -1.927  3.710   14.970  1.00 28.98  ? 29   LEU A CA  1 
ATOM   107  C C   . LEU A 1 23  ? -1.891  4.831   13.926  1.00 28.14  ? 29   LEU A C   1 
ATOM   108  O O   . LEU A 1 23  ? -0.885  5.527   13.782  1.00 27.71  ? 29   LEU A O   1 
ATOM   109  C CB  . LEU A 1 23  ? -1.703  2.347   14.294  1.00 29.65  ? 29   LEU A CB  1 
ATOM   110  C CG  . LEU A 1 23  ? -0.455  2.217   13.380  1.00 30.89  ? 29   LEU A CG  1 
ATOM   111  C CD1 . LEU A 1 23  ? 0.836   2.342   14.186  1.00 30.53  ? 29   LEU A CD1 1 
ATOM   112  C CD2 . LEU A 1 23  ? -0.446  0.906   12.608  1.00 27.82  ? 29   LEU A CD2 1 
ATOM   113  N N   . MET A 1 24  ? -2.995  5.007   13.207  1.00 28.22  ? 30   MET A N   1 
ATOM   114  C CA  . MET A 1 24  ? -3.073  6.030   12.168  1.00 29.02  ? 30   MET A CA  1 
ATOM   115  C C   . MET A 1 24  ? -2.856  7.430   12.739  1.00 30.42  ? 30   MET A C   1 
ATOM   116  O O   . MET A 1 24  ? -2.125  8.221   12.148  1.00 29.79  ? 30   MET A O   1 
ATOM   117  C CB  . MET A 1 24  ? -4.392  5.917   11.389  1.00 28.18  ? 30   MET A CB  1 
ATOM   118  C CG  . MET A 1 24  ? -4.428  4.671   10.525  1.00 26.50  ? 30   MET A CG  1 
ATOM   119  S SD  . MET A 1 24  ? -6.037  4.309   9.813   1.00 27.69  ? 30   MET A SD  1 
ATOM   120  C CE  . MET A 1 24  ? -6.067  5.301   8.326   1.00 24.88  ? 30   MET A CE  1 
ATOM   121  N N   . SER A 1 25  ? -3.449  7.718   13.902  1.00 32.67  ? 31   SER A N   1 
ATOM   122  C CA  . SER A 1 25  ? -3.256  9.018   14.575  1.00 33.32  ? 31   SER A CA  1 
ATOM   123  C C   . SER A 1 25  ? -1.803  9.224   14.994  1.00 34.45  ? 31   SER A C   1 
ATOM   124  O O   . SER A 1 25  ? -1.244  10.300  14.781  1.00 36.38  ? 31   SER A O   1 
ATOM   125  C CB  . SER A 1 25  ? -4.149  9.138   15.813  1.00 33.86  ? 31   SER A CB  1 
ATOM   126  O OG  . SER A 1 25  ? -5.510  9.258   15.450  1.00 36.38  ? 31   SER A OG  1 
ATOM   127  N N   . LEU A 1 26  ? -1.192  8.204   15.595  1.00 33.14  ? 32   LEU A N   1 
ATOM   128  C CA  . LEU A 1 26  ? 0.226   8.269   15.941  1.00 34.24  ? 32   LEU A CA  1 
ATOM   129  C C   . LEU A 1 26  ? 1.074   8.629   14.711  1.00 37.29  ? 32   LEU A C   1 
ATOM   130  O O   . LEU A 1 26  ? 1.912   9.549   14.758  1.00 37.26  ? 32   LEU A O   1 
ATOM   131  C CB  . LEU A 1 26  ? 0.687   6.936   16.536  1.00 36.79  ? 32   LEU A CB  1 
ATOM   132  C CG  . LEU A 1 26  ? 2.124   6.817   17.057  1.00 40.82  ? 32   LEU A CG  1 
ATOM   133  C CD1 . LEU A 1 26  ? 2.178   5.884   18.268  1.00 39.97  ? 32   LEU A CD1 1 
ATOM   134  C CD2 . LEU A 1 26  ? 3.072   6.338   15.958  1.00 40.11  ? 32   LEU A CD2 1 
ATOM   135  N N   . ILE A 1 27  ? 0.856   7.904   13.616  1.00 33.19  ? 33   ILE A N   1 
ATOM   136  C CA  . ILE A 1 27  ? 1.606   8.120   12.386  1.00 32.93  ? 33   ILE A CA  1 
ATOM   137  C C   . ILE A 1 27  ? 1.437   9.563   11.872  1.00 33.05  ? 33   ILE A C   1 
ATOM   138  O O   . ILE A 1 27  ? 2.418   10.232  11.534  1.00 30.75  ? 33   ILE A O   1 
ATOM   139  C CB  . ILE A 1 27  ? 1.222   7.056   11.330  1.00 31.92  ? 33   ILE A CB  1 
ATOM   140  C CG1 . ILE A 1 27  ? 1.859   5.712   11.702  1.00 33.34  ? 33   ILE A CG1 1 
ATOM   141  C CG2 . ILE A 1 27  ? 1.638   7.484   9.928   1.00 30.38  ? 33   ILE A CG2 1 
ATOM   142  C CD1 . ILE A 1 27  ? 1.264   4.524   10.974  1.00 35.61  ? 33   ILE A CD1 1 
ATOM   143  N N   . ILE A 1 28  ? 0.198   10.044  11.849  1.00 33.92  ? 34   ILE A N   1 
ATOM   144  C CA  . ILE A 1 28  ? -0.106  11.400  11.368  1.00 36.13  ? 34   ILE A CA  1 
ATOM   145  C C   . ILE A 1 28  ? 0.359   12.525  12.301  1.00 37.32  ? 34   ILE A C   1 
ATOM   146  O O   . ILE A 1 28  ? 0.746   13.585  11.816  1.00 37.70  ? 34   ILE A O   1 
ATOM   147  C CB  . ILE A 1 28  ? -1.612  11.576  11.101  1.00 36.65  ? 34   ILE A CB  1 
ATOM   148  C CG1 . ILE A 1 28  ? -2.069  10.638  9.983   1.00 33.34  ? 34   ILE A CG1 1 
ATOM   149  C CG2 . ILE A 1 28  ? -1.939  13.038  10.756  1.00 39.47  ? 34   ILE A CG2 1 
ATOM   150  C CD1 . ILE A 1 28  ? -3.573  10.531  9.893   1.00 31.67  ? 34   ILE A CD1 1 
ATOM   151  N N   . ASN A 1 29  ? 0.310   12.292  13.621  1.00 39.62  ? 35   ASN A N   1 
ATOM   152  C CA  . ASN A 1 29  ? 0.606   13.332  14.622  1.00 42.07  ? 35   ASN A CA  1 
ATOM   153  C C   . ASN A 1 29  ? 2.054   13.453  15.137  1.00 42.06  ? 35   ASN A C   1 
ATOM   154  O O   . ASN A 1 29  ? 2.473   14.545  15.519  1.00 44.84  ? 35   ASN A O   1 
ATOM   155  C CB  . ASN A 1 29  ? -0.334  13.222  15.835  1.00 43.95  ? 35   ASN A CB  1 
ATOM   156  C CG  . ASN A 1 29  ? -1.811  13.323  15.462  1.00 47.51  ? 35   ASN A CG  1 
ATOM   157  O OD1 . ASN A 1 29  ? -2.188  13.960  14.476  1.00 47.74  ? 35   ASN A OD1 1 
ATOM   158  N ND2 . ASN A 1 29  ? -2.658  12.696  16.271  1.00 47.21  ? 35   ASN A ND2 1 
ATOM   159  N N   . THR A 1 30  ? 2.809   12.358  15.181  1.00 41.15  ? 36   THR A N   1 
ATOM   160  C CA  . THR A 1 30  ? 4.179   12.393  15.743  1.00 40.05  ? 36   THR A CA  1 
ATOM   161  C C   . THR A 1 30  ? 5.190   13.154  14.869  1.00 38.98  ? 36   THR A C   1 
ATOM   162  O O   . THR A 1 30  ? 5.150   13.083  13.642  1.00 38.73  ? 36   THR A O   1 
ATOM   163  C CB  . THR A 1 30  ? 4.708   10.978  16.050  1.00 40.49  ? 36   THR A CB  1 
ATOM   164  O OG1 . THR A 1 30  ? 3.684   10.238  16.707  1.00 41.36  ? 36   THR A OG1 1 
ATOM   165  C CG2 . THR A 1 30  ? 5.937   11.019  16.968  1.00 40.62  ? 36   THR A CG2 1 
ATOM   166  N N   . PHE A 1 31  ? 6.089   13.893  15.509  1.00 36.99  ? 37   PHE A N   1 
ATOM   167  C CA  . PHE A 1 31  ? 7.122   14.583  14.763  1.00 36.45  ? 37   PHE A CA  1 
ATOM   168  C C   . PHE A 1 31  ? 8.192   13.575  14.396  1.00 35.87  ? 37   PHE A C   1 
ATOM   169  O O   . PHE A 1 31  ? 8.775   12.933  15.273  1.00 39.09  ? 37   PHE A O   1 
ATOM   170  C CB  . PHE A 1 31  ? 7.709   15.750  15.558  1.00 37.94  ? 37   PHE A CB  1 
ATOM   171  C CG  . PHE A 1 31  ? 8.723   16.540  14.787  1.00 38.20  ? 37   PHE A CG  1 
ATOM   172  C CD1 . PHE A 1 31  ? 8.327   17.371  13.740  1.00 37.60  ? 37   PHE A CD1 1 
ATOM   173  C CD2 . PHE A 1 31  ? 10.076  16.424  15.079  1.00 36.68  ? 37   PHE A CD2 1 
ATOM   174  C CE1 . PHE A 1 31  ? 9.267   18.092  13.010  1.00 40.40  ? 37   PHE A CE1 1 
ATOM   175  C CE2 . PHE A 1 31  ? 11.018  17.139  14.359  1.00 36.77  ? 37   PHE A CE2 1 
ATOM   176  C CZ  . PHE A 1 31  ? 10.617  17.979  13.325  1.00 39.44  ? 37   PHE A CZ  1 
ATOM   177  N N   . TYR A 1 32  ? 8.417   13.401  13.097  1.00 35.46  ? 38   TYR A N   1 
ATOM   178  C CA  . TYR A 1 32  ? 9.353   12.391  12.597  1.00 33.64  ? 38   TYR A CA  1 
ATOM   179  C C   . TYR A 1 32  ? 9.771   12.768  11.192  1.00 32.71  ? 38   TYR A C   1 
ATOM   180  O O   . TYR A 1 32  ? 8.981   12.669  10.259  1.00 29.57  ? 38   TYR A O   1 
ATOM   181  C CB  . TYR A 1 32  ? 8.694   10.996  12.607  1.00 34.68  ? 38   TYR A CB  1 
ATOM   182  C CG  . TYR A 1 32  ? 9.593   9.893   12.103  1.00 35.90  ? 38   TYR A CG  1 
ATOM   183  C CD1 . TYR A 1 32  ? 10.621  9.387   12.904  1.00 35.32  ? 38   TYR A CD1 1 
ATOM   184  C CD2 . TYR A 1 32  ? 9.427   9.359   10.824  1.00 36.53  ? 38   TYR A CD2 1 
ATOM   185  C CE1 . TYR A 1 32  ? 11.460  8.386   12.442  1.00 37.76  ? 38   TYR A CE1 1 
ATOM   186  C CE2 . TYR A 1 32  ? 10.261  8.356   10.352  1.00 38.45  ? 38   TYR A CE2 1 
ATOM   187  C CZ  . TYR A 1 32  ? 11.274  7.876   11.165  1.00 39.42  ? 38   TYR A CZ  1 
ATOM   188  O OH  . TYR A 1 32  ? 12.108  6.884   10.706  1.00 43.41  ? 38   TYR A OH  1 
ATOM   189  N N   . SER A 1 33  ? 11.010  13.199  11.027  1.00 33.59  ? 39   SER A N   1 
ATOM   190  C CA  . SER A 1 33  ? 11.416  13.768  9.733   1.00 33.70  ? 39   SER A CA  1 
ATOM   191  C C   . SER A 1 33  ? 11.799  12.748  8.660   1.00 32.07  ? 39   SER A C   1 
ATOM   192  O O   . SER A 1 33  ? 11.832  13.082  7.495   1.00 32.57  ? 39   SER A O   1 
ATOM   193  C CB  . SER A 1 33  ? 12.527  14.794  9.927   1.00 33.03  ? 39   SER A CB  1 
ATOM   194  O OG  . SER A 1 33  ? 12.198  15.650  11.007  1.00 35.64  ? 39   SER A OG  1 
ATOM   195  N N   . ASN A 1 34  ? 12.060  11.504  9.041   1.00 33.85  ? 40   ASN A N   1 
ATOM   196  C CA  . ASN A 1 34  ? 12.471  10.478  8.062   1.00 34.46  ? 40   ASN A CA  1 
ATOM   197  C C   . ASN A 1 34  ? 11.279  9.780   7.346   1.00 33.58  ? 40   ASN A C   1 
ATOM   198  O O   . ASN A 1 34  ? 11.123  8.547   7.403   1.00 31.94  ? 40   ASN A O   1 
ATOM   199  C CB  . ASN A 1 34  ? 13.433  9.469   8.719   1.00 33.35  ? 40   ASN A CB  1 
ATOM   200  C CG  . ASN A 1 34  ? 14.012  8.467   7.729   1.00 35.94  ? 40   ASN A CG  1 
ATOM   201  O OD1 . ASN A 1 34  ? 14.395  8.818   6.611   1.00 36.64  ? 40   ASN A OD1 1 
ATOM   202  N ND2 . ASN A 1 34  ? 14.096  7.208   8.152   1.00 37.16  ? 40   ASN A ND2 1 
ATOM   203  N N   . LYS A 1 35  ? 10.460  10.590  6.670   1.00 31.47  ? 41   LYS A N   1 
ATOM   204  C CA  . LYS A 1 35  ? 9.204   10.142  6.033   1.00 30.38  ? 41   LYS A CA  1 
ATOM   205  C C   . LYS A 1 35  ? 9.389   9.198   4.834   1.00 28.59  ? 41   LYS A C   1 
ATOM   206  O O   . LYS A 1 35  ? 8.488   8.407   4.516   1.00 27.59  ? 41   LYS A O   1 
ATOM   207  C CB  . LYS A 1 35  ? 8.350   11.351  5.623   1.00 30.77  ? 41   LYS A CB  1 
ATOM   208  C CG  . LYS A 1 35  ? 7.697   12.085  6.792   1.00 31.31  ? 41   LYS A CG  1 
ATOM   209  C CD  . LYS A 1 35  ? 7.244   13.485  6.403   1.00 31.71  ? 41   LYS A CD  1 
ATOM   210  C CE  . LYS A 1 35  ? 6.548   14.201  7.568   1.00 34.43  ? 41   LYS A CE  1 
ATOM   211  N NZ  . LYS A 1 35  ? 5.218   13.593  7.937   1.00 31.55  ? 41   LYS A NZ  1 
ATOM   212  N N   . GLU A 1 36  ? 10.562  9.252   4.212   1.00 26.41  ? 42   GLU A N   1 
ATOM   213  C CA  . GLU A 1 36  ? 10.827  8.537   2.967   1.00 27.91  ? 42   GLU A CA  1 
ATOM   214  C C   . GLU A 1 36  ? 10.640  7.031   3.040   1.00 27.08  ? 42   GLU A C   1 
ATOM   215  O O   . GLU A 1 36  ? 10.468  6.406   2.005   1.00 24.83  ? 42   GLU A O   1 
ATOM   216  C CB  . GLU A 1 36  ? 12.234  8.849   2.434   1.00 30.00  ? 42   GLU A CB  1 
ATOM   217  C CG  . GLU A 1 36  ? 13.385  8.359   3.318   1.00 31.59  ? 42   GLU A CG  1 
ATOM   218  C CD  . GLU A 1 36  ? 14.762  8.799   2.820   1.00 34.24  ? 42   GLU A CD  1 
ATOM   219  O OE1 . GLU A 1 36  ? 14.913  9.947   2.361   1.00 38.11  ? 42   GLU A OE1 1 
ATOM   220  O OE2 . GLU A 1 36  ? 15.712  8.001   2.897   1.00 39.59  ? 42   GLU A OE2 1 
ATOM   221  N N   . ILE A 1 37  ? 10.677  6.456   4.248   1.00 25.48  ? 43   ILE A N   1 
ATOM   222  C CA  . ILE A 1 37  ? 10.529  5.008   4.426   1.00 25.60  ? 43   ILE A CA  1 
ATOM   223  C C   . ILE A 1 37  ? 9.164   4.425   3.979   1.00 26.40  ? 43   ILE A C   1 
ATOM   224  O O   . ILE A 1 37  ? 9.047   3.216   3.763   1.00 26.90  ? 43   ILE A O   1 
ATOM   225  C CB  . ILE A 1 37  ? 10.924  4.533   5.871   1.00 27.92  ? 43   ILE A CB  1 
ATOM   226  C CG1 . ILE A 1 37  ? 10.016  5.121   6.962   1.00 27.72  ? 43   ILE A CG1 1 
ATOM   227  C CG2 . ILE A 1 37  ? 12.375  4.898   6.205   1.00 26.88  ? 43   ILE A CG2 1 
ATOM   228  C CD1 . ILE A 1 37  ? 8.646   4.494   7.061   1.00 27.50  ? 43   ILE A CD1 1 
ATOM   229  N N   . PHE A 1 38  ? 8.139   5.272   3.822   1.00 24.93  ? 44   PHE A N   1 
ATOM   230  C CA  . PHE A 1 38  ? 6.838   4.815   3.339   1.00 22.91  ? 44   PHE A CA  1 
ATOM   231  C C   . PHE A 1 38  ? 6.969   4.025   2.043   1.00 23.73  ? 44   PHE A C   1 
ATOM   232  O O   . PHE A 1 38  ? 6.207   3.078   1.810   1.00 23.62  ? 44   PHE A O   1 
ATOM   233  C CB  . PHE A 1 38  ? 5.865   5.991   3.113   1.00 22.82  ? 44   PHE A CB  1 
ATOM   234  C CG  . PHE A 1 38  ? 6.031   6.661   1.768   1.00 21.97  ? 44   PHE A CG  1 
ATOM   235  C CD1 . PHE A 1 38  ? 6.928   7.712   1.606   1.00 21.07  ? 44   PHE A CD1 1 
ATOM   236  C CD2 . PHE A 1 38  ? 5.326   6.211   0.656   1.00 20.97  ? 44   PHE A CD2 1 
ATOM   237  C CE1 . PHE A 1 38  ? 7.116   8.311   0.359   1.00 22.49  ? 44   PHE A CE1 1 
ATOM   238  C CE2 . PHE A 1 38  ? 5.502   6.812   -0.584  1.00 21.84  ? 44   PHE A CE2 1 
ATOM   239  C CZ  . PHE A 1 38  ? 6.401   7.868   -0.740  1.00 21.25  ? 44   PHE A CZ  1 
ATOM   240  N N   . LEU A 1 39  ? 7.914   4.430   1.187   1.00 24.69  ? 45   LEU A N   1 
ATOM   241  C CA  . LEU A 1 39  ? 8.033   3.831   -0.149  1.00 25.37  ? 45   LEU A CA  1 
ATOM   242  C C   . LEU A 1 39  ? 8.522   2.388   -0.069  1.00 26.20  ? 45   LEU A C   1 
ATOM   243  O O   . LEU A 1 39  ? 7.943   1.512   -0.707  1.00 26.24  ? 45   LEU A O   1 
ATOM   244  C CB  . LEU A 1 39  ? 8.919   4.660   -1.085  1.00 22.65  ? 45   LEU A CB  1 
ATOM   245  C CG  . LEU A 1 39  ? 8.847   4.228   -2.567  1.00 23.98  ? 45   LEU A CG  1 
ATOM   246  C CD1 . LEU A 1 39  ? 7.415   4.150   -3.105  1.00 22.29  ? 45   LEU A CD1 1 
ATOM   247  C CD2 . LEU A 1 39  ? 9.675   5.121   -3.482  1.00 23.19  ? 45   LEU A CD2 1 
ATOM   248  N N   . ARG A 1 40  ? 9.569   2.151   0.732   1.00 28.39  ? 46   ARG A N   1 
ATOM   249  C CA  . ARG A 1 40  ? 10.084  0.804   0.992   1.00 29.77  ? 46   ARG A CA  1 
ATOM   250  C C   . ARG A 1 40  ? 8.977   -0.131  1.434   1.00 28.60  ? 46   ARG A C   1 
ATOM   251  O O   . ARG A 1 40  ? 8.968   -1.289  1.045   1.00 29.44  ? 46   ARG A O   1 
ATOM   252  C CB  . ARG A 1 40  ? 11.184  0.834   2.075   1.00 34.80  ? 46   ARG A CB  1 
ATOM   253  C CG  . ARG A 1 40  ? 11.514  -0.530  2.705   1.00 39.98  ? 46   ARG A CG  1 
ATOM   254  C CD  . ARG A 1 40  ? 12.577  -0.412  3.790   1.00 41.15  ? 46   ARG A CD  1 
ATOM   255  N NE  . ARG A 1 40  ? 12.057  0.238   4.997   1.00 44.52  ? 46   ARG A NE  1 
ATOM   256  C CZ  . ARG A 1 40  ? 12.808  0.909   5.874   1.00 45.92  ? 46   ARG A CZ  1 
ATOM   257  N NH1 . ARG A 1 40  ? 14.114  1.042   5.677   1.00 43.15  ? 46   ARG A NH1 1 
ATOM   258  N NH2 . ARG A 1 40  ? 12.254  1.462   6.948   1.00 44.63  ? 46   ARG A NH2 1 
ATOM   259  N N   . GLU A 1 41  ? 8.042   0.380   2.239   1.00 29.28  ? 47   GLU A N   1 
ATOM   260  C CA  . GLU A 1 41  ? 6.975   -0.447  2.844   1.00 28.46  ? 47   GLU A CA  1 
ATOM   261  C C   . GLU A 1 41  ? 5.913   -0.860  1.848   1.00 28.88  ? 47   GLU A C   1 
ATOM   262  O O   . GLU A 1 41  ? 5.380   -1.970  1.907   1.00 27.77  ? 47   GLU A O   1 
ATOM   263  C CB  . GLU A 1 41  ? 6.309   0.282   4.025   1.00 28.90  ? 47   GLU A CB  1 
ATOM   264  C CG  . GLU A 1 41  ? 7.246   0.646   5.177   1.00 30.01  ? 47   GLU A CG  1 
ATOM   265  C CD  . GLU A 1 41  ? 8.043   -0.540  5.739   1.00 32.17  ? 47   GLU A CD  1 
ATOM   266  O OE1 . GLU A 1 41  ? 7.471   -1.652  5.835   1.00 29.19  ? 47   GLU A OE1 1 
ATOM   267  O OE2 . GLU A 1 41  ? 9.249   -0.353  6.076   1.00 32.80  ? 47   GLU A OE2 1 
ATOM   268  N N   . LEU A 1 42  ? 5.570   0.050   0.940   1.00 30.37  ? 48   LEU A N   1 
ATOM   269  C CA  . LEU A 1 42  ? 4.601   -0.282  -0.105  1.00 29.65  ? 48   LEU A CA  1 
ATOM   270  C C   . LEU A 1 42  ? 5.203   -1.243  -1.140  1.00 27.45  ? 48   LEU A C   1 
ATOM   271  O O   . LEU A 1 42  ? 4.536   -2.174  -1.590  1.00 26.72  ? 48   LEU A O   1 
ATOM   272  C CB  . LEU A 1 42  ? 4.058   0.995   -0.765  1.00 29.89  ? 48   LEU A CB  1 
ATOM   273  C CG  . LEU A 1 42  ? 3.436   1.956   0.258   1.00 31.61  ? 48   LEU A CG  1 
ATOM   274  C CD1 . LEU A 1 42  ? 2.992   3.238   -0.431  1.00 29.78  ? 48   LEU A CD1 1 
ATOM   275  C CD2 . LEU A 1 42  ? 2.318   1.335   1.122   1.00 31.48  ? 48   LEU A CD2 1 
ATOM   276  N N   . ILE A 1 43  ? 6.464   -1.019  -1.494  1.00 25.87  ? 49   ILE A N   1 
ATOM   277  C CA  . ILE A 1 43  ? 7.173   -1.874  -2.459  1.00 27.35  ? 49   ILE A CA  1 
ATOM   278  C C   . ILE A 1 43  ? 7.343   -3.300  -1.881  1.00 27.88  ? 49   ILE A C   1 
ATOM   279  O O   . ILE A 1 43  ? 7.157   -4.309  -2.585  1.00 27.59  ? 49   ILE A O   1 
ATOM   280  C CB  . ILE A 1 43  ? 8.534   -1.247  -2.855  1.00 27.59  ? 49   ILE A CB  1 
ATOM   281  C CG1 . ILE A 1 43  ? 8.315   0.054   -3.659  1.00 27.52  ? 49   ILE A CG1 1 
ATOM   282  C CG2 . ILE A 1 43  ? 9.407   -2.253  -3.612  1.00 28.34  ? 49   ILE A CG2 1 
ATOM   283  C CD1 . ILE A 1 43  ? 9.579   0.647   -4.264  1.00 25.83  ? 49   ILE A CD1 1 
ATOM   284  N N   . SER A 1 44  ? 7.648   -3.364  -0.588  1.00 27.07  ? 50   SER A N   1 
ATOM   285  C CA  . SER A 1 44  ? 7.768   -4.641  0.146   1.00 27.38  ? 50   SER A CA  1 
ATOM   286  C C   . SER A 1 44  ? 6.437   -5.393  0.226   1.00 26.08  ? 50   SER A C   1 
ATOM   287  O O   . SER A 1 44  ? 6.385   -6.623  0.067   1.00 27.12  ? 50   SER A O   1 
ATOM   288  C CB  . SER A 1 44  ? 8.369   -4.389  1.535   1.00 26.58  ? 50   SER A CB  1 
ATOM   289  O OG  . SER A 1 44  ? 8.101   -5.455  2.405   1.00 30.05  ? 50   SER A OG  1 
ATOM   290  N N   . ASN A 1 45  ? 5.350   -4.661  0.438   1.00 25.39  ? 51   ASN A N   1 
ATOM   291  C CA  . ASN A 1 45  ? 4.011   -5.263  0.362   1.00 26.17  ? 51   ASN A CA  1 
ATOM   292  C C   . ASN A 1 45  ? 3.668   -5.796  -1.035  1.00 24.55  ? 51   ASN A C   1 
ATOM   293  O O   . ASN A 1 45  ? 3.032   -6.838  -1.177  1.00 25.74  ? 51   ASN A O   1 
ATOM   294  C CB  . ASN A 1 45  ? 2.943   -4.264  0.848   1.00 28.71  ? 51   ASN A CB  1 
ATOM   295  C CG  . ASN A 1 45  ? 2.807   -4.248  2.373   1.00 31.78  ? 51   ASN A CG  1 
ATOM   296  O OD1 . ASN A 1 45  ? 3.273   -5.162  3.042   1.00 33.63  ? 51   ASN A OD1 1 
ATOM   297  N ND2 . ASN A 1 45  ? 2.151   -3.223  2.920   1.00 31.83  ? 51   ASN A ND2 1 
ATOM   298  N N   . SER A 1 46  ? 4.076   -5.078  -2.069  1.00 24.28  ? 52   SER A N   1 
ATOM   299  C CA  . SER A 1 46  ? 3.862   -5.545  -3.444  1.00 25.27  ? 52   SER A CA  1 
ATOM   300  C C   . SER A 1 46  ? 4.656   -6.817  -3.728  1.00 25.68  ? 52   SER A C   1 
ATOM   301  O O   . SER A 1 46  ? 4.161   -7.746  -4.371  1.00 26.57  ? 52   SER A O   1 
ATOM   302  C CB  . SER A 1 46  ? 4.257   -4.455  -4.426  1.00 24.83  ? 52   SER A CB  1 
ATOM   303  O OG  . SER A 1 46  ? 3.312   -3.409  -4.356  1.00 25.44  ? 52   SER A OG  1 
ATOM   304  N N   . SER A 1 47  ? 5.882   -6.857  -3.229  1.00 25.54  ? 53   SER A N   1 
ATOM   305  C CA  . SER A 1 47  ? 6.762   -8.003  -3.420  1.00 25.88  ? 53   SER A CA  1 
ATOM   306  C C   . SER A 1 47  ? 6.178   -9.266  -2.772  1.00 26.12  ? 53   SER A C   1 
ATOM   307  O O   . SER A 1 47  ? 6.162   -10.345 -3.385  1.00 27.36  ? 53   SER A O   1 
ATOM   308  C CB  . SER A 1 47  ? 8.155   -7.636  -2.881  1.00 27.35  ? 53   SER A CB  1 
ATOM   309  O OG  . SER A 1 47  ? 9.011   -8.752  -2.766  1.00 27.82  ? 53   SER A OG  1 
ATOM   310  N N   . ASP A 1 48  ? 5.671   -9.132  -1.542  1.00 26.22  ? 54   ASP A N   1 
ATOM   311  C CA  . ASP A 1 48  ? 5.007   -10.231 -0.852  1.00 25.41  ? 54   ASP A CA  1 
ATOM   312  C C   . ASP A 1 48  ? 3.761   -10.721 -1.617  1.00 25.98  ? 54   ASP A C   1 
ATOM   313  O O   . ASP A 1 48  ? 3.524   -11.934 -1.728  1.00 25.95  ? 54   ASP A O   1 
ATOM   314  C CB  . ASP A 1 48  ? 4.601   -9.816  0.579   1.00 28.70  ? 54   ASP A CB  1 
ATOM   315  C CG  . ASP A 1 48  ? 5.793   -9.484  1.473   1.00 29.31  ? 54   ASP A CG  1 
ATOM   316  O OD1 . ASP A 1 48  ? 6.949   -9.871  1.175   1.00 32.68  ? 54   ASP A OD1 1 
ATOM   317  O OD2 . ASP A 1 48  ? 5.573   -8.826  2.502   1.00 31.37  ? 54   ASP A OD2 1 
ATOM   318  N N   . ALA A 1 49  ? 2.953   -9.798  -2.143  1.00 24.38  ? 55   ALA A N   1 
ATOM   319  C CA  . ALA A 1 49  ? 1.788   -10.216 -2.932  1.00 23.95  ? 55   ALA A CA  1 
ATOM   320  C C   . ALA A 1 49  ? 2.213   -10.898 -4.263  1.00 24.30  ? 55   ALA A C   1 
ATOM   321  O O   . ALA A 1 49  ? 1.575   -11.848 -4.733  1.00 22.82  ? 55   ALA A O   1 
ATOM   322  C CB  . ALA A 1 49  ? 0.841   -9.038  -3.177  1.00 22.80  ? 55   ALA A CB  1 
ATOM   323  N N   . LEU A 1 50  ? 3.291   -10.418 -4.859  1.00 24.62  ? 56   LEU A N   1 
ATOM   324  C CA  . LEU A 1 50  ? 3.841   -11.079 -6.044  1.00 27.58  ? 56   LEU A CA  1 
ATOM   325  C C   . LEU A 1 50  ? 4.374   -12.509 -5.731  1.00 28.81  ? 56   LEU A C   1 
ATOM   326  O O   . LEU A 1 50  ? 4.093   -13.443 -6.478  1.00 27.40  ? 56   LEU A O   1 
ATOM   327  C CB  . LEU A 1 50  ? 4.903   -10.190 -6.696  1.00 26.50  ? 56   LEU A CB  1 
ATOM   328  C CG  . LEU A 1 50  ? 4.303   -8.977  -7.429  1.00 27.45  ? 56   LEU A CG  1 
ATOM   329  C CD1 . LEU A 1 50  ? 5.327   -7.889  -7.655  1.00 26.33  ? 56   LEU A CD1 1 
ATOM   330  C CD2 . LEU A 1 50  ? 3.683   -9.368  -8.753  1.00 26.43  ? 56   LEU A CD2 1 
ATOM   331  N N   . ASP A 1 51  ? 5.104   -12.675 -4.618  1.00 30.88  ? 57   ASP A N   1 
ATOM   332  C CA  . ASP A 1 51  ? 5.532   -14.009 -4.134  1.00 31.49  ? 57   ASP A CA  1 
ATOM   333  C C   . ASP A 1 51  ? 4.354   -14.972 -3.976  1.00 32.65  ? 57   ASP A C   1 
ATOM   334  O O   . ASP A 1 51  ? 4.435   -16.157 -4.348  1.00 31.50  ? 57   ASP A O   1 
ATOM   335  C CB  . ASP A 1 51  ? 6.227   -13.920 -2.763  1.00 32.46  ? 57   ASP A CB  1 
ATOM   336  C CG  . ASP A 1 51  ? 7.594   -13.293 -2.830  1.00 32.92  ? 57   ASP A CG  1 
ATOM   337  O OD1 . ASP A 1 51  ? 8.160   -13.168 -3.935  1.00 34.56  ? 57   ASP A OD1 1 
ATOM   338  O OD2 . ASP A 1 51  ? 8.105   -12.918 -1.754  1.00 32.83  ? 57   ASP A OD2 1 
ATOM   339  N N   . LYS A 1 52  ? 3.261   -14.466 -3.410  1.00 33.86  ? 58   LYS A N   1 
ATOM   340  C CA  . LYS A 1 52  ? 2.100   -15.299 -3.151  1.00 34.57  ? 58   LYS A CA  1 
ATOM   341  C C   . LYS A 1 52  ? 1.441   -15.873 -4.428  1.00 34.32  ? 58   LYS A C   1 
ATOM   342  O O   . LYS A 1 52  ? 1.099   -17.062 -4.477  1.00 32.85  ? 58   LYS A O   1 
ATOM   343  C CB  . LYS A 1 52  ? 1.105   -14.548 -2.270  1.00 38.95  ? 58   LYS A CB  1 
ATOM   344  C CG  . LYS A 1 52  ? 0.035   -15.448 -1.683  1.00 45.55  ? 58   LYS A CG  1 
ATOM   345  C CD  . LYS A 1 52  ? -0.582  -14.868 -0.413  1.00 50.96  ? 58   LYS A CD  1 
ATOM   346  C CE  . LYS A 1 52  ? -1.689  -15.782 0.111   1.00 48.87  ? 58   LYS A CE  1 
ATOM   347  N NZ  . LYS A 1 52  ? -2.440  -15.163 1.240   1.00 54.75  ? 58   LYS A NZ  1 
ATOM   348  N N   . ILE A 1 53  ? 1.278   -15.051 -5.464  1.00 31.26  ? 59   ILE A N   1 
ATOM   349  C CA  . ILE A 1 53  ? 0.658   -15.540 -6.704  1.00 29.67  ? 59   ILE A CA  1 
ATOM   350  C C   . ILE A 1 53  ? 1.625   -16.435 -7.497  1.00 31.01  ? 59   ILE A C   1 
ATOM   351  O O   . ILE A 1 53  ? 1.190   -17.370 -8.161  1.00 31.63  ? 59   ILE A O   1 
ATOM   352  C CB  . ILE A 1 53  ? 0.047   -14.392 -7.581  1.00 28.82  ? 59   ILE A CB  1 
ATOM   353  C CG1 . ILE A 1 53  ? -0.758  -14.947 -8.763  1.00 29.67  ? 59   ILE A CG1 1 
ATOM   354  C CG2 . ILE A 1 53  ? 1.093   -13.391 -8.067  1.00 26.40  ? 59   ILE A CG2 1 
ATOM   355  C CD1 . ILE A 1 53  ? -2.067  -15.609 -8.367  1.00 30.34  ? 59   ILE A CD1 1 
ATOM   356  N N   . ARG A 1 54  ? 2.926   -16.154 -7.417  1.00 32.45  ? 60   ARG A N   1 
ATOM   357  C CA  . ARG A 1 54  ? 3.937   -17.008 -8.047  1.00 34.83  ? 60   ARG A CA  1 
ATOM   358  C C   . ARG A 1 54  ? 3.973   -18.406 -7.428  1.00 35.46  ? 60   ARG A C   1 
ATOM   359  O O   . ARG A 1 54  ? 4.008   -19.396 -8.157  1.00 35.29  ? 60   ARG A O   1 
ATOM   360  C CB  . ARG A 1 54  ? 5.328   -16.383 -8.002  1.00 35.45  ? 60   ARG A CB  1 
ATOM   361  C CG  . ARG A 1 54  ? 6.325   -17.135 -8.883  1.00 38.96  ? 60   ARG A CG  1 
ATOM   362  C CD  . ARG A 1 54  ? 7.734   -16.593 -8.745  1.00 39.96  ? 60   ARG A CD  1 
ATOM   363  N NE  . ARG A 1 54  ? 8.057   -16.436 -7.332  1.00 42.71  ? 60   ARG A NE  1 
ATOM   364  C CZ  . ARG A 1 54  ? 9.160   -15.861 -6.858  1.00 44.84  ? 60   ARG A CZ  1 
ATOM   365  N NH1 . ARG A 1 54  ? 10.084  -15.379 -7.690  1.00 42.15  ? 60   ARG A NH1 1 
ATOM   366  N NH2 . ARG A 1 54  ? 9.335   -15.767 -5.538  1.00 43.16  ? 60   ARG A NH2 1 
ATOM   367  N N   . TYR A 1 55  ? 3.953   -18.480 -6.096  1.00 36.70  ? 61   TYR A N   1 
ATOM   368  C CA  . TYR A 1 55  ? 3.830   -19.761 -5.390  1.00 39.56  ? 61   TYR A CA  1 
ATOM   369  C C   . TYR A 1 55  ? 2.564   -20.528 -5.807  1.00 41.39  ? 61   TYR A C   1 
ATOM   370  O O   . TYR A 1 55  ? 2.645   -21.683 -6.241  1.00 41.67  ? 61   TYR A O   1 
ATOM   371  C CB  . TYR A 1 55  ? 3.879   -19.574 -3.863  1.00 42.29  ? 61   TYR A CB  1 
ATOM   372  C CG  . TYR A 1 55  ? 3.696   -20.875 -3.092  1.00 46.35  ? 61   TYR A CG  1 
ATOM   373  C CD1 . TYR A 1 55  ? 4.774   -21.760 -2.899  1.00 45.08  ? 61   TYR A CD1 1 
ATOM   374  C CD2 . TYR A 1 55  ? 2.443   -21.236 -2.575  1.00 48.34  ? 61   TYR A CD2 1 
ATOM   375  C CE1 . TYR A 1 55  ? 4.612   -22.954 -2.215  1.00 43.79  ? 61   TYR A CE1 1 
ATOM   376  C CE2 . TYR A 1 55  ? 2.264   -22.436 -1.892  1.00 49.82  ? 61   TYR A CE2 1 
ATOM   377  C CZ  . TYR A 1 55  ? 3.356   -23.291 -1.711  1.00 49.97  ? 61   TYR A CZ  1 
ATOM   378  O OH  . TYR A 1 55  ? 3.184   -24.484 -1.029  1.00 48.00  ? 61   TYR A OH  1 
ATOM   379  N N   . GLU A 1 56  ? 1.405   -19.879 -5.698  1.00 39.98  ? 62   GLU A N   1 
ATOM   380  C CA  . GLU A 1 56  ? 0.132   -20.525 -6.009  1.00 41.40  ? 62   GLU A CA  1 
ATOM   381  C C   . GLU A 1 56  ? 0.054   -21.047 -7.441  1.00 42.28  ? 62   GLU A C   1 
ATOM   382  O O   . GLU A 1 56  ? -0.554  -22.084 -7.683  1.00 41.12  ? 62   GLU A O   1 
ATOM   383  C CB  . GLU A 1 56  ? -1.056  -19.608 -5.693  1.00 41.52  ? 62   GLU A CB  1 
ATOM   384  C CG  . GLU A 1 56  ? -1.418  -19.588 -4.205  1.00 45.25  ? 62   GLU A CG  1 
ATOM   385  C CD  . GLU A 1 56  ? -2.697  -18.809 -3.877  1.00 47.45  ? 62   GLU A CD  1 
ATOM   386  O OE1 . GLU A 1 56  ? -3.578  -18.655 -4.774  1.00 42.32  ? 62   GLU A OE1 1 
ATOM   387  O OE2 . GLU A 1 56  ? -2.819  -18.364 -2.697  1.00 46.50  ? 62   GLU A OE2 1 
ATOM   388  N N   . SER A 1 57  ? 0.692   -20.340 -8.369  1.00 42.45  ? 63   SER A N   1 
ATOM   389  C CA  . SER A 1 57  ? 0.682   -20.707 -9.785  1.00 48.28  ? 63   SER A CA  1 
ATOM   390  C C   . SER A 1 57  ? 1.474   -21.989 -10.107 1.00 50.47  ? 63   SER A C   1 
ATOM   391  O O   . SER A 1 57  ? 1.298   -22.585 -11.170 1.00 53.48  ? 63   SER A O   1 
ATOM   392  C CB  . SER A 1 57  ? 1.198   -19.547 -10.638 1.00 46.17  ? 63   SER A CB  1 
ATOM   393  O OG  . SER A 1 57  ? 2.609   -19.424 -10.527 1.00 46.66  ? 63   SER A OG  1 
ATOM   394  N N   . LEU A 1 58  ? 2.337   -22.405 -9.186  1.00 53.44  ? 64   LEU A N   1 
ATOM   395  C CA  . LEU A 1 58  ? 3.090   -23.653 -9.336  1.00 53.58  ? 64   LEU A CA  1 
ATOM   396  C C   . LEU A 1 58  ? 2.242   -24.918 -9.176  1.00 53.06  ? 64   LEU A C   1 
ATOM   397  O O   . LEU A 1 58  ? 2.490   -25.915 -9.853  1.00 53.40  ? 64   LEU A O   1 
ATOM   398  C CB  . LEU A 1 58  ? 4.290   -23.681 -8.386  1.00 51.62  ? 64   LEU A CB  1 
ATOM   399  C CG  . LEU A 1 58  ? 5.404   -22.730 -8.802  1.00 52.65  ? 64   LEU A CG  1 
ATOM   400  C CD1 . LEU A 1 58  ? 6.572   -22.835 -7.831  1.00 53.78  ? 64   LEU A CD1 1 
ATOM   401  C CD2 . LEU A 1 58  ? 5.842   -23.025 -10.234 1.00 51.64  ? 64   LEU A CD2 1 
ATOM   402  N N   . THR A 1 59  ? 1.252   -24.881 -8.291  1.00 52.68  ? 65   THR A N   1 
ATOM   403  C CA  . THR A 1 59  ? 0.316   -25.997 -8.159  1.00 55.34  ? 65   THR A CA  1 
ATOM   404  C C   . THR A 1 59  ? -0.964  -25.831 -8.974  1.00 58.17  ? 65   THR A C   1 
ATOM   405  O O   . THR A 1 59  ? -1.779  -26.748 -9.049  1.00 58.99  ? 65   THR A O   1 
ATOM   406  C CB  . THR A 1 59  ? -0.053  -26.274 -6.694  1.00 57.80  ? 65   THR A CB  1 
ATOM   407  O OG1 . THR A 1 59  ? -0.268  -25.030 -6.017  1.00 61.76  ? 65   THR A OG1 1 
ATOM   408  C CG2 . THR A 1 59  ? 1.063   -27.057 -6.000  1.00 57.22  ? 65   THR A CG2 1 
ATOM   409  N N   . ASP A 1 60  ? -1.143  -24.662 -9.583  1.00 59.42  ? 66   ASP A N   1 
ATOM   410  C CA  . ASP A 1 60  ? -2.329  -24.390 -10.397 1.00 57.36  ? 66   ASP A CA  1 
ATOM   411  C C   . ASP A 1 60  ? -2.040  -23.290 -11.426 1.00 58.78  ? 66   ASP A C   1 
ATOM   412  O O   . ASP A 1 60  ? -2.300  -22.100 -11.177 1.00 57.25  ? 66   ASP A O   1 
ATOM   413  C CB  . ASP A 1 60  ? -3.541  -24.047 -9.513  1.00 58.16  ? 66   ASP A CB  1 
ATOM   414  C CG  . ASP A 1 60  ? -4.825  -23.858 -10.310 1.00 58.92  ? 66   ASP A CG  1 
ATOM   415  O OD1 . ASP A 1 60  ? -4.810  -24.060 -11.551 1.00 57.75  ? 66   ASP A OD1 1 
ATOM   416  O OD2 . ASP A 1 60  ? -5.852  -23.504 -9.685  1.00 58.80  ? 66   ASP A OD2 1 
ATOM   417  N N   . PRO A 1 61  ? -1.493  -23.689 -12.587 1.00 56.32  ? 67   PRO A N   1 
ATOM   418  C CA  . PRO A 1 61  ? -1.106  -22.769 -13.656 1.00 54.97  ? 67   PRO A CA  1 
ATOM   419  C C   . PRO A 1 61  ? -2.226  -21.866 -14.199 1.00 53.79  ? 67   PRO A C   1 
ATOM   420  O O   . PRO A 1 61  ? -1.925  -20.833 -14.792 1.00 52.88  ? 67   PRO A O   1 
ATOM   421  C CB  . PRO A 1 61  ? -0.598  -23.714 -14.751 1.00 57.20  ? 67   PRO A CB  1 
ATOM   422  C CG  . PRO A 1 61  ? -0.075  -24.893 -13.992 1.00 58.17  ? 67   PRO A CG  1 
ATOM   423  C CD  . PRO A 1 61  ? -1.070  -25.072 -12.884 1.00 56.96  ? 67   PRO A CD  1 
ATOM   424  N N   . SER A 1 62  ? -3.491  -22.247 -14.007 1.00 53.51  ? 68   SER A N   1 
ATOM   425  C CA  . SER A 1 62  ? -4.619  -21.429 -14.489 1.00 53.44  ? 68   SER A CA  1 
ATOM   426  C C   . SER A 1 62  ? -4.833  -20.141 -13.666 1.00 51.69  ? 68   SER A C   1 
ATOM   427  O O   . SER A 1 62  ? -5.614  -19.271 -14.053 1.00 47.42  ? 68   SER A O   1 
ATOM   428  C CB  . SER A 1 62  ? -5.915  -22.253 -14.609 1.00 53.08  ? 68   SER A CB  1 
ATOM   429  O OG  . SER A 1 62  ? -6.530  -22.469 -13.351 1.00 54.07  ? 68   SER A OG  1 
ATOM   430  N N   . LYS A 1 63  ? -4.115  -20.019 -12.548 1.00 52.43  ? 69   LYS A N   1 
ATOM   431  C CA  . LYS A 1 63  ? -4.138  -18.798 -11.738 1.00 50.91  ? 69   LYS A CA  1 
ATOM   432  C C   . LYS A 1 63  ? -3.406  -17.614 -12.391 1.00 48.48  ? 69   LYS A C   1 
ATOM   433  O O   . LYS A 1 63  ? -3.530  -16.476 -11.941 1.00 46.63  ? 69   LYS A O   1 
ATOM   434  C CB  . LYS A 1 63  ? -3.636  -19.063 -10.314 1.00 48.80  ? 69   LYS A CB  1 
ATOM   435  C CG  . LYS A 1 63  ? -4.703  -19.729 -9.465  1.00 50.62  ? 69   LYS A CG  1 
ATOM   436  C CD  . LYS A 1 63  ? -4.280  -19.989 -8.026  1.00 50.59  ? 69   LYS A CD  1 
ATOM   437  C CE  . LYS A 1 63  ? -5.385  -20.775 -7.325  1.00 51.21  ? 69   LYS A CE  1 
ATOM   438  N NZ  . LYS A 1 63  ? -5.170  -20.920 -5.859  1.00 50.07  ? 69   LYS A NZ  1 
ATOM   439  N N   . LEU A 1 64  ? -2.670  -17.883 -13.463 1.00 47.92  ? 70   LEU A N   1 
ATOM   440  C CA  . LEU A 1 64  ? -2.034  -16.816 -14.238 1.00 47.46  ? 70   LEU A CA  1 
ATOM   441  C C   . LEU A 1 64  ? -2.747  -16.495 -15.567 1.00 49.08  ? 70   LEU A C   1 
ATOM   442  O O   . LEU A 1 64  ? -2.180  -15.811 -16.437 1.00 50.13  ? 70   LEU A O   1 
ATOM   443  C CB  . LEU A 1 64  ? -0.548  -17.120 -14.462 1.00 44.77  ? 70   LEU A CB  1 
ATOM   444  C CG  . LEU A 1 64  ? 0.383   -17.107 -13.239 1.00 45.66  ? 70   LEU A CG  1 
ATOM   445  C CD1 . LEU A 1 64  ? 1.826   -17.276 -13.693 1.00 45.47  ? 70   LEU A CD1 1 
ATOM   446  C CD2 . LEU A 1 64  ? 0.250   -15.832 -12.409 1.00 41.11  ? 70   LEU A CD2 1 
ATOM   447  N N   . ASP A 1 65  ? -3.989  -16.968 -15.709 1.00 48.67  ? 71   ASP A N   1 
ATOM   448  C CA  . ASP A 1 65  ? -4.836  -16.623 -16.874 1.00 51.98  ? 71   ASP A CA  1 
ATOM   449  C C   . ASP A 1 65  ? -5.204  -15.131 -16.897 1.00 53.86  ? 71   ASP A C   1 
ATOM   450  O O   . ASP A 1 65  ? -5.475  -14.561 -17.955 1.00 52.71  ? 71   ASP A O   1 
ATOM   451  C CB  . ASP A 1 65  ? -6.130  -17.450 -16.877 1.00 52.56  ? 71   ASP A CB  1 
ATOM   452  C CG  . ASP A 1 65  ? -5.911  -18.908 -17.282 1.00 54.24  ? 71   ASP A CG  1 
ATOM   453  O OD1 . ASP A 1 65  ? -4.889  -19.235 -17.939 1.00 48.48  ? 71   ASP A OD1 1 
ATOM   454  O OD2 . ASP A 1 65  ? -6.793  -19.730 -16.947 1.00 54.62  ? 71   ASP A OD2 1 
ATOM   455  N N   . SER A 1 66  ? -5.207  -14.517 -15.714 1.00 53.17  ? 72   SER A N   1 
ATOM   456  C CA  . SER A 1 66  ? -5.531  -13.104 -15.534 1.00 51.26  ? 72   SER A CA  1 
ATOM   457  C C   . SER A 1 66  ? -4.310  -12.185 -15.708 1.00 53.61  ? 72   SER A C   1 
ATOM   458  O O   . SER A 1 66  ? -4.370  -10.989 -15.385 1.00 53.20  ? 72   SER A O   1 
ATOM   459  C CB  . SER A 1 66  ? -6.177  -12.904 -14.157 1.00 49.98  ? 72   SER A CB  1 
ATOM   460  O OG  . SER A 1 66  ? -5.505  -13.654 -13.143 1.00 47.93  ? 72   SER A OG  1 
ATOM   461  N N   . GLY A 1 67  ? -3.212  -12.748 -16.220 1.00 52.55  ? 73   GLY A N   1 
ATOM   462  C CA  . GLY A 1 67  ? -1.967  -12.009 -16.453 1.00 49.33  ? 73   GLY A CA  1 
ATOM   463  C C   . GLY A 1 67  ? -0.747  -12.790 -15.987 1.00 51.66  ? 73   GLY A C   1 
ATOM   464  O O   . GLY A 1 67  ? -0.695  -13.270 -14.843 1.00 50.47  ? 73   GLY A O   1 
ATOM   465  N N   . LYS A 1 68  ? 0.236   -12.918 -16.873 1.00 52.98  ? 74   LYS A N   1 
ATOM   466  C CA  . LYS A 1 68  ? 1.424   -13.734 -16.598 1.00 53.74  ? 74   LYS A CA  1 
ATOM   467  C C   . LYS A 1 68  ? 2.582   -12.902 -16.066 1.00 49.89  ? 74   LYS A C   1 
ATOM   468  O O   . LYS A 1 68  ? 3.469   -13.426 -15.410 1.00 48.56  ? 74   LYS A O   1 
ATOM   469  C CB  . LYS A 1 68  ? 1.861   -14.518 -17.847 1.00 58.73  ? 74   LYS A CB  1 
ATOM   470  C CG  . LYS A 1 68  ? 0.808   -15.512 -18.322 1.00 63.59  ? 74   LYS A CG  1 
ATOM   471  C CD  . LYS A 1 68  ? 1.203   -16.257 -19.590 1.00 66.52  ? 74   LYS A CD  1 
ATOM   472  C CE  . LYS A 1 68  ? 0.053   -17.154 -20.037 1.00 65.71  ? 74   LYS A CE  1 
ATOM   473  N NZ  . LYS A 1 68  ? 0.484   -18.285 -20.900 1.00 63.64  ? 74   LYS A NZ  1 
ATOM   474  N N   . GLU A 1 69  ? 2.563   -11.603 -16.339 1.00 44.31  ? 75   GLU A N   1 
ATOM   475  C CA  . GLU A 1 69  ? 3.657   -10.738 -15.938 1.00 43.28  ? 75   GLU A CA  1 
ATOM   476  C C   . GLU A 1 69  ? 3.590   -10.372 -14.447 1.00 39.87  ? 75   GLU A C   1 
ATOM   477  O O   . GLU A 1 69  ? 2.509   -10.172 -13.891 1.00 36.53  ? 75   GLU A O   1 
ATOM   478  C CB  . GLU A 1 69  ? 3.632   -9.493  -16.795 1.00 47.91  ? 75   GLU A CB  1 
ATOM   479  C CG  . GLU A 1 69  ? 4.984   -9.077  -17.311 1.00 52.90  ? 75   GLU A CG  1 
ATOM   480  C CD  . GLU A 1 69  ? 4.933   -7.658  -17.833 1.00 59.07  ? 75   GLU A CD  1 
ATOM   481  O OE1 . GLU A 1 69  ? 3.824   -7.225  -18.226 1.00 59.54  ? 75   GLU A OE1 1 
ATOM   482  O OE2 . GLU A 1 69  ? 5.983   -6.976  -17.830 1.00 57.99  ? 75   GLU A OE2 1 
ATOM   483  N N   . LEU A 1 70  ? 4.754   -10.316 -13.807 1.00 35.30  ? 76   LEU A N   1 
ATOM   484  C CA  . LEU A 1 70  ? 4.851   -10.089 -12.379 1.00 32.55  ? 76   LEU A CA  1 
ATOM   485  C C   . LEU A 1 70  ? 5.807   -8.932  -12.165 1.00 32.72  ? 76   LEU A C   1 
ATOM   486  O O   . LEU A 1 70  ? 7.024   -9.088  -12.315 1.00 32.81  ? 76   LEU A O   1 
ATOM   487  C CB  . LEU A 1 70  ? 5.362   -11.339 -11.666 1.00 33.27  ? 76   LEU A CB  1 
ATOM   488  C CG  . LEU A 1 70  ? 4.479   -12.595 -11.656 1.00 35.26  ? 76   LEU A CG  1 
ATOM   489  C CD1 . LEU A 1 70  ? 5.178   -13.688 -10.871 1.00 34.55  ? 76   LEU A CD1 1 
ATOM   490  C CD2 . LEU A 1 70  ? 3.088   -12.346 -11.073 1.00 34.12  ? 76   LEU A CD2 1 
ATOM   491  N N   . HIS A 1 71  ? 5.259   -7.761  -11.836 1.00 30.84  ? 77   HIS A N   1 
ATOM   492  C CA  . HIS A 1 71  ? 6.066   -6.538  -11.798 1.00 31.70  ? 77   HIS A CA  1 
ATOM   493  C C   . HIS A 1 71  ? 5.407   -5.450  -11.003 1.00 30.65  ? 77   HIS A C   1 
ATOM   494  O O   . HIS A 1 71  ? 4.273   -5.618  -10.533 1.00 29.91  ? 77   HIS A O   1 
ATOM   495  C CB  . HIS A 1 71  ? 6.445   -6.063  -13.219 1.00 32.06  ? 77   HIS A CB  1 
ATOM   496  C CG  . HIS A 1 71  ? 5.274   -5.565  -14.050 1.00 36.87  ? 77   HIS A CG  1 
ATOM   497  N ND1 . HIS A 1 71  ? 4.111   -6.248  -14.167 1.00 39.72  ? 77   HIS A ND1 1 
ATOM   498  C CD2 . HIS A 1 71  ? 5.142   -4.434  -14.858 1.00 39.85  ? 77   HIS A CD2 1 
ATOM   499  C CE1 . HIS A 1 71  ? 3.267   -5.573  -14.982 1.00 40.56  ? 77   HIS A CE1 1 
ATOM   500  N NE2 . HIS A 1 71  ? 3.900   -4.467  -15.406 1.00 42.67  ? 77   HIS A NE2 1 
ATOM   501  N N   . ILE A 1 72  ? 6.139   -4.344  -10.840 1.00 28.21  ? 78   ILE A N   1 
ATOM   502  C CA  . ILE A 1 72  ? 5.713   -3.184  -10.078 1.00 27.68  ? 78   ILE A CA  1 
ATOM   503  C C   . ILE A 1 72  ? 5.940   -1.916  -10.937 1.00 29.98  ? 78   ILE A C   1 
ATOM   504  O O   . ILE A 1 72  ? 7.012   -1.737  -11.537 1.00 30.89  ? 78   ILE A O   1 
ATOM   505  C CB  . ILE A 1 72  ? 6.511   -3.068  -8.750  1.00 25.26  ? 78   ILE A CB  1 
ATOM   506  C CG1 . ILE A 1 72  ? 6.322   -4.311  -7.889  1.00 25.37  ? 78   ILE A CG1 1 
ATOM   507  C CG2 . ILE A 1 72  ? 6.094   -1.835  -7.954  1.00 24.78  ? 78   ILE A CG2 1 
ATOM   508  C CD1 . ILE A 1 72  ? 7.340   -4.432  -6.770  1.00 24.17  ? 78   ILE A CD1 1 
ATOM   509  N N   . ASN A 1 73  ? 4.927   -1.048  -10.984 1.00 28.44  ? 79   ASN A N   1 
ATOM   510  C CA  . ASN A 1 73  ? 5.038   0.250   -11.620 1.00 28.05  ? 79   ASN A CA  1 
ATOM   511  C C   . ASN A 1 73  ? 4.884   1.345   -10.592 1.00 26.77  ? 79   ASN A C   1 
ATOM   512  O O   . ASN A 1 73  ? 3.992   1.279   -9.764  1.00 25.77  ? 79   ASN A O   1 
ATOM   513  C CB  . ASN A 1 73  ? 3.983   0.418   -12.727 1.00 27.99  ? 79   ASN A CB  1 
ATOM   514  C CG  . ASN A 1 73  ? 4.210   -0.522  -13.916 1.00 29.99  ? 79   ASN A CG  1 
ATOM   515  O OD1 . ASN A 1 73  ? 5.344   -0.901  -14.237 1.00 29.68  ? 79   ASN A OD1 1 
ATOM   516  N ND2 . ASN A 1 73  ? 3.122   -0.899  -14.579 1.00 29.26  ? 79   ASN A ND2 1 
ATOM   517  N N   . LEU A 1 74  ? 5.784   2.328   -10.643 1.00 25.86  ? 80   LEU A N   1 
ATOM   518  C CA  . LEU A 1 74  ? 5.690   3.538   -9.844  1.00 27.59  ? 80   LEU A CA  1 
ATOM   519  C C   . LEU A 1 74  ? 5.282   4.717   -10.749 1.00 29.00  ? 80   LEU A C   1 
ATOM   520  O O   . LEU A 1 74  ? 5.995   5.041   -11.707 1.00 27.49  ? 80   LEU A O   1 
ATOM   521  C CB  . LEU A 1 74  ? 7.033   3.848   -9.163  1.00 25.84  ? 80   LEU A CB  1 
ATOM   522  C CG  . LEU A 1 74  ? 7.672   2.825   -8.213  1.00 26.71  ? 80   LEU A CG  1 
ATOM   523  C CD1 . LEU A 1 74  ? 8.890   3.471   -7.557  1.00 25.59  ? 80   LEU A CD1 1 
ATOM   524  C CD2 . LEU A 1 74  ? 6.706   2.301   -7.155  1.00 24.19  ? 80   LEU A CD2 1 
ATOM   525  N N   . ILE A 1 75  ? 4.147   5.352   -10.451 1.00 28.52  ? 81   ILE A N   1 
ATOM   526  C CA  . ILE A 1 75  ? 3.560   6.334   -11.379 1.00 29.33  ? 81   ILE A CA  1 
ATOM   527  C C   . ILE A 1 75  ? 3.245   7.644   -10.670 1.00 31.48  ? 81   ILE A C   1 
ATOM   528  O O   . ILE A 1 75  ? 2.223   7.732   -9.981  1.00 34.44  ? 81   ILE A O   1 
ATOM   529  C CB  . ILE A 1 75  ? 2.279   5.789   -12.073 1.00 30.19  ? 81   ILE A CB  1 
ATOM   530  C CG1 . ILE A 1 75  ? 2.541   4.408   -12.687 1.00 28.72  ? 81   ILE A CG1 1 
ATOM   531  C CG2 . ILE A 1 75  ? 1.766   6.779   -13.143 1.00 30.89  ? 81   ILE A CG2 1 
ATOM   532  C CD1 . ILE A 1 75  ? 1.318   3.704   -13.234 1.00 29.09  ? 81   ILE A CD1 1 
ATOM   533  N N   . PRO A 1 76  ? 4.123   8.657   -10.818 1.00 32.20  ? 82   PRO A N   1 
ATOM   534  C CA  . PRO A 1 76  ? 3.838   9.987   -10.273 1.00 35.36  ? 82   PRO A CA  1 
ATOM   535  C C   . PRO A 1 76  ? 3.022   10.861  -11.233 1.00 37.41  ? 82   PRO A C   1 
ATOM   536  O O   . PRO A 1 76  ? 3.148   10.743  -12.461 1.00 37.43  ? 82   PRO A O   1 
ATOM   537  C CB  . PRO A 1 76  ? 5.230   10.590  -10.076 1.00 32.72  ? 82   PRO A CB  1 
ATOM   538  C CG  . PRO A 1 76  ? 6.037   9.987   -11.166 1.00 31.80  ? 82   PRO A CG  1 
ATOM   539  C CD  . PRO A 1 76  ? 5.460   8.614   -11.449 1.00 34.08  ? 82   PRO A CD  1 
ATOM   540  N N   . ASN A 1 77  ? 2.180   11.711  -10.650 1.00 38.97  ? 83   ASN A N   1 
ATOM   541  C CA  . ASN A 1 77  ? 1.286   12.587  -11.394 1.00 39.44  ? 83   ASN A CA  1 
ATOM   542  C C   . ASN A 1 77  ? 1.205   13.933  -10.683 1.00 39.85  ? 83   ASN A C   1 
ATOM   543  O O   . ASN A 1 77  ? 0.436   14.071  -9.736  1.00 38.87  ? 83   ASN A O   1 
ATOM   544  C CB  . ASN A 1 77  ? -0.107  11.963  -11.516 1.00 39.84  ? 83   ASN A CB  1 
ATOM   545  C CG  . ASN A 1 77  ? -0.998  12.698  -12.510 1.00 42.78  ? 83   ASN A CG  1 
ATOM   546  O OD1 . ASN A 1 77  ? -0.911  13.916  -12.677 1.00 43.55  ? 83   ASN A OD1 1 
ATOM   547  N ND2 . ASN A 1 77  ? -1.865  11.954  -13.168 1.00 41.63  ? 83   ASN A ND2 1 
ATOM   548  N N   . LYS A 1 78  ? 2.008   14.902  -11.140 1.00 40.51  ? 84   LYS A N   1 
ATOM   549  C CA  . LYS A 1 78  ? 2.061   16.258  -10.567 1.00 44.17  ? 84   LYS A CA  1 
ATOM   550  C C   . LYS A 1 78  ? 0.754   17.018  -10.737 1.00 44.95  ? 84   LYS A C   1 
ATOM   551  O O   . LYS A 1 78  ? 0.340   17.754  -9.847  1.00 46.02  ? 84   LYS A O   1 
ATOM   552  C CB  . LYS A 1 78  ? 3.222   17.065  -11.157 1.00 46.75  ? 84   LYS A CB  1 
ATOM   553  C CG  . LYS A 1 78  ? 4.596   16.570  -10.707 1.00 49.56  ? 84   LYS A CG  1 
ATOM   554  C CD  . LYS A 1 78  ? 5.734   17.455  -11.200 1.00 52.48  ? 84   LYS A CD  1 
ATOM   555  C CE  . LYS A 1 78  ? 7.040   17.048  -10.533 1.00 55.75  ? 84   LYS A CE  1 
ATOM   556  N NZ  . LYS A 1 78  ? 8.076   18.109  -10.646 1.00 59.01  ? 84   LYS A NZ  1 
ATOM   557  N N   . GLN A 1 79  ? 0.090   16.819  -11.865 1.00 49.02  ? 85   GLN A N   1 
ATOM   558  C CA  . GLN A 1 79  ? -1.238  17.384  -12.057 1.00 56.65  ? 85   GLN A CA  1 
ATOM   559  C C   . GLN A 1 79  ? -2.170  16.988  -10.900 1.00 54.09  ? 85   GLN A C   1 
ATOM   560  O O   . GLN A 1 79  ? -2.663  17.851  -10.181 1.00 55.69  ? 85   GLN A O   1 
ATOM   561  C CB  . GLN A 1 79  ? -1.816  16.981  -13.427 1.00 63.21  ? 85   GLN A CB  1 
ATOM   562  C CG  . GLN A 1 79  ? -3.039  17.781  -13.869 1.00 74.33  ? 85   GLN A CG  1 
ATOM   563  C CD  . GLN A 1 79  ? -2.726  19.242  -14.196 1.00 83.69  ? 85   GLN A CD  1 
ATOM   564  O OE1 . GLN A 1 79  ? -1.703  19.797  -13.772 1.00 88.03  ? 85   GLN A OE1 1 
ATOM   565  N NE2 . GLN A 1 79  ? -3.614  19.873  -14.949 1.00 86.29  ? 85   GLN A NE2 1 
ATOM   566  N N   . ASP A 1 80  ? -2.379  15.687  -10.706 1.00 53.33  ? 86   ASP A N   1 
ATOM   567  C CA  . ASP A 1 80  ? -3.259  15.194  -9.643  1.00 50.06  ? 86   ASP A CA  1 
ATOM   568  C C   . ASP A 1 80  ? -2.605  15.244  -8.265  1.00 45.98  ? 86   ASP A C   1 
ATOM   569  O O   . ASP A 1 80  ? -3.295  15.140  -7.250  1.00 47.35  ? 86   ASP A O   1 
ATOM   570  C CB  . ASP A 1 80  ? -3.714  13.754  -9.920  1.00 55.49  ? 86   ASP A CB  1 
ATOM   571  C CG  . ASP A 1 80  ? -4.491  13.615  -11.218 1.00 63.28  ? 86   ASP A CG  1 
ATOM   572  O OD1 . ASP A 1 80  ? -4.803  14.644  -11.861 1.00 65.57  ? 86   ASP A OD1 1 
ATOM   573  O OD2 . ASP A 1 80  ? -4.793  12.462  -11.595 1.00 63.80  ? 86   ASP A OD2 1 
ATOM   574  N N   . ARG A 1 81  ? -1.284  15.390  -8.224  1.00 39.28  ? 87   ARG A N   1 
ATOM   575  C CA  . ARG A 1 81  ? -0.549  15.296  -6.965  1.00 38.58  ? 87   ARG A CA  1 
ATOM   576  C C   . ARG A 1 81  ? -0.713  13.899  -6.307  1.00 35.39  ? 87   ARG A C   1 
ATOM   577  O O   . ARG A 1 81  ? -0.971  13.778  -5.110  1.00 31.89  ? 87   ARG A O   1 
ATOM   578  C CB  . ARG A 1 81  ? -0.999  16.412  -6.016  1.00 42.23  ? 87   ARG A CB  1 
ATOM   579  C CG  . ARG A 1 81  ? 0.076   16.850  -5.055  1.00 48.95  ? 87   ARG A CG  1 
ATOM   580  C CD  . ARG A 1 81  ? -0.542  17.236  -3.736  1.00 51.94  ? 87   ARG A CD  1 
ATOM   581  N NE  . ARG A 1 81  ? -0.807  18.661  -3.653  1.00 54.81  ? 87   ARG A NE  1 
ATOM   582  C CZ  . ARG A 1 81  ? -1.671  19.192  -2.796  1.00 57.27  ? 87   ARG A CZ  1 
ATOM   583  N NH1 . ARG A 1 81  ? -2.356  18.405  -1.970  1.00 48.73  ? 87   ARG A NH1 1 
ATOM   584  N NH2 . ARG A 1 81  ? -1.853  20.508  -2.771  1.00 57.92  ? 87   ARG A NH2 1 
ATOM   585  N N   . THR A 1 82  ? -0.581  12.848  -7.109  1.00 32.57  ? 88   THR A N   1 
ATOM   586  C CA  . THR A 1 82  ? -0.722  11.491  -6.619  1.00 31.17  ? 88   THR A CA  1 
ATOM   587  C C   . THR A 1 82  ? 0.536   10.706  -6.948  1.00 30.98  ? 88   THR A C   1 
ATOM   588  O O   . THR A 1 82  ? 1.180   10.967  -7.981  1.00 29.31  ? 88   THR A O   1 
ATOM   589  C CB  . THR A 1 82  ? -1.878  10.732  -7.308  1.00 31.13  ? 88   THR A CB  1 
ATOM   590  O OG1 . THR A 1 82  ? -1.653  10.730  -8.723  1.00 29.88  ? 88   THR A OG1 1 
ATOM   591  C CG2 . THR A 1 82  ? -3.250  11.338  -6.993  1.00 30.48  ? 88   THR A CG2 1 
ATOM   592  N N   . LEU A 1 83  ? 0.864   9.730   -6.094  1.00 27.74  ? 89   LEU A N   1 
ATOM   593  C CA  . LEU A 1 83  ? 1.837   8.706   -6.463  1.00 26.98  ? 89   LEU A CA  1 
ATOM   594  C C   . LEU A 1 83  ? 1.140   7.366   -6.392  1.00 26.42  ? 89   LEU A C   1 
ATOM   595  O O   . LEU A 1 83  ? 0.594   6.998   -5.361  1.00 25.66  ? 89   LEU A O   1 
ATOM   596  C CB  . LEU A 1 83  ? 3.088   8.731   -5.568  1.00 28.05  ? 89   LEU A CB  1 
ATOM   597  C CG  . LEU A 1 83  ? 4.171   7.661   -5.802  1.00 28.40  ? 89   LEU A CG  1 
ATOM   598  C CD1 . LEU A 1 83  ? 4.943   7.883   -7.112  1.00 26.83  ? 89   LEU A CD1 1 
ATOM   599  C CD2 . LEU A 1 83  ? 5.131   7.669   -4.623  1.00 28.77  ? 89   LEU A CD2 1 
ATOM   600  N N   . THR A 1 84  ? 1.180   6.640   -7.500  1.00 26.78  ? 90   THR A N   1 
ATOM   601  C CA  . THR A 1 84  ? 0.483   5.383   -7.631  1.00 27.36  ? 90   THR A CA  1 
ATOM   602  C C   . THR A 1 84  ? 1.496   4.232   -7.692  1.00 28.61  ? 90   THR A C   1 
ATOM   603  O O   . THR A 1 84  ? 2.460   4.295   -8.464  1.00 27.45  ? 90   THR A O   1 
ATOM   604  C CB  . THR A 1 84  ? -0.437  5.434   -8.880  1.00 26.59  ? 90   THR A CB  1 
ATOM   605  O OG1 . THR A 1 84  ? -1.420  6.460   -8.692  1.00 26.93  ? 90   THR A OG1 1 
ATOM   606  C CG2 . THR A 1 84  ? -1.169  4.154   -9.090  1.00 26.84  ? 90   THR A CG2 1 
ATOM   607  N N   . ILE A 1 85  ? 1.304   3.213   -6.843  1.00 29.31  ? 91   ILE A N   1 
ATOM   608  C CA  . ILE A 1 85  ? 2.086   1.960   -6.929  1.00 28.21  ? 91   ILE A CA  1 
ATOM   609  C C   . ILE A 1 85  ? 1.169   0.857   -7.432  1.00 27.72  ? 91   ILE A C   1 
ATOM   610  O O   . ILE A 1 85  ? 0.125   0.599   -6.831  1.00 28.00  ? 91   ILE A O   1 
ATOM   611  C CB  . ILE A 1 85  ? 2.741   1.556   -5.586  1.00 29.11  ? 91   ILE A CB  1 
ATOM   612  C CG1 . ILE A 1 85  ? 3.671   2.653   -5.086  1.00 30.09  ? 91   ILE A CG1 1 
ATOM   613  C CG2 . ILE A 1 85  ? 3.609   0.311   -5.745  1.00 29.13  ? 91   ILE A CG2 1 
ATOM   614  C CD1 . ILE A 1 85  ? 3.030   3.609   -4.114  1.00 33.34  ? 91   ILE A CD1 1 
ATOM   615  N N   . VAL A 1 86  ? 1.551   0.232   -8.548  1.00 26.05  ? 92   VAL A N   1 
ATOM   616  C CA  . VAL A 1 86  ? 0.750   -0.811  -9.175  1.00 26.21  ? 92   VAL A CA  1 
ATOM   617  C C   . VAL A 1 86  ? 1.547   -2.118  -9.118  1.00 26.66  ? 92   VAL A C   1 
ATOM   618  O O   . VAL A 1 86  ? 2.711   -2.118  -9.468  1.00 26.92  ? 92   VAL A O   1 
ATOM   619  C CB  . VAL A 1 86  ? 0.453   -0.501  -10.672 1.00 26.72  ? 92   VAL A CB  1 
ATOM   620  C CG1 . VAL A 1 86  ? -0.530  -1.504  -11.246 1.00 25.86  ? 92   VAL A CG1 1 
ATOM   621  C CG2 . VAL A 1 86  ? -0.118  0.889   -10.858 1.00 26.47  ? 92   VAL A CG2 1 
ATOM   622  N N   . ASP A 1 87  ? 0.925   -3.223  -8.700  1.00 26.00  ? 93   ASP A N   1 
ATOM   623  C CA  . ASP A 1 87  ? 1.555   -4.544  -8.843  1.00 26.49  ? 93   ASP A CA  1 
ATOM   624  C C   . ASP A 1 87  ? 0.595   -5.562  -9.439  1.00 26.44  ? 93   ASP A C   1 
ATOM   625  O O   . ASP A 1 87  ? -0.619  -5.401  -9.348  1.00 26.79  ? 93   ASP A O   1 
ATOM   626  C CB  . ASP A 1 87  ? 2.165   -5.051  -7.507  1.00 25.97  ? 93   ASP A CB  1 
ATOM   627  C CG  . ASP A 1 87  ? 1.117   -5.312  -6.417  1.00 27.22  ? 93   ASP A CG  1 
ATOM   628  O OD1 . ASP A 1 87  ? 0.287   -6.243  -6.570  1.00 29.38  ? 93   ASP A OD1 1 
ATOM   629  O OD2 . ASP A 1 87  ? 1.142   -4.617  -5.376  1.00 26.30  ? 93   ASP A OD2 1 
ATOM   630  N N   . THR A 1 88  ? 1.137   -6.626  -10.028 1.00 26.62  ? 94   THR A N   1 
ATOM   631  C CA  . THR A 1 88  ? 0.315   -7.738  -10.505 1.00 26.54  ? 94   THR A CA  1 
ATOM   632  C C   . THR A 1 88  ? 0.355   -8.903  -9.520  1.00 27.80  ? 94   THR A C   1 
ATOM   633  O O   . THR A 1 88  ? 0.395   -10.086 -9.902  1.00 29.31  ? 94   THR A O   1 
ATOM   634  C CB  . THR A 1 88  ? 0.727   -8.166  -11.927 1.00 28.74  ? 94   THR A CB  1 
ATOM   635  O OG1 . THR A 1 88  ? 2.155   -8.319  -11.981 1.00 30.17  ? 94   THR A OG1 1 
ATOM   636  C CG2 . THR A 1 88  ? 0.318   -7.073  -12.962 1.00 29.31  ? 94   THR A CG2 1 
ATOM   637  N N   . GLY A 1 89  ? 0.311   -8.570  -8.236  1.00 27.44  ? 95   GLY A N   1 
ATOM   638  C CA  . GLY A 1 89  ? 0.305   -9.587  -7.191  1.00 27.85  ? 95   GLY A CA  1 
ATOM   639  C C   . GLY A 1 89  ? -1.005  -10.336 -7.103  1.00 29.50  ? 95   GLY A C   1 
ATOM   640  O O   . GLY A 1 89  ? -1.846  -10.288 -8.021  1.00 30.87  ? 95   GLY A O   1 
ATOM   641  N N   . ILE A 1 90  ? -1.200  -11.023 -5.987  1.00 29.41  ? 96   ILE A N   1 
ATOM   642  C CA  . ILE A 1 90  ? -2.363  -11.901 -5.833  1.00 30.50  ? 96   ILE A CA  1 
ATOM   643  C C   . ILE A 1 90  ? -3.708  -11.162 -5.709  1.00 31.61  ? 96   ILE A C   1 
ATOM   644  O O   . ILE A 1 90  ? -4.762  -11.711 -6.056  1.00 29.75  ? 96   ILE A O   1 
ATOM   645  C CB  . ILE A 1 90  ? -2.185  -12.859 -4.638  1.00 29.43  ? 96   ILE A CB  1 
ATOM   646  C CG1 . ILE A 1 90  ? -3.229  -13.984 -4.696  1.00 30.42  ? 96   ILE A CG1 1 
ATOM   647  C CG2 . ILE A 1 90  ? -2.230  -12.081 -3.323  1.00 28.44  ? 96   ILE A CG2 1 
ATOM   648  C CD1 . ILE A 1 90  ? -2.921  -15.189 -3.823  1.00 31.12  ? 96   ILE A CD1 1 
ATOM   649  N N   . GLY A 1 91  ? -3.670  -9.933  -5.202  1.00 31.38  ? 97   GLY A N   1 
ATOM   650  C CA  . GLY A 1 91  ? -4.882  -9.143  -5.031  1.00 31.87  ? 97   GLY A CA  1 
ATOM   651  C C   . GLY A 1 91  ? -5.566  -9.403  -3.710  1.00 32.12  ? 97   GLY A C   1 
ATOM   652  O O   . GLY A 1 91  ? -5.129  -10.248 -2.927  1.00 34.19  ? 97   GLY A O   1 
ATOM   653  N N   . MET A 1 92  ? -6.644  -8.674  -3.449  1.00 32.02  ? 98   MET A N   1 
ATOM   654  C CA  . MET A 1 92  ? -7.360  -8.831  -2.181  1.00 31.70  ? 98   MET A CA  1 
ATOM   655  C C   . MET A 1 92  ? -8.851  -9.035  -2.392  1.00 31.64  ? 98   MET A C   1 
ATOM   656  O O   . MET A 1 92  ? -9.432  -8.485  -3.337  1.00 30.52  ? 98   MET A O   1 
ATOM   657  C CB  . MET A 1 92  ? -7.066  -7.650  -1.258  1.00 31.24  ? 98   MET A CB  1 
ATOM   658  C CG  . MET A 1 92  ? -5.627  -7.644  -0.753  1.00 31.70  ? 98   MET A CG  1 
ATOM   659  S SD  . MET A 1 92  ? -5.177  -6.109  0.043   1.00 38.07  ? 98   MET A SD  1 
ATOM   660  C CE  . MET A 1 92  ? -5.012  -4.991  -1.358  1.00 32.20  ? 98   MET A CE  1 
ATOM   661  N N   . THR A 1 93  ? -9.459  -9.859  -1.540  1.00 31.66  ? 99   THR A N   1 
ATOM   662  C CA  . THR A 1 93  ? -10.907 -10.061 -1.595  1.00 32.22  ? 99   THR A CA  1 
ATOM   663  C C   . THR A 1 93  ? -11.645 -8.994  -0.778  1.00 32.24  ? 99   THR A C   1 
ATOM   664  O O   . THR A 1 93  ? -11.038 -8.238  -0.012  1.00 32.57  ? 99   THR A O   1 
ATOM   665  C CB  . THR A 1 93  ? -11.321 -11.425 -1.043  1.00 33.12  ? 99   THR A CB  1 
ATOM   666  O OG1 . THR A 1 93  ? -10.943 -11.486 0.336   1.00 36.97  ? 99   THR A OG1 1 
ATOM   667  C CG2 . THR A 1 93  ? -10.684 -12.576 -1.835  1.00 35.10  ? 99   THR A CG2 1 
ATOM   668  N N   . LYS A 1 94  ? -12.963 -8.969  -0.915  1.00 33.56  ? 100  LYS A N   1 
ATOM   669  C CA  . LYS A 1 94  ? -13.801 -8.105  -0.098  1.00 34.98  ? 100  LYS A CA  1 
ATOM   670  C C   . LYS A 1 94  ? -13.583 -8.403  1.379   1.00 33.39  ? 100  LYS A C   1 
ATOM   671  O O   . LYS A 1 94  ? -13.420 -7.476  2.182   1.00 34.91  ? 100  LYS A O   1 
ATOM   672  C CB  . LYS A 1 94  ? -15.288 -8.248  -0.483  1.00 36.09  ? 100  LYS A CB  1 
ATOM   673  C CG  . LYS A 1 94  ? -16.201 -7.136  0.047   1.00 37.81  ? 100  LYS A CG  1 
ATOM   674  C CD  . LYS A 1 94  ? -17.639 -7.272  -0.477  1.00 39.84  ? 100  LYS A CD  1 
ATOM   675  C CE  . LYS A 1 94  ? -18.530 -6.112  -0.041  1.00 41.47  ? 100  LYS A CE  1 
ATOM   676  N NZ  . LYS A 1 94  ? -19.960 -6.312  -0.428  1.00 45.27  ? 100  LYS A NZ  1 
ATOM   677  N N   . ALA A 1 95  ? -13.577 -9.686  1.738   1.00 32.04  ? 101  ALA A N   1 
ATOM   678  C CA  . ALA A 1 95  ? -13.323 -10.086 3.139   1.00 33.01  ? 101  ALA A CA  1 
ATOM   679  C C   . ALA A 1 95  ? -11.931 -9.668  3.671   1.00 31.00  ? 101  ALA A C   1 
ATOM   680  O O   . ALA A 1 95  ? -11.806 -9.347  4.855   1.00 32.66  ? 101  ALA A O   1 
ATOM   681  C CB  . ALA A 1 95  ? -13.589 -11.585 3.347   1.00 32.59  ? 101  ALA A CB  1 
ATOM   682  N N   . ASP A 1 96  ? -10.902 -9.660  2.817   1.00 29.44  ? 102  ASP A N   1 
ATOM   683  C CA  . ASP A 1 96  ? -9.591  -9.065  3.189   1.00 31.09  ? 102  ASP A CA  1 
ATOM   684  C C   . ASP A 1 96  ? -9.736  -7.580  3.576   1.00 31.70  ? 102  ASP A C   1 
ATOM   685  O O   . ASP A 1 96  ? -9.269  -7.137  4.640   1.00 32.24  ? 102  ASP A O   1 
ATOM   686  C CB  . ASP A 1 96  ? -8.573  -9.120  2.025   1.00 30.64  ? 102  ASP A CB  1 
ATOM   687  C CG  . ASP A 1 96  ? -8.056  -10.530 1.724   1.00 32.24  ? 102  ASP A CG  1 
ATOM   688  O OD1 . ASP A 1 96  ? -8.005  -11.394 2.632   1.00 31.38  ? 102  ASP A OD1 1 
ATOM   689  O OD2 . ASP A 1 96  ? -7.697  -10.771 0.548   1.00 33.05  ? 102  ASP A OD2 1 
ATOM   690  N N   . LEU A 1 97  ? -10.360 -6.810  2.684   1.00 30.05  ? 103  LEU A N   1 
ATOM   691  C CA  . LEU A 1 97  ? -10.433 -5.353  2.841   1.00 29.93  ? 103  LEU A CA  1 
ATOM   692  C C   . LEU A 1 97  ? -11.244 -4.925  4.070   1.00 31.20  ? 103  LEU A C   1 
ATOM   693  O O   . LEU A 1 97  ? -10.853 -3.976  4.739   1.00 32.86  ? 103  LEU A O   1 
ATOM   694  C CB  . LEU A 1 97  ? -10.989 -4.701  1.575   1.00 27.56  ? 103  LEU A CB  1 
ATOM   695  C CG  . LEU A 1 97  ? -10.164 -4.906  0.312   1.00 27.24  ? 103  LEU A CG  1 
ATOM   696  C CD1 . LEU A 1 97  ? -10.981 -4.502  -0.906  1.00 26.53  ? 103  LEU A CD1 1 
ATOM   697  C CD2 . LEU A 1 97  ? -8.856  -4.109  0.393   1.00 26.75  ? 103  LEU A CD2 1 
ATOM   698  N N   . ILE A 1 98  ? -12.272 -5.651  4.371   1.00 31.93  ? 104  ILE A N   1 
ATOM   699  C CA  . ILE A 1 98  ? -13.160 -5.312  5.482   1.00 33.32  ? 104  ILE A CA  1 
ATOM   700  C C   . ILE A 1 98  ? -12.750 -5.953  6.813   1.00 35.29  ? 104  ILE A C   1 
ATOM   701  O O   . ILE A 1 98  ? -12.669 -5.253  7.828   1.00 38.39  ? 104  ILE A O   1 
ATOM   702  C CB  . ILE A 1 98  ? -14.645 -5.623  5.138   1.00 33.26  ? 104  ILE A CB  1 
ATOM   703  C CG1 . ILE A 1 98  ? -15.078 -4.820  3.903   1.00 32.73  ? 104  ILE A CG1 1 
ATOM   704  C CG2 . ILE A 1 98  ? -15.562 -5.260  6.306   1.00 34.32  ? 104  ILE A CG2 1 
ATOM   705  C CD1 . ILE A 1 98  ? -16.364 -5.308  3.267   1.00 33.38  ? 104  ILE A CD1 1 
ATOM   706  N N   . ASN A 1 99  ? -12.468 -7.229  6.838   1.00 37.06  ? 105  ASN A N   1 
ATOM   707  C CA  . ASN A 1 99  ? -12.226 -7.988  8.088   1.00 39.25  ? 105  ASN A CA  1 
ATOM   708  C C   . ASN A 1 99  ? -10.796 -8.510  8.307   1.00 38.50  ? 105  ASN A C   1 
ATOM   709  O O   . ASN A 1 99  ? -10.164 -8.207  9.316   1.00 35.87  ? 105  ASN A O   1 
ATOM   710  C CB  . ASN A 1 99  ? -13.147 -9.217  8.177   1.00 41.73  ? 105  ASN A CB  1 
ATOM   711  C CG  . ASN A 1 99  ? -14.621 -8.880  8.011   1.00 48.11  ? 105  ASN A CG  1 
ATOM   712  O OD1 . ASN A 1 99  ? -15.250 -8.308  8.907   1.00 45.63  ? 105  ASN A OD1 1 
ATOM   713  N ND2 . ASN A 1 99  ? -15.191 -9.267  6.858   1.00 50.18  ? 105  ASN A ND2 1 
ATOM   714  N N   . ASN A 1 100 ? -10.316 -9.325  7.365   1.00 35.64  ? 106  ASN A N   1 
ATOM   715  C CA  . ASN A 1 100 ? -9.155  -10.173 7.608   1.00 34.80  ? 106  ASN A CA  1 
ATOM   716  C C   . ASN A 1 100 ? -7.876  -9.408  7.868   1.00 33.25  ? 106  ASN A C   1 
ATOM   717  O O   . ASN A 1 100 ? -7.179  -9.694  8.839   1.00 31.00  ? 106  ASN A O   1 
ATOM   718  C CB  . ASN A 1 100 ? -8.956  -11.188 6.474   1.00 35.77  ? 106  ASN A CB  1 
ATOM   719  C CG  . ASN A 1 100 ? -10.174 -12.071 6.261   1.00 38.94  ? 106  ASN A CG  1 
ATOM   720  O OD1 . ASN A 1 100 ? -10.893 -12.403 7.208   1.00 38.10  ? 106  ASN A OD1 1 
ATOM   721  N ND2 . ASN A 1 100 ? -10.409 -12.458 5.007   1.00 41.71  ? 106  ASN A ND2 1 
ATOM   722  N N   . LEU A 1 101 ? -7.580  -8.425  7.021   1.00 32.53  ? 107  LEU A N   1 
ATOM   723  C CA  . LEU A 1 101 ? -6.351  -7.639  7.181   1.00 34.42  ? 107  LEU A CA  1 
ATOM   724  C C   . LEU A 1 101 ? -6.361  -6.804  8.456   1.00 33.38  ? 107  LEU A C   1 
ATOM   725  O O   . LEU A 1 101 ? -5.341  -6.685  9.142   1.00 34.07  ? 107  LEU A O   1 
ATOM   726  C CB  . LEU A 1 101 ? -6.086  -6.775  5.941   1.00 33.64  ? 107  LEU A CB  1 
ATOM   727  C CG  . LEU A 1 101 ? -5.893  -7.594  4.652   1.00 37.06  ? 107  LEU A CG  1 
ATOM   728  C CD1 . LEU A 1 101 ? -5.836  -6.692  3.430   1.00 36.40  ? 107  LEU A CD1 1 
ATOM   729  C CD2 . LEU A 1 101 ? -4.663  -8.502  4.716   1.00 35.75  ? 107  LEU A CD2 1 
ATOM   730  N N   . GLY A 1 102 ? -7.517  -6.228  8.769   1.00 32.02  ? 108  GLY A N   1 
ATOM   731  C CA  . GLY A 1 102 ? -7.691  -5.501  10.022  1.00 35.30  ? 108  GLY A CA  1 
ATOM   732  C C   . GLY A 1 102 ? -7.488  -6.420  11.228  1.00 35.40  ? 108  GLY A C   1 
ATOM   733  O O   . GLY A 1 102 ? -6.844  -6.034  12.196  1.00 35.19  ? 108  GLY A O   1 
ATOM   734  N N   . THR A 1 103 ? -8.027  -7.638  11.165  1.00 36.22  ? 109  THR A N   1 
ATOM   735  C CA  . THR A 1 103 ? -7.883  -8.616  12.253  1.00 38.40  ? 109  THR A CA  1 
ATOM   736  C C   . THR A 1 103 ? -6.413  -9.015  12.508  1.00 42.12  ? 109  THR A C   1 
ATOM   737  O O   . THR A 1 103 ? -5.952  -8.978  13.658  1.00 41.89  ? 109  THR A O   1 
ATOM   738  C CB  . THR A 1 103 ? -8.749  -9.868  12.019  1.00 38.45  ? 109  THR A CB  1 
ATOM   739  O OG1 . THR A 1 103 ? -10.140 -9.498  11.992  1.00 38.43  ? 109  THR A OG1 1 
ATOM   740  C CG2 . THR A 1 103 ? -8.527  -10.887 13.129  1.00 38.13  ? 109  THR A CG2 1 
ATOM   741  N N   . ILE A 1 104 ? -5.684  -9.373  11.444  1.00 42.88  ? 110  ILE A N   1 
ATOM   742  C CA  . ILE A 1 104 ? -4.256  -9.733  11.554  1.00 44.06  ? 110  ILE A CA  1 
ATOM   743  C C   . ILE A 1 104 ? -3.415  -8.610  12.154  1.00 44.84  ? 110  ILE A C   1 
ATOM   744  O O   . ILE A 1 104 ? -2.540  -8.858  12.979  1.00 47.04  ? 110  ILE A O   1 
ATOM   745  C CB  . ILE A 1 104 ? -3.640  -10.136 10.189  1.00 45.16  ? 110  ILE A CB  1 
ATOM   746  C CG1 . ILE A 1 104 ? -4.255  -11.435 9.681   1.00 43.95  ? 110  ILE A CG1 1 
ATOM   747  C CG2 . ILE A 1 104 ? -2.131  -10.325 10.306  1.00 44.66  ? 110  ILE A CG2 1 
ATOM   748  C CD1 . ILE A 1 104 ? -3.888  -11.752 8.249   1.00 50.18  ? 110  ILE A CD1 1 
ATOM   749  N N   . ALA A 1 105 ? -3.694  -7.379  11.730  1.00 44.56  ? 111  ALA A N   1 
ATOM   750  C CA  . ALA A 1 105 ? -2.919  -6.198  12.121  1.00 43.53  ? 111  ALA A CA  1 
ATOM   751  C C   . ALA A 1 105 ? -3.032  -5.803  13.607  1.00 45.61  ? 111  ALA A C   1 
ATOM   752  O O   . ALA A 1 105 ? -2.213  -5.004  14.095  1.00 46.84  ? 111  ALA A O   1 
ATOM   753  C CB  . ALA A 1 105 ? -3.290  -5.011  11.230  1.00 41.89  ? 111  ALA A CB  1 
ATOM   754  N N   . LYS A 1 106 ? -4.038  -6.337  14.309  1.00 43.09  ? 112  LYS A N   1 
ATOM   755  C CA  . LYS A 1 106 ? -4.315  -5.949  15.700  1.00 42.23  ? 112  LYS A CA  1 
ATOM   756  C C   . LYS A 1 106 ? -3.145  -6.233  16.632  1.00 40.56  ? 112  LYS A C   1 
ATOM   757  O O   . LYS A 1 106 ? -2.729  -5.352  17.394  1.00 38.82  ? 112  LYS A O   1 
ATOM   758  C CB  . LYS A 1 106 ? -5.595  -6.611  16.221  1.00 46.97  ? 112  LYS A CB  1 
ATOM   759  C CG  . LYS A 1 106 ? -6.859  -5.828  15.886  1.00 51.99  ? 112  LYS A CG  1 
ATOM   760  C CD  . LYS A 1 106 ? -8.130  -6.568  16.283  1.00 56.82  ? 112  LYS A CD  1 
ATOM   761  C CE  . LYS A 1 106 ? -8.471  -6.390  17.757  1.00 60.81  ? 112  LYS A CE  1 
ATOM   762  N NZ  . LYS A 1 106 ? -9.902  -6.712  18.021  1.00 60.86  ? 112  LYS A NZ  1 
ATOM   763  N N   . SER A 1 107 ? -2.596  -7.443  16.545  1.00 37.57  ? 113  SER A N   1 
ATOM   764  C CA  . SER A 1 107 ? -1.445  -7.821  17.357  1.00 40.25  ? 113  SER A CA  1 
ATOM   765  C C   . SER A 1 107 ? -0.165  -7.089  16.948  1.00 38.78  ? 113  SER A C   1 
ATOM   766  O O   . SER A 1 107 ? 0.624   -6.704  17.814  1.00 38.56  ? 113  SER A O   1 
ATOM   767  C CB  . SER A 1 107 ? -1.223  -9.343  17.343  1.00 42.47  ? 113  SER A CB  1 
ATOM   768  O OG  . SER A 1 107 ? -0.881  -9.787  16.044  1.00 46.24  ? 113  SER A OG  1 
ATOM   769  N N   . GLY A 1 108 ? 0.039   -6.898  15.644  1.00 38.41  ? 114  GLY A N   1 
ATOM   770  C CA  . GLY A 1 108 ? 1.219   -6.167  15.160  1.00 36.68  ? 114  GLY A CA  1 
ATOM   771  C C   . GLY A 1 108 ? 1.241   -4.700  15.596  1.00 35.33  ? 114  GLY A C   1 
ATOM   772  O O   . GLY A 1 108 ? 2.294   -4.174  15.971  1.00 33.75  ? 114  GLY A O   1 
ATOM   773  N N   . THR A 1 109 ? 0.073   -4.055  15.555  1.00 34.00  ? 115  THR A N   1 
ATOM   774  C CA  . THR A 1 109 ? -0.103  -2.672  16.010  1.00 36.36  ? 115  THR A CA  1 
ATOM   775  C C   . THR A 1 109 ? 0.231   -2.542  17.487  1.00 36.89  ? 115  THR A C   1 
ATOM   776  O O   . THR A 1 109 ? 0.945   -1.627  17.890  1.00 39.73  ? 115  THR A O   1 
ATOM   777  C CB  . THR A 1 109 ? -1.560  -2.209  15.811  1.00 35.97  ? 115  THR A CB  1 
ATOM   778  O OG1 . THR A 1 109 ? -1.909  -2.322  14.433  1.00 40.70  ? 115  THR A OG1 1 
ATOM   779  C CG2 . THR A 1 109 ? -1.740  -0.785  16.246  1.00 36.93  ? 115  THR A CG2 1 
ATOM   780  N N   . LYS A 1 110 ? -0.301  -3.468  18.280  1.00 39.00  ? 116  LYS A N   1 
ATOM   781  C CA  . LYS A 1 110 ? -0.078  -3.536  19.724  1.00 41.07  ? 116  LYS A CA  1 
ATOM   782  C C   . LYS A 1 110 ? 1.404   -3.616  20.017  1.00 39.28  ? 116  LYS A C   1 
ATOM   783  O O   . LYS A 1 110 ? 1.937   -2.779  20.748  1.00 39.11  ? 116  LYS A O   1 
ATOM   784  C CB  . LYS A 1 110 ? -0.817  -4.758  20.298  1.00 46.50  ? 116  LYS A CB  1 
ATOM   785  C CG  . LYS A 1 110 ? -0.707  -4.972  21.802  1.00 53.34  ? 116  LYS A CG  1 
ATOM   786  C CD  . LYS A 1 110 ? -1.649  -6.088  22.269  1.00 58.37  ? 116  LYS A CD  1 
ATOM   787  C CE  . LYS A 1 110 ? -1.094  -6.881  23.456  1.00 59.20  ? 116  LYS A CE  1 
ATOM   788  N NZ  . LYS A 1 110 ? -0.732  -6.036  24.634  1.00 56.99  ? 116  LYS A NZ  1 
ATOM   789  N N   . ALA A 1 111 ? 2.073   -4.602  19.417  1.00 36.81  ? 117  ALA A N   1 
ATOM   790  C CA  . ALA A 1 111 ? 3.516   -4.793  19.624  1.00 37.43  ? 117  ALA A CA  1 
ATOM   791  C C   . ALA A 1 111 ? 4.349   -3.606  19.121  1.00 38.75  ? 117  ALA A C   1 
ATOM   792  O O   . ALA A 1 111 ? 5.346   -3.218  19.756  1.00 41.19  ? 117  ALA A O   1 
ATOM   793  C CB  . ALA A 1 111 ? 3.987   -6.088  18.975  1.00 35.23  ? 117  ALA A CB  1 
ATOM   794  N N   . PHE A 1 112 ? 3.947   -3.032  17.986  1.00 36.95  ? 118  PHE A N   1 
ATOM   795  C CA  . PHE A 1 112 ? 4.662   -1.878  17.431  1.00 35.55  ? 118  PHE A CA  1 
ATOM   796  C C   . PHE A 1 112 ? 4.559   -0.700  18.405  1.00 35.74  ? 118  PHE A C   1 
ATOM   797  O O   . PHE A 1 112 ? 5.562   -0.088  18.766  1.00 34.24  ? 118  PHE A O   1 
ATOM   798  C CB  . PHE A 1 112 ? 4.113   -1.512  16.034  1.00 31.89  ? 118  PHE A CB  1 
ATOM   799  C CG  . PHE A 1 112 ? 4.743   -0.286  15.423  1.00 30.34  ? 118  PHE A CG  1 
ATOM   800  C CD1 . PHE A 1 112 ? 6.135   -0.180  15.282  1.00 30.25  ? 118  PHE A CD1 1 
ATOM   801  C CD2 . PHE A 1 112 ? 3.952   0.754   14.964  1.00 29.45  ? 118  PHE A CD2 1 
ATOM   802  C CE1 . PHE A 1 112 ? 6.723   0.950   14.719  1.00 29.06  ? 118  PHE A CE1 1 
ATOM   803  C CE2 . PHE A 1 112 ? 4.529   1.880   14.374  1.00 31.12  ? 118  PHE A CE2 1 
ATOM   804  C CZ  . PHE A 1 112 ? 5.916   1.984   14.259  1.00 30.32  ? 118  PHE A CZ  1 
ATOM   805  N N   . MET A 1 113 ? 3.342   -0.408  18.846  1.00 39.47  ? 119  MET A N   1 
ATOM   806  C CA  . MET A 1 113 ? 3.095   0.706   19.765  1.00 46.83  ? 119  MET A CA  1 
ATOM   807  C C   . MET A 1 113 ? 3.826   0.601   21.103  1.00 47.45  ? 119  MET A C   1 
ATOM   808  O O   . MET A 1 113 ? 4.272   1.615   21.649  1.00 49.19  ? 119  MET A O   1 
ATOM   809  C CB  . MET A 1 113 ? 1.595   0.911   19.968  1.00 49.48  ? 119  MET A CB  1 
ATOM   810  C CG  . MET A 1 113 ? 1.000   1.768   18.868  1.00 56.38  ? 119  MET A CG  1 
ATOM   811  S SD  . MET A 1 113 ? -0.797  1.787   18.829  1.00 67.20  ? 119  MET A SD  1 
ATOM   812  C CE  . MET A 1 113 ? -1.024  3.542   18.575  1.00 64.30  ? 119  MET A CE  1 
ATOM   813  N N   . GLU A 1 114 ? 3.962   -0.620  21.613  1.00 50.42  ? 120  GLU A N   1 
ATOM   814  C CA  . GLU A 1 114 ? 4.737   -0.862  22.828  1.00 54.94  ? 120  GLU A CA  1 
ATOM   815  C C   . GLU A 1 114 ? 6.220   -0.643  22.571  1.00 55.88  ? 120  GLU A C   1 
ATOM   816  O O   . GLU A 1 114 ? 6.879   0.069   23.331  1.00 57.89  ? 120  GLU A O   1 
ATOM   817  C CB  . GLU A 1 114 ? 4.481   -2.271  23.377  1.00 59.97  ? 120  GLU A CB  1 
ATOM   818  C CG  . GLU A 1 114 ? 3.118   -2.428  24.047  1.00 67.67  ? 120  GLU A CG  1 
ATOM   819  C CD  . GLU A 1 114 ? 2.623   -3.868  24.089  1.00 71.53  ? 120  GLU A CD  1 
ATOM   820  O OE1 . GLU A 1 114 ? 3.443   -4.809  23.983  1.00 73.73  ? 120  GLU A OE1 1 
ATOM   821  O OE2 . GLU A 1 114 ? 1.398   -4.060  24.233  1.00 74.34  ? 120  GLU A OE2 1 
ATOM   822  N N   . ALA A 1 115 ? 6.731   -1.246  21.493  1.00 55.34  ? 121  ALA A N   1 
ATOM   823  C CA  . ALA A 1 115 ? 8.134   -1.084  21.077  1.00 51.67  ? 121  ALA A CA  1 
ATOM   824  C C   . ALA A 1 115 ? 8.593   0.372   20.942  1.00 52.70  ? 121  ALA A C   1 
ATOM   825  O O   . ALA A 1 115 ? 9.723   0.695   21.326  1.00 54.82  ? 121  ALA A O   1 
ATOM   826  C CB  . ALA A 1 115 ? 8.397   -1.842  19.786  1.00 48.76  ? 121  ALA A CB  1 
ATOM   827  N N   . LEU A 1 116 ? 7.728   1.242   20.409  1.00 52.00  ? 122  LEU A N   1 
ATOM   828  C CA  . LEU A 1 116 ? 8.017   2.689   20.316  1.00 53.24  ? 122  LEU A CA  1 
ATOM   829  C C   . LEU A 1 116 ? 8.220   3.353   21.678  1.00 58.40  ? 122  LEU A C   1 
ATOM   830  O O   . LEU A 1 116 ? 8.966   4.326   21.788  1.00 59.09  ? 122  LEU A O   1 
ATOM   831  C CB  . LEU A 1 116 ? 6.917   3.434   19.553  1.00 49.32  ? 122  LEU A CB  1 
ATOM   832  C CG  . LEU A 1 116 ? 6.803   3.221   18.042  1.00 48.75  ? 122  LEU A CG  1 
ATOM   833  C CD1 . LEU A 1 116 ? 5.469   3.751   17.538  1.00 43.66  ? 122  LEU A CD1 1 
ATOM   834  C CD2 . LEU A 1 116 ? 7.962   3.854   17.269  1.00 44.89  ? 122  LEU A CD2 1 
ATOM   835  N N   . GLN A 1 117 ? 7.541   2.836   22.704  1.00 65.52  ? 123  GLN A N   1 
ATOM   836  C CA  . GLN A 1 117 ? 7.727   3.301   24.088  1.00 66.75  ? 123  GLN A CA  1 
ATOM   837  C C   . GLN A 1 117 ? 9.053   2.806   24.663  1.00 65.33  ? 123  GLN A C   1 
ATOM   838  O O   . GLN A 1 117 ? 9.627   3.435   25.545  1.00 65.69  ? 123  GLN A O   1 
ATOM   839  C CB  . GLN A 1 117 ? 6.560   2.852   24.979  1.00 69.00  ? 123  GLN A CB  1 
ATOM   840  C CG  . GLN A 1 117 ? 5.240   3.544   24.670  1.00 73.91  ? 123  GLN A CG  1 
ATOM   841  C CD  . GLN A 1 117 ? 5.279   5.035   24.967  1.00 79.13  ? 123  GLN A CD  1 
ATOM   842  O OE1 . GLN A 1 117 ? 5.434   5.449   26.117  1.00 80.59  ? 123  GLN A OE1 1 
ATOM   843  N NE2 . GLN A 1 117 ? 5.137   5.851   23.926  1.00 78.15  ? 123  GLN A NE2 1 
ATOM   844  N N   . ALA A 1 118 ? 9.532   1.676   24.147  1.00 65.81  ? 124  ALA A N   1 
ATOM   845  C CA  . ALA A 1 118 ? 10.796  1.076   24.574  1.00 63.71  ? 124  ALA A CA  1 
ATOM   846  C C   . ALA A 1 118 ? 12.007  1.562   23.755  1.00 66.59  ? 124  ALA A C   1 
ATOM   847  O O   . ALA A 1 118 ? 13.076  0.945   23.796  1.00 68.11  ? 124  ALA A O   1 
ATOM   848  C CB  . ALA A 1 118 ? 10.689  -0.445  24.532  1.00 61.16  ? 124  ALA A CB  1 
ATOM   849  N N   . GLY A 1 119 ? 11.838  2.656   23.009  1.00 69.25  ? 125  GLY A N   1 
ATOM   850  C CA  . GLY A 1 119 ? 12.939  3.280   22.261  1.00 64.72  ? 125  GLY A CA  1 
ATOM   851  C C   . GLY A 1 119 ? 13.157  2.869   20.809  1.00 64.26  ? 125  GLY A C   1 
ATOM   852  O O   . GLY A 1 119 ? 14.199  3.181   20.234  1.00 63.90  ? 125  GLY A O   1 
ATOM   853  N N   . ALA A 1 120 ? 12.194  2.159   20.217  1.00 60.87  ? 126  ALA A N   1 
ATOM   854  C CA  . ALA A 1 120 ? 12.212  1.860   18.777  1.00 56.26  ? 126  ALA A CA  1 
ATOM   855  C C   . ALA A 1 120 ? 11.677  3.069   17.998  1.00 54.46  ? 126  ALA A C   1 
ATOM   856  O O   . ALA A 1 120 ? 10.994  3.918   18.571  1.00 53.96  ? 126  ALA A O   1 
ATOM   857  C CB  . ALA A 1 120 ? 11.386  0.614   18.470  1.00 51.31  ? 126  ALA A CB  1 
ATOM   858  N N   . ASP A 1 121 ? 11.994  3.165   16.708  1.00 52.43  ? 127  ASP A N   1 
ATOM   859  C CA  . ASP A 1 121 ? 11.499  4.295   15.911  1.00 50.38  ? 127  ASP A CA  1 
ATOM   860  C C   . ASP A 1 121 ? 10.529  3.876   14.788  1.00 43.90  ? 127  ASP A C   1 
ATOM   861  O O   . ASP A 1 121 ? 10.449  2.696   14.426  1.00 41.54  ? 127  ASP A O   1 
ATOM   862  C CB  . ASP A 1 121 ? 12.647  5.206   15.412  1.00 53.16  ? 127  ASP A CB  1 
ATOM   863  C CG  . ASP A 1 121 ? 13.451  4.587   14.291  1.00 56.84  ? 127  ASP A CG  1 
ATOM   864  O OD1 . ASP A 1 121 ? 14.006  3.490   14.484  1.00 61.17  ? 127  ASP A OD1 1 
ATOM   865  O OD2 . ASP A 1 121 ? 13.533  5.208   13.209  1.00 62.95  ? 127  ASP A OD2 1 
ATOM   866  N N   . ILE A 1 122 ? 9.782   4.852   14.275  1.00 38.77  ? 128  ILE A N   1 
ATOM   867  C CA  . ILE A 1 122 ? 8.747   4.629   13.265  1.00 37.16  ? 128  ILE A CA  1 
ATOM   868  C C   . ILE A 1 122 ? 9.227   3.834   12.034  1.00 38.07  ? 128  ILE A C   1 
ATOM   869  O O   . ILE A 1 122 ? 8.436   3.110   11.426  1.00 37.94  ? 128  ILE A O   1 
ATOM   870  C CB  . ILE A 1 122 ? 8.047   5.958   12.870  1.00 37.72  ? 128  ILE A CB  1 
ATOM   871  C CG1 . ILE A 1 122 ? 7.108   6.417   13.998  1.00 39.37  ? 128  ILE A CG1 1 
ATOM   872  C CG2 . ILE A 1 122 ? 7.219   5.797   11.602  1.00 37.90  ? 128  ILE A CG2 1 
ATOM   873  C CD1 . ILE A 1 122 ? 6.743   7.893   13.956  1.00 41.91  ? 128  ILE A CD1 1 
ATOM   874  N N   . SER A 1 123 ? 10.519  3.924   11.695  1.00 36.31  ? 129  SER A N   1 
ATOM   875  C CA  . SER A 1 123 ? 11.055  3.213   10.536  1.00 35.34  ? 129  SER A CA  1 
ATOM   876  C C   . SER A 1 123 ? 11.103  1.689   10.693  1.00 36.81  ? 129  SER A C   1 
ATOM   877  O O   . SER A 1 123 ? 11.323  0.971   9.713   1.00 36.63  ? 129  SER A O   1 
ATOM   878  C CB  . SER A 1 123 ? 12.424  3.752   10.134  1.00 35.28  ? 129  SER A CB  1 
ATOM   879  O OG  . SER A 1 123 ? 13.408  3.374   11.070  1.00 37.98  ? 129  SER A OG  1 
ATOM   880  N N   . MET A 1 124 ? 10.863  1.201   11.908  1.00 37.38  ? 130  MET A N   1 
ATOM   881  C CA  . MET A 1 124 ? 10.853  -0.232  12.191  1.00 36.86  ? 130  MET A CA  1 
ATOM   882  C C   . MET A 1 124 ? 9.462   -0.878  12.040  1.00 36.52  ? 130  MET A C   1 
ATOM   883  O O   . MET A 1 124 ? 9.280   -2.066  12.346  1.00 37.11  ? 130  MET A O   1 
ATOM   884  C CB  . MET A 1 124 ? 11.428  -0.467  13.594  1.00 42.05  ? 130  MET A CB  1 
ATOM   885  C CG  . MET A 1 124 ? 12.934  -0.199  13.697  1.00 47.30  ? 130  MET A CG  1 
ATOM   886  S SD  . MET A 1 124 ? 13.545  0.134   15.374  1.00 54.01  ? 130  MET A SD  1 
ATOM   887  C CE  . MET A 1 124 ? 13.226  -1.458  16.130  1.00 52.62  ? 130  MET A CE  1 
ATOM   888  N N   . ILE A 1 125 ? 8.497   -0.096  11.544  1.00 33.07  ? 131  ILE A N   1 
ATOM   889  C CA  . ILE A 1 125 ? 7.091   -0.499  11.357  1.00 30.48  ? 131  ILE A CA  1 
ATOM   890  C C   . ILE A 1 125 ? 6.857   -1.799  10.561  1.00 31.17  ? 131  ILE A C   1 
ATOM   891  O O   . ILE A 1 125 ? 5.991   -2.603  10.936  1.00 29.61  ? 131  ILE A O   1 
ATOM   892  C CB  . ILE A 1 125 ? 6.238   0.687   10.781  1.00 29.04  ? 131  ILE A CB  1 
ATOM   893  C CG1 . ILE A 1 125 ? 4.724   0.417   10.865  1.00 26.91  ? 131  ILE A CG1 1 
ATOM   894  C CG2 . ILE A 1 125 ? 6.679   1.075   9.365   1.00 27.72  ? 131  ILE A CG2 1 
ATOM   895  C CD1 . ILE A 1 125 ? 3.855   1.614   10.466  1.00 27.28  ? 131  ILE A CD1 1 
ATOM   896  N N   . GLY A 1 126 ? 7.639   -2.014  9.493   1.00 32.32  ? 132  GLY A N   1 
ATOM   897  C CA  . GLY A 1 126 ? 7.562   -3.245  8.670   1.00 31.10  ? 132  GLY A CA  1 
ATOM   898  C C   . GLY A 1 126 ? 7.766   -4.555  9.427   1.00 34.72  ? 132  GLY A C   1 
ATOM   899  O O   . GLY A 1 126 ? 7.076   -5.563  9.157   1.00 33.97  ? 132  GLY A O   1 
ATOM   900  N N   . GLN A 1 127 ? 8.688   -4.540  10.394  1.00 33.73  ? 133  GLN A N   1 
ATOM   901  C CA  . GLN A 1 127 ? 8.905   -5.696  11.273  1.00 37.93  ? 133  GLN A CA  1 
ATOM   902  C C   . GLN A 1 127 ? 7.661   -6.174  12.032  1.00 37.30  ? 133  GLN A C   1 
ATOM   903  O O   . GLN A 1 127 ? 7.691   -7.235  12.634  1.00 41.55  ? 133  GLN A O   1 
ATOM   904  C CB  . GLN A 1 127 ? 9.993   -5.408  12.300  1.00 41.02  ? 133  GLN A CB  1 
ATOM   905  C CG  . GLN A 1 127 ? 11.309  -4.938  11.723  1.00 46.43  ? 133  GLN A CG  1 
ATOM   906  C CD  . GLN A 1 127 ? 12.422  -5.016  12.743  1.00 52.83  ? 133  GLN A CD  1 
ATOM   907  O OE1 . GLN A 1 127 ? 12.571  -6.029  13.438  1.00 57.77  ? 133  GLN A OE1 1 
ATOM   908  N NE2 . GLN A 1 127 ? 13.212  -3.950  12.845  1.00 54.33  ? 133  GLN A NE2 1 
ATOM   909  N N   . PHE A 1 128 ? 6.574   -5.406  12.013  1.00 33.69  ? 134  PHE A N   1 
ATOM   910  C CA  . PHE A 1 128 ? 5.400   -5.771  12.813  1.00 31.42  ? 134  PHE A CA  1 
ATOM   911  C C   . PHE A 1 128 ? 4.199   -6.105  11.943  1.00 30.77  ? 134  PHE A C   1 
ATOM   912  O O   . PHE A 1 128 ? 3.111   -6.323  12.446  1.00 32.09  ? 134  PHE A O   1 
ATOM   913  C CB  . PHE A 1 128 ? 5.070   -4.647  13.814  1.00 30.93  ? 134  PHE A CB  1 
ATOM   914  C CG  . PHE A 1 128 ? 6.187   -4.341  14.784  1.00 30.38  ? 134  PHE A CG  1 
ATOM   915  C CD1 . PHE A 1 128 ? 7.185   -3.431  14.460  1.00 28.87  ? 134  PHE A CD1 1 
ATOM   916  C CD2 . PHE A 1 128 ? 6.243   -4.979  16.033  1.00 31.62  ? 134  PHE A CD2 1 
ATOM   917  C CE1 . PHE A 1 128 ? 8.206   -3.150  15.348  1.00 29.01  ? 134  PHE A CE1 1 
ATOM   918  C CE2 . PHE A 1 128 ? 7.271   -4.701  16.927  1.00 31.18  ? 134  PHE A CE2 1 
ATOM   919  C CZ  . PHE A 1 128 ? 8.257   -3.786  16.577  1.00 31.01  ? 134  PHE A CZ  1 
ATOM   920  N N   . GLY A 1 129 ? 4.418   -6.135  10.630  1.00 32.00  ? 135  GLY A N   1 
ATOM   921  C CA  . GLY A 1 129 ? 3.387   -6.434  9.638   1.00 29.68  ? 135  GLY A CA  1 
ATOM   922  C C   . GLY A 1 129 ? 2.368   -5.326  9.363   1.00 31.47  ? 135  GLY A C   1 
ATOM   923  O O   . GLY A 1 129 ? 1.339   -5.587  8.725   1.00 30.71  ? 135  GLY A O   1 
ATOM   924  N N   . VAL A 1 130 ? 2.624   -4.104  9.843   1.00 30.30  ? 136  VAL A N   1 
ATOM   925  C CA  . VAL A 1 130 ? 1.668   -2.994  9.648   1.00 29.23  ? 136  VAL A CA  1 
ATOM   926  C C   . VAL A 1 130 ? 2.259   -1.830  8.817   1.00 29.22  ? 136  VAL A C   1 
ATOM   927  O O   . VAL A 1 130 ? 1.783   -0.698  8.889   1.00 29.43  ? 136  VAL A O   1 
ATOM   928  C CB  . VAL A 1 130 ? 1.012   -2.503  10.986  1.00 27.90  ? 136  VAL A CB  1 
ATOM   929  C CG1 . VAL A 1 130 ? 0.193   -3.604  11.607  1.00 28.85  ? 136  VAL A CG1 1 
ATOM   930  C CG2 . VAL A 1 130 ? 2.046   -2.003  11.992  1.00 27.46  ? 136  VAL A CG2 1 
ATOM   931  N N   . GLY A 1 131 ? 3.272   -2.129  7.998   1.00 28.34  ? 137  GLY A N   1 
ATOM   932  C CA  . GLY A 1 131 ? 3.888   -1.141  7.110   1.00 24.99  ? 137  GLY A CA  1 
ATOM   933  C C   . GLY A 1 131 ? 2.937   -0.345  6.218   1.00 26.37  ? 137  GLY A C   1 
ATOM   934  O O   . GLY A 1 131 ? 3.193   0.840   5.932   1.00 26.48  ? 137  GLY A O   1 
ATOM   935  N N   . PHE A 1 132 ? 1.855   -0.978  5.760   1.00 24.59  ? 138  PHE A N   1 
ATOM   936  C CA  . PHE A 1 132 ? 0.849   -0.302  4.923   1.00 24.42  ? 138  PHE A CA  1 
ATOM   937  C C   . PHE A 1 132 ? 0.472   1.091   5.470   1.00 25.55  ? 138  PHE A C   1 
ATOM   938  O O   . PHE A 1 132 ? 0.404   2.045   4.706   1.00 26.00  ? 138  PHE A O   1 
ATOM   939  C CB  . PHE A 1 132 ? -0.401  -1.189  4.749   1.00 24.42  ? 138  PHE A CB  1 
ATOM   940  C CG  . PHE A 1 132 ? -1.526  -0.516  4.022   1.00 25.76  ? 138  PHE A CG  1 
ATOM   941  C CD1 . PHE A 1 132 ? -1.474  -0.327  2.645   1.00 25.08  ? 138  PHE A CD1 1 
ATOM   942  C CD2 . PHE A 1 132 ? -2.657  -0.057  4.726   1.00 27.45  ? 138  PHE A CD2 1 
ATOM   943  C CE1 . PHE A 1 132 ? -2.511  0.314   1.971   1.00 26.29  ? 138  PHE A CE1 1 
ATOM   944  C CE2 . PHE A 1 132 ? -3.696  0.588   4.062   1.00 27.78  ? 138  PHE A CE2 1 
ATOM   945  C CZ  . PHE A 1 132 ? -3.625  0.773   2.678   1.00 27.71  ? 138  PHE A CZ  1 
ATOM   946  N N   . TYR A 1 133 ? 0.282   1.214   6.795   1.00 25.38  ? 139  TYR A N   1 
ATOM   947  C CA  . TYR A 1 133 ? -0.215  2.455   7.396   1.00 25.72  ? 139  TYR A CA  1 
ATOM   948  C C   . TYR A 1 133 ? 0.813   3.575   7.412   1.00 26.80  ? 139  TYR A C   1 
ATOM   949  O O   . TYR A 1 133 ? 0.466   4.735   7.655   1.00 26.90  ? 139  TYR A O   1 
ATOM   950  C CB  . TYR A 1 133 ? -0.829  2.202   8.791   1.00 25.37  ? 139  TYR A CB  1 
ATOM   951  C CG  . TYR A 1 133 ? -1.961  1.224   8.706   1.00 24.84  ? 139  TYR A CG  1 
ATOM   952  C CD1 . TYR A 1 133 ? -3.235  1.644   8.331   1.00 24.86  ? 139  TYR A CD1 1 
ATOM   953  C CD2 . TYR A 1 133 ? -1.756  -0.149  8.931   1.00 25.85  ? 139  TYR A CD2 1 
ATOM   954  C CE1 . TYR A 1 133 ? -4.287  0.736   8.202   1.00 23.44  ? 139  TYR A CE1 1 
ATOM   955  C CE2 . TYR A 1 133 ? -2.811  -1.070  8.803   1.00 24.32  ? 139  TYR A CE2 1 
ATOM   956  C CZ  . TYR A 1 133 ? -4.075  -0.608  8.447   1.00 25.51  ? 139  TYR A CZ  1 
ATOM   957  O OH  . TYR A 1 133 ? -5.157  -1.487  8.321   1.00 28.15  ? 139  TYR A OH  1 
ATOM   958  N N   . SER A 1 134 ? 2.073   3.237   7.126   1.00 26.97  ? 140  SER A N   1 
ATOM   959  C CA  . SER A 1 134 ? 3.107   4.254   6.903   1.00 24.95  ? 140  SER A CA  1 
ATOM   960  C C   . SER A 1 134 ? 2.781   5.172   5.706   1.00 24.37  ? 140  SER A C   1 
ATOM   961  O O   . SER A 1 134 ? 3.365   6.258   5.586   1.00 26.21  ? 140  SER A O   1 
ATOM   962  C CB  . SER A 1 134 ? 4.486   3.613   6.693   1.00 24.00  ? 140  SER A CB  1 
ATOM   963  O OG  . SER A 1 134 ? 4.612   3.060   5.389   1.00 23.03  ? 140  SER A OG  1 
ATOM   964  N N   . ALA A 1 135 ? 1.889   4.742   4.814   1.00 23.57  ? 141  ALA A N   1 
ATOM   965  C CA  . ALA A 1 135 ? 1.429   5.638   3.720   1.00 24.37  ? 141  ALA A CA  1 
ATOM   966  C C   . ALA A 1 135 ? 0.948   6.987   4.259   1.00 25.93  ? 141  ALA A C   1 
ATOM   967  O O   . ALA A 1 135 ? 1.096   8.007   3.585   1.00 26.51  ? 141  ALA A O   1 
ATOM   968  C CB  . ALA A 1 135 ? 0.335   4.983   2.893   1.00 24.71  ? 141  ALA A CB  1 
ATOM   969  N N   . TYR A 1 136 ? 0.404   7.003   5.482   1.00 25.78  ? 142  TYR A N   1 
ATOM   970  C CA  . TYR A 1 136 ? -0.121  8.259   6.066   1.00 27.71  ? 142  TYR A CA  1 
ATOM   971  C C   . TYR A 1 136 ? 0.938   9.237   6.602   1.00 28.54  ? 142  TYR A C   1 
ATOM   972  O O   . TYR A 1 136 ? 0.602   10.315  7.081   1.00 27.55  ? 142  TYR A O   1 
ATOM   973  C CB  . TYR A 1 136 ? -1.220  7.963   7.100   1.00 28.20  ? 142  TYR A CB  1 
ATOM   974  C CG  . TYR A 1 136 ? -2.437  7.382   6.423   1.00 27.11  ? 142  TYR A CG  1 
ATOM   975  C CD1 . TYR A 1 136 ? -3.414  8.220   5.869   1.00 27.91  ? 142  TYR A CD1 1 
ATOM   976  C CD2 . TYR A 1 136 ? -2.586  6.005   6.275   1.00 27.22  ? 142  TYR A CD2 1 
ATOM   977  C CE1 . TYR A 1 136 ? -4.533  7.698   5.222   1.00 27.94  ? 142  TYR A CE1 1 
ATOM   978  C CE2 . TYR A 1 136 ? -3.696  5.461   5.615   1.00 28.44  ? 142  TYR A CE2 1 
ATOM   979  C CZ  . TYR A 1 136 ? -4.673  6.315   5.094   1.00 28.97  ? 142  TYR A CZ  1 
ATOM   980  O OH  . TYR A 1 136 ? -5.778  5.808   4.429   1.00 28.36  ? 142  TYR A OH  1 
ATOM   981  N N   . LEU A 1 137 ? 2.215   8.853   6.505   1.00 28.24  ? 143  LEU A N   1 
ATOM   982  C CA  . LEU A 1 137 ? 3.323   9.789   6.720   1.00 28.38  ? 143  LEU A CA  1 
ATOM   983  C C   . LEU A 1 137 ? 3.309   10.879  5.662   1.00 28.47  ? 143  LEU A C   1 
ATOM   984  O O   . LEU A 1 137 ? 3.691   12.011  5.941   1.00 31.02  ? 143  LEU A O   1 
ATOM   985  C CB  . LEU A 1 137 ? 4.688   9.059   6.663   1.00 28.16  ? 143  LEU A CB  1 
ATOM   986  C CG  . LEU A 1 137 ? 5.065   8.185   7.870   1.00 28.63  ? 143  LEU A CG  1 
ATOM   987  C CD1 . LEU A 1 137 ? 6.294   7.332   7.582   1.00 26.31  ? 143  LEU A CD1 1 
ATOM   988  C CD2 . LEU A 1 137 ? 5.243   9.045   9.120   1.00 25.69  ? 143  LEU A CD2 1 
ATOM   989  N N   . VAL A 1 138 ? 2.894   10.527  4.441   1.00 27.21  ? 144  VAL A N   1 
ATOM   990  C CA  . VAL A 1 138 ? 3.024   11.430  3.313   1.00 27.27  ? 144  VAL A CA  1 
ATOM   991  C C   . VAL A 1 138 ? 1.685   11.761  2.607   1.00 28.76  ? 144  VAL A C   1 
ATOM   992  O O   . VAL A 1 138 ? 1.605   12.744  1.866   1.00 27.84  ? 144  VAL A O   1 
ATOM   993  C CB  . VAL A 1 138 ? 4.096   10.942  2.290   1.00 27.86  ? 144  VAL A CB  1 
ATOM   994  C CG1 . VAL A 1 138 ? 5.501   10.850  2.927   1.00 27.82  ? 144  VAL A CG1 1 
ATOM   995  C CG2 . VAL A 1 138 ? 3.689   9.621   1.644   1.00 26.65  ? 144  VAL A CG2 1 
ATOM   996  N N   . ALA A 1 139 ? 0.642   10.967  2.855   1.00 27.77  ? 145  ALA A N   1 
ATOM   997  C CA  . ALA A 1 139 ? -0.601  11.085  2.101   1.00 30.66  ? 145  ALA A CA  1 
ATOM   998  C C   . ALA A 1 139 ? -1.768  11.496  2.983   1.00 32.00  ? 145  ALA A C   1 
ATOM   999  O O   . ALA A 1 139 ? -1.940  10.960  4.066   1.00 32.02  ? 145  ALA A O   1 
ATOM   1000 C CB  . ALA A 1 139 ? -0.919  9.783   1.380   1.00 26.67  ? 145  ALA A CB  1 
ATOM   1001 N N   . GLU A 1 140 ? -2.577  12.440  2.508   1.00 33.31  ? 146  GLU A N   1 
ATOM   1002 C CA  . GLU A 1 140 ? -3.778  12.835  3.238   1.00 36.37  ? 146  GLU A CA  1 
ATOM   1003 C C   . GLU A 1 140 ? -4.917  11.844  2.976   1.00 34.12  ? 146  GLU A C   1 
ATOM   1004 O O   . GLU A 1 140 ? -5.807  11.701  3.798   1.00 34.73  ? 146  GLU A O   1 
ATOM   1005 C CB  . GLU A 1 140 ? -4.198  14.280  2.891   1.00 42.77  ? 146  GLU A CB  1 
ATOM   1006 C CG  . GLU A 1 140 ? -4.543  14.505  1.425   1.00 49.59  ? 146  GLU A CG  1 
ATOM   1007 C CD  . GLU A 1 140 ? -4.549  15.978  1.021   1.00 62.39  ? 146  GLU A CD  1 
ATOM   1008 O OE1 . GLU A 1 140 ? -4.090  16.846  1.816   1.00 65.87  ? 146  GLU A OE1 1 
ATOM   1009 O OE2 . GLU A 1 140 ? -5.009  16.264  -0.111  1.00 64.79  ? 146  GLU A OE2 1 
ATOM   1010 N N   . LYS A 1 141 ? -4.864  11.156  1.838   1.00 30.30  ? 147  LYS A N   1 
ATOM   1011 C CA  . LYS A 1 141 ? -5.859  10.173  1.470   1.00 29.76  ? 147  LYS A CA  1 
ATOM   1012 C C   . LYS A 1 141 ? -5.169  9.012   0.748   1.00 27.88  ? 147  LYS A C   1 
ATOM   1013 O O   . LYS A 1 141 ? -4.233  9.244   -0.031  1.00 26.31  ? 147  LYS A O   1 
ATOM   1014 C CB  . LYS A 1 141 ? -6.936  10.818  0.556   1.00 32.30  ? 147  LYS A CB  1 
ATOM   1015 C CG  . LYS A 1 141 ? -8.017  9.865   0.053   1.00 33.31  ? 147  LYS A CG  1 
ATOM   1016 C CD  . LYS A 1 141 ? -9.270  10.578  -0.455  1.00 38.24  ? 147  LYS A CD  1 
ATOM   1017 C CE  . LYS A 1 141 ? -9.180  10.916  -1.934  1.00 40.73  ? 147  LYS A CE  1 
ATOM   1018 N NZ  . LYS A 1 141 ? -10.529 11.075  -2.550  1.00 49.80  ? 147  LYS A NZ  1 
ATOM   1019 N N   . VAL A 1 142 ? -5.643  7.782   0.995   1.00 26.03  ? 148  VAL A N   1 
ATOM   1020 C CA  . VAL A 1 142 ? -5.181  6.586   0.265   1.00 25.22  ? 148  VAL A CA  1 
ATOM   1021 C C   . VAL A 1 142 ? -6.346  5.845   -0.367  1.00 25.13  ? 148  VAL A C   1 
ATOM   1022 O O   . VAL A 1 142 ? -7.333  5.611   0.293   1.00 25.85  ? 148  VAL A O   1 
ATOM   1023 C CB  . VAL A 1 142 ? -4.396  5.588   1.176   1.00 25.25  ? 148  VAL A CB  1 
ATOM   1024 C CG1 . VAL A 1 142 ? -3.838  4.440   0.341   1.00 23.32  ? 148  VAL A CG1 1 
ATOM   1025 C CG2 . VAL A 1 142 ? -3.248  6.282   1.903   1.00 25.65  ? 148  VAL A CG2 1 
ATOM   1026 N N   . THR A 1 143 ? -6.212  5.465   -1.642  1.00 25.69  ? 149  THR A N   1 
ATOM   1027 C CA  . THR A 1 143 ? -7.196  4.652   -2.356  1.00 27.07  ? 149  THR A CA  1 
ATOM   1028 C C   . THR A 1 143 ? -6.520  3.345   -2.806  1.00 26.22  ? 149  THR A C   1 
ATOM   1029 O O   . THR A 1 143 ? -5.406  3.380   -3.337  1.00 26.49  ? 149  THR A O   1 
ATOM   1030 C CB  . THR A 1 143 ? -7.721  5.385   -3.637  1.00 28.65  ? 149  THR A CB  1 
ATOM   1031 O OG1 . THR A 1 143 ? -8.256  6.663   -3.289  1.00 29.51  ? 149  THR A OG1 1 
ATOM   1032 C CG2 . THR A 1 143 ? -8.801  4.572   -4.357  1.00 27.55  ? 149  THR A CG2 1 
ATOM   1033 N N   . VAL A 1 144 ? -7.188  2.210   -2.628  1.00 25.68  ? 150  VAL A N   1 
ATOM   1034 C CA  . VAL A 1 144 ? -6.632  0.923   -3.075  1.00 25.17  ? 150  VAL A CA  1 
ATOM   1035 C C   . VAL A 1 144 ? -7.654  0.263   -3.978  1.00 26.35  ? 150  VAL A C   1 
ATOM   1036 O O   . VAL A 1 144 ? -8.755  -0.047  -3.518  1.00 26.69  ? 150  VAL A O   1 
ATOM   1037 C CB  . VAL A 1 144 ? -6.314  -0.025  -1.893  1.00 25.17  ? 150  VAL A CB  1 
ATOM   1038 C CG1 . VAL A 1 144 ? -5.798  -1.370  -2.396  1.00 24.87  ? 150  VAL A CG1 1 
ATOM   1039 C CG2 . VAL A 1 144 ? -5.323  0.617   -0.936  1.00 23.64  ? 150  VAL A CG2 1 
ATOM   1040 N N   . ILE A 1 145 ? -7.291  0.094   -5.258  1.00 26.92  ? 151  ILE A N   1 
ATOM   1041 C CA  . ILE A 1 145 ? -8.051  -0.679  -6.234  1.00 27.03  ? 151  ILE A CA  1 
ATOM   1042 C C   . ILE A 1 145 ? -7.390  -2.060  -6.309  1.00 29.46  ? 151  ILE A C   1 
ATOM   1043 O O   . ILE A 1 145 ? -6.154  -2.157  -6.466  1.00 32.33  ? 151  ILE A O   1 
ATOM   1044 C CB  . ILE A 1 145 ? -7.969  -0.038  -7.649  1.00 29.03  ? 151  ILE A CB  1 
ATOM   1045 C CG1 . ILE A 1 145 ? -8.098  1.497   -7.604  1.00 28.98  ? 151  ILE A CG1 1 
ATOM   1046 C CG2 . ILE A 1 145 ? -8.963  -0.668  -8.632  1.00 27.69  ? 151  ILE A CG2 1 
ATOM   1047 C CD1 . ILE A 1 145 ? -9.437  1.995   -7.138  1.00 28.77  ? 151  ILE A CD1 1 
ATOM   1048 N N   . THR A 1 146 ? -8.186  -3.121  -6.223  1.00 28.76  ? 152  THR A N   1 
ATOM   1049 C CA  . THR A 1 146 ? -7.623  -4.461  -6.140  1.00 31.20  ? 152  THR A CA  1 
ATOM   1050 C C   . THR A 1 146 ? -8.518  -5.518  -6.788  1.00 32.32  ? 152  THR A C   1 
ATOM   1051 O O   . THR A 1 146 ? -9.738  -5.418  -6.738  1.00 34.64  ? 152  THR A O   1 
ATOM   1052 C CB  . THR A 1 146 ? -7.276  -4.851  -4.675  1.00 31.06  ? 152  THR A CB  1 
ATOM   1053 O OG1 . THR A 1 146 ? -6.619  -6.127  -4.653  1.00 30.24  ? 152  THR A OG1 1 
ATOM   1054 C CG2 . THR A 1 146 ? -8.520  -4.900  -3.824  1.00 29.90  ? 152  THR A CG2 1 
ATOM   1055 N N   . LYS A 1 147 ? -7.892  -6.503  -7.426  1.00 32.73  ? 153  LYS A N   1 
ATOM   1056 C CA  . LYS A 1 147 ? -8.611  -7.590  -8.077  1.00 34.82  ? 153  LYS A CA  1 
ATOM   1057 C C   . LYS A 1 147 ? -7.933  -8.936  -7.791  1.00 35.30  ? 153  LYS A C   1 
ATOM   1058 O O   . LYS A 1 147 ? -6.760  -9.139  -8.121  1.00 35.93  ? 153  LYS A O   1 
ATOM   1059 C CB  . LYS A 1 147 ? -8.726  -7.332  -9.592  1.00 33.51  ? 153  LYS A CB  1 
ATOM   1060 C CG  . LYS A 1 147 ? -9.254  -8.517  -10.402 1.00 34.15  ? 153  LYS A CG  1 
ATOM   1061 C CD  . LYS A 1 147 ? -10.766 -8.597  -10.450 1.00 33.51  ? 153  LYS A CD  1 
ATOM   1062 C CE  . LYS A 1 147 ? -11.221 -9.587  -11.527 1.00 33.94  ? 153  LYS A CE  1 
ATOM   1063 N NZ  . LYS A 1 147 ? -11.154 -11.008 -11.057 1.00 31.36  ? 153  LYS A NZ  1 
ATOM   1064 N N   . HIS A 1 148 ? -8.682  -9.832  -7.161  1.00 36.44  ? 154  HIS A N   1 
ATOM   1065 C CA  . HIS A 1 148 ? -8.246  -11.202 -6.862  1.00 37.65  ? 154  HIS A CA  1 
ATOM   1066 C C   . HIS A 1 148 ? -8.988  -12.140 -7.776  1.00 38.84  ? 154  HIS A C   1 
ATOM   1067 O O   . HIS A 1 148 ? -10.152 -11.888 -8.095  1.00 41.74  ? 154  HIS A O   1 
ATOM   1068 C CB  . HIS A 1 148 ? -8.572  -11.493 -5.404  1.00 36.21  ? 154  HIS A CB  1 
ATOM   1069 C CG  . HIS A 1 148 ? -8.057  -12.818 -4.887  1.00 37.88  ? 154  HIS A CG  1 
ATOM   1070 N ND1 . HIS A 1 148 ? -8.579  -14.000 -5.266  1.00 41.36  ? 154  HIS A ND1 1 
ATOM   1071 C CD2 . HIS A 1 148 ? -7.094  -13.109 -3.927  1.00 36.35  ? 154  HIS A CD2 1 
ATOM   1072 C CE1 . HIS A 1 148 ? -7.960  -14.996 -4.608  1.00 38.31  ? 154  HIS A CE1 1 
ATOM   1073 N NE2 . HIS A 1 148 ? -7.055  -14.449 -3.789  1.00 38.08  ? 154  HIS A NE2 1 
ATOM   1074 N N   . ASN A 1 149 ? -8.332  -13.218 -8.225  1.00 41.40  ? 155  ASN A N   1 
ATOM   1075 C CA  . ASN A 1 149 ? -8.989  -14.252 -9.048  1.00 42.86  ? 155  ASN A CA  1 
ATOM   1076 C C   . ASN A 1 149 ? -10.304 -14.720 -8.421  1.00 43.52  ? 155  ASN A C   1 
ATOM   1077 O O   . ASN A 1 149 ? -10.390 -14.869 -7.193  1.00 44.98  ? 155  ASN A O   1 
ATOM   1078 C CB  . ASN A 1 149 ? -8.091  -15.482 -9.241  1.00 43.10  ? 155  ASN A CB  1 
ATOM   1079 C CG  . ASN A 1 149 ? -6.929  -15.242 -10.187 1.00 44.50  ? 155  ASN A CG  1 
ATOM   1080 O OD1 . ASN A 1 149 ? -7.017  -14.480 -11.151 1.00 44.96  ? 155  ASN A OD1 1 
ATOM   1081 N ND2 . ASN A 1 149 ? -5.820  -15.921 -9.916  1.00 45.45  ? 155  ASN A ND2 1 
ATOM   1082 N N   . ASP A 1 150 ? -11.318 -14.945 -9.255  1.00 45.97  ? 156  ASP A N   1 
ATOM   1083 C CA  . ASP A 1 150 ? -12.608 -15.505 -8.800  1.00 52.67  ? 156  ASP A CA  1 
ATOM   1084 C C   . ASP A 1 150 ? -13.444 -14.553 -7.942  1.00 52.56  ? 156  ASP A C   1 
ATOM   1085 O O   . ASP A 1 150 ? -14.310 -14.994 -7.182  1.00 55.05  ? 156  ASP A O   1 
ATOM   1086 C CB  . ASP A 1 150 ? -12.396 -16.819 -8.024  1.00 54.95  ? 156  ASP A CB  1 
ATOM   1087 C CG  . ASP A 1 150 ? -11.680 -17.872 -8.843  1.00 58.89  ? 156  ASP A CG  1 
ATOM   1088 O OD1 . ASP A 1 150 ? -12.123 -18.137 -9.982  1.00 58.89  ? 156  ASP A OD1 1 
ATOM   1089 O OD2 . ASP A 1 150 ? -10.675 -18.426 -8.343  1.00 60.94  ? 156  ASP A OD2 1 
ATOM   1090 N N   . ASP A 1 151 ? -13.172 -13.256 -8.059  1.00 51.40  ? 157  ASP A N   1 
ATOM   1091 C CA  . ASP A 1 151 ? -13.838 -12.228 -7.256  1.00 49.91  ? 157  ASP A CA  1 
ATOM   1092 C C   . ASP A 1 151 ? -13.805 -10.937 -8.067  1.00 48.67  ? 157  ASP A C   1 
ATOM   1093 O O   . ASP A 1 151 ? -13.003 -10.801 -9.005  1.00 48.45  ? 157  ASP A O   1 
ATOM   1094 C CB  . ASP A 1 151 ? -13.127 -12.060 -5.899  1.00 52.26  ? 157  ASP A CB  1 
ATOM   1095 C CG  . ASP A 1 151 ? -14.039 -11.500 -4.797  1.00 57.21  ? 157  ASP A CG  1 
ATOM   1096 O OD1 . ASP A 1 151 ? -15.042 -10.809 -5.098  1.00 60.63  ? 157  ASP A OD1 1 
ATOM   1097 O OD2 . ASP A 1 151 ? -13.741 -11.734 -3.605  1.00 58.14  ? 157  ASP A OD2 1 
ATOM   1098 N N   . GLU A 1 152 ? -14.682 -9.998  -7.728  1.00 44.84  ? 158  GLU A N   1 
ATOM   1099 C CA  . GLU A 1 152 ? -14.771 -8.756  -8.477  1.00 45.24  ? 158  GLU A CA  1 
ATOM   1100 C C   . GLU A 1 152 ? -13.715 -7.747  -8.052  1.00 41.71  ? 158  GLU A C   1 
ATOM   1101 O O   . GLU A 1 152 ? -12.975 -7.955  -7.093  1.00 38.40  ? 158  GLU A O   1 
ATOM   1102 C CB  . GLU A 1 152 ? -16.156 -8.139  -8.346  1.00 51.55  ? 158  GLU A CB  1 
ATOM   1103 C CG  . GLU A 1 152 ? -17.211 -8.853  -9.168  1.00 59.82  ? 158  GLU A CG  1 
ATOM   1104 C CD  . GLU A 1 152 ? -18.509 -8.957  -8.400  1.00 67.23  ? 158  GLU A CD  1 
ATOM   1105 O OE1 . GLU A 1 152 ? -19.205 -7.926  -8.247  1.00 67.43  ? 158  GLU A OE1 1 
ATOM   1106 O OE2 . GLU A 1 152 ? -18.817 -10.073 -7.927  1.00 75.30  ? 158  GLU A OE2 1 
ATOM   1107 N N   . GLN A 1 153 ? -13.655 -6.655  -8.796  1.00 39.05  ? 159  GLN A N   1 
ATOM   1108 C CA  . GLN A 1 153 ? -12.730 -5.587  -8.522  1.00 37.82  ? 159  GLN A CA  1 
ATOM   1109 C C   . GLN A 1 153 ? -13.356 -4.663  -7.484  1.00 37.20  ? 159  GLN A C   1 
ATOM   1110 O O   . GLN A 1 153 ? -14.557 -4.375  -7.559  1.00 36.85  ? 159  GLN A O   1 
ATOM   1111 C CB  . GLN A 1 153 ? -12.443 -4.850  -9.819  1.00 35.88  ? 159  GLN A CB  1 
ATOM   1112 C CG  . GLN A 1 153 ? -11.272 -3.907  -9.727  1.00 36.51  ? 159  GLN A CG  1 
ATOM   1113 C CD  . GLN A 1 153 ? -10.761 -3.502  -11.089 1.00 37.77  ? 159  GLN A CD  1 
ATOM   1114 O OE1 . GLN A 1 153 ? -10.348 -4.343  -11.892 1.00 38.20  ? 159  GLN A OE1 1 
ATOM   1115 N NE2 . GLN A 1 153 ? -10.758 -2.207  -11.347 1.00 35.36  ? 159  GLN A NE2 1 
ATOM   1116 N N   . TYR A 1 154 ? -12.546 -4.228  -6.511  1.00 34.48  ? 160  TYR A N   1 
ATOM   1117 C CA  . TYR A 1 154 ? -13.010 -3.385  -5.400  1.00 32.18  ? 160  TYR A CA  1 
ATOM   1118 C C   . TYR A 1 154 ? -12.162 -2.146  -5.226  1.00 31.92  ? 160  TYR A C   1 
ATOM   1119 O O   . TYR A 1 154 ? -10.986 -2.145  -5.588  1.00 30.89  ? 160  TYR A O   1 
ATOM   1120 C CB  . TYR A 1 154 ? -13.019 -4.161  -4.080  1.00 32.09  ? 160  TYR A CB  1 
ATOM   1121 C CG  . TYR A 1 154 ? -13.982 -5.312  -4.079  1.00 34.24  ? 160  TYR A CG  1 
ATOM   1122 C CD1 . TYR A 1 154 ? -15.365 -5.108  -3.912  1.00 35.01  ? 160  TYR A CD1 1 
ATOM   1123 C CD2 . TYR A 1 154 ? -13.524 -6.611  -4.261  1.00 35.08  ? 160  TYR A CD2 1 
ATOM   1124 C CE1 . TYR A 1 154 ? -16.256 -6.176  -3.945  1.00 35.79  ? 160  TYR A CE1 1 
ATOM   1125 C CE2 . TYR A 1 154 ? -14.399 -7.682  -4.286  1.00 35.64  ? 160  TYR A CE2 1 
ATOM   1126 C CZ  . TYR A 1 154 ? -15.755 -7.469  -4.131  1.00 37.42  ? 160  TYR A CZ  1 
ATOM   1127 O OH  . TYR A 1 154 ? -16.597 -8.566  -4.147  1.00 41.15  ? 160  TYR A OH  1 
ATOM   1128 N N   . ALA A 1 155 ? -12.765 -1.093  -4.669  1.00 30.87  ? 161  ALA A N   1 
ATOM   1129 C CA  . ALA A 1 155 ? -12.032 0.108   -4.287  1.00 29.55  ? 161  ALA A CA  1 
ATOM   1130 C C   . ALA A 1 155 ? -12.225 0.338   -2.802  1.00 29.94  ? 161  ALA A C   1 
ATOM   1131 O O   . ALA A 1 155 ? -13.362 0.339   -2.315  1.00 30.30  ? 161  ALA A O   1 
ATOM   1132 C CB  . ALA A 1 155 ? -12.493 1.318   -5.094  1.00 29.96  ? 161  ALA A CB  1 
ATOM   1133 N N   . TRP A 1 156 ? -11.102 0.482   -2.089  1.00 27.85  ? 162  TRP A N   1 
ATOM   1134 C CA  . TRP A 1 156 ? -11.056 0.785   -0.661  1.00 25.34  ? 162  TRP A CA  1 
ATOM   1135 C C   . TRP A 1 156 ? -10.515 2.161   -0.583  1.00 26.23  ? 162  TRP A C   1 
ATOM   1136 O O   . TRP A 1 156 ? -9.710  2.542   -1.421  1.00 28.69  ? 162  TRP A O   1 
ATOM   1137 C CB  . TRP A 1 156 ? -10.080 -0.171  0.009   1.00 23.77  ? 162  TRP A CB  1 
ATOM   1138 C CG  . TRP A 1 156 ? -9.762  0.046   1.478   1.00 22.11  ? 162  TRP A CG  1 
ATOM   1139 C CD1 . TRP A 1 156 ? -10.275 -0.657  2.563   1.00 21.76  ? 162  TRP A CD1 1 
ATOM   1140 C CD2 . TRP A 1 156 ? -8.794  1.001   2.069   1.00 21.49  ? 162  TRP A CD2 1 
ATOM   1141 N NE1 . TRP A 1 156 ? -9.734  -0.203  3.733   1.00 21.46  ? 162  TRP A NE1 1 
ATOM   1142 C CE2 . TRP A 1 156 ? -8.832  0.783   3.499   1.00 21.36  ? 162  TRP A CE2 1 
ATOM   1143 C CE3 . TRP A 1 156 ? -7.930  1.966   1.557   1.00 22.57  ? 162  TRP A CE3 1 
ATOM   1144 C CZ2 . TRP A 1 156 ? -8.034  1.505   4.372   1.00 22.85  ? 162  TRP A CZ2 1 
ATOM   1145 C CZ3 . TRP A 1 156 ? -7.133  2.698   2.443   1.00 22.56  ? 162  TRP A CZ3 1 
ATOM   1146 C CH2 . TRP A 1 156 ? -7.185  2.472   3.820   1.00 22.54  ? 162  TRP A CH2 1 
ATOM   1147 N N   . GLU A 1 157 ? -10.914 2.936   0.417   1.00 27.05  ? 163  GLU A N   1 
ATOM   1148 C CA  . GLU A 1 157 ? -10.467 4.314   0.482   1.00 28.50  ? 163  GLU A CA  1 
ATOM   1149 C C   . GLU A 1 157 ? -10.590 4.841   1.879   1.00 28.60  ? 163  GLU A C   1 
ATOM   1150 O O   . GLU A 1 157 ? -11.587 4.555   2.550   1.00 29.24  ? 163  GLU A O   1 
ATOM   1151 C CB  . GLU A 1 157 ? -11.309 5.187   -0.456  1.00 32.56  ? 163  GLU A CB  1 
ATOM   1152 C CG  . GLU A 1 157 ? -10.806 6.613   -0.572  1.00 37.86  ? 163  GLU A CG  1 
ATOM   1153 C CD  . GLU A 1 157 ? -11.472 7.367   -1.707  1.00 43.17  ? 163  GLU A CD  1 
ATOM   1154 O OE1 . GLU A 1 157 ? -12.626 7.798   -1.534  1.00 47.29  ? 163  GLU A OE1 1 
ATOM   1155 O OE2 . GLU A 1 157 ? -10.833 7.544   -2.768  1.00 46.82  ? 163  GLU A OE2 1 
ATOM   1156 N N   . SER A 1 158 ? -9.590  5.616   2.320   1.00 27.85  ? 164  SER A N   1 
ATOM   1157 C CA  . SER A 1 158 ? -9.663  6.270   3.623   1.00 27.57  ? 164  SER A CA  1 
ATOM   1158 C C   . SER A 1 158 ? -8.826  7.546   3.715   1.00 28.44  ? 164  SER A C   1 
ATOM   1159 O O   . SER A 1 158 ? -7.690  7.605   3.233   1.00 27.34  ? 164  SER A O   1 
ATOM   1160 C CB  . SER A 1 158 ? -9.281  5.298   4.756   1.00 27.04  ? 164  SER A CB  1 
ATOM   1161 O OG  . SER A 1 158 ? -9.468  5.895   6.038   1.00 26.53  ? 164  SER A OG  1 
ATOM   1162 N N   . SER A 1 159 ? -9.391  8.560   4.360   1.00 27.64  ? 165  SER A N   1 
ATOM   1163 C CA  . SER A 1 159 ? -8.618  9.739   4.725   1.00 30.07  ? 165  SER A CA  1 
ATOM   1164 C C   . SER A 1 159 ? -8.366  9.747   6.230   1.00 30.78  ? 165  SER A C   1 
ATOM   1165 O O   . SER A 1 159 ? -8.191  10.809  6.831   1.00 29.98  ? 165  SER A O   1 
ATOM   1166 C CB  . SER A 1 159 ? -9.335  11.024  4.273   1.00 32.32  ? 165  SER A CB  1 
ATOM   1167 O OG  . SER A 1 159 ? -9.595  10.979  2.870   1.00 37.75  ? 165  SER A OG  1 
ATOM   1168 N N   . ALA A 1 160 ? -8.317  8.553   6.829   1.00 30.83  ? 166  ALA A N   1 
ATOM   1169 C CA  . ALA A 1 160 ? -8.232  8.404   8.285   1.00 33.75  ? 166  ALA A CA  1 
ATOM   1170 C C   . ALA A 1 160 ? -9.473  9.012   8.939   1.00 33.75  ? 166  ALA A C   1 
ATOM   1171 O O   . ALA A 1 160 ? -10.554 8.997   8.332   1.00 38.20  ? 166  ALA A O   1 
ATOM   1172 C CB  . ALA A 1 160 ? -6.935  8.996   8.848   1.00 33.70  ? 166  ALA A CB  1 
ATOM   1173 N N   . GLY A 1 161 ? -9.338  9.528   10.155  1.00 35.36  ? 167  GLY A N   1 
ATOM   1174 C CA  . GLY A 1 161 ? -10.492 10.028  10.921  1.00 33.61  ? 167  GLY A CA  1 
ATOM   1175 C C   . GLY A 1 161 ? -11.419 8.924   11.422  1.00 35.30  ? 167  GLY A C   1 
ATOM   1176 O O   . GLY A 1 161 ? -12.608 9.177   11.708  1.00 34.24  ? 167  GLY A O   1 
ATOM   1177 N N   . GLY A 1 162 ? -10.893 7.698   11.523  1.00 32.93  ? 168  GLY A N   1 
ATOM   1178 C CA  . GLY A 1 162 ? -11.644 6.584   12.122  1.00 30.05  ? 168  GLY A CA  1 
ATOM   1179 C C   . GLY A 1 162 ? -12.451 5.711   11.178  1.00 29.12  ? 168  GLY A C   1 
ATOM   1180 O O   . GLY A 1 162 ? -12.967 4.670   11.589  1.00 28.61  ? 168  GLY A O   1 
ATOM   1181 N N   . SER A 1 163 ? -12.551 6.089   9.907   1.00 29.38  ? 169  SER A N   1 
ATOM   1182 C CA  . SER A 1 163 ? -13.367 5.280   8.968   1.00 29.36  ? 169  SER A CA  1 
ATOM   1183 C C   . SER A 1 163 ? -12.715 5.020   7.596   1.00 28.77  ? 169  SER A C   1 
ATOM   1184 O O   . SER A 1 163 ? -11.760 5.719   7.202   1.00 28.82  ? 169  SER A O   1 
ATOM   1185 C CB  . SER A 1 163 ? -14.749 5.936   8.768   1.00 27.95  ? 169  SER A CB  1 
ATOM   1186 O OG  . SER A 1 163 ? -14.636 7.134   8.006   1.00 27.36  ? 169  SER A OG  1 
ATOM   1187 N N   . PHE A 1 164 ? -13.264 4.036   6.879   1.00 26.28  ? 170  PHE A N   1 
ATOM   1188 C CA  . PHE A 1 164 ? -12.886 3.747   5.502   1.00 27.11  ? 170  PHE A CA  1 
ATOM   1189 C C   . PHE A 1 164 ? -14.125 3.335   4.685   1.00 29.12  ? 170  PHE A C   1 
ATOM   1190 O O   . PHE A 1 164 ? -15.161 2.970   5.267   1.00 30.12  ? 170  PHE A O   1 
ATOM   1191 C CB  . PHE A 1 164 ? -11.785 2.668   5.452   1.00 24.93  ? 170  PHE A CB  1 
ATOM   1192 C CG  . PHE A 1 164 ? -12.228 1.308   5.942   1.00 26.34  ? 170  PHE A CG  1 
ATOM   1193 C CD1 . PHE A 1 164 ? -12.122 0.961   7.298   1.00 24.81  ? 170  PHE A CD1 1 
ATOM   1194 C CD2 . PHE A 1 164 ? -12.737 0.360   5.051   1.00 23.95  ? 170  PHE A CD2 1 
ATOM   1195 C CE1 . PHE A 1 164 ? -12.494 -0.307  7.742   1.00 26.48  ? 170  PHE A CE1 1 
ATOM   1196 C CE2 . PHE A 1 164 ? -13.117 -0.897  5.501   1.00 24.20  ? 170  PHE A CE2 1 
ATOM   1197 C CZ  . PHE A 1 164 ? -13.005 -1.235  6.845   1.00 24.87  ? 170  PHE A CZ  1 
ATOM   1198 N N   . THR A 1 165 ? -14.031 3.406   3.355   1.00 28.21  ? 171  THR A N   1 
ATOM   1199 C CA  . THR A 1 165 ? -15.121 2.955   2.495   1.00 29.91  ? 171  THR A CA  1 
ATOM   1200 C C   . THR A 1 165 ? -14.707 1.759   1.626   1.00 30.64  ? 171  THR A C   1 
ATOM   1201 O O   . THR A 1 165 ? -13.535 1.605   1.297   1.00 33.00  ? 171  THR A O   1 
ATOM   1202 C CB  . THR A 1 165 ? -15.620 4.091   1.579   1.00 30.85  ? 171  THR A CB  1 
ATOM   1203 O OG1 . THR A 1 165 ? -14.536 4.554   0.757   1.00 33.35  ? 171  THR A OG1 1 
ATOM   1204 C CG2 . THR A 1 165 ? -16.169 5.276   2.396   1.00 29.04  ? 171  THR A CG2 1 
ATOM   1205 N N   . VAL A 1 166 ? -15.665 0.908   1.271   1.00 31.01  ? 172  VAL A N   1 
ATOM   1206 C CA  . VAL A 1 166 ? -15.460 -0.122  0.258   1.00 32.88  ? 172  VAL A CA  1 
ATOM   1207 C C   . VAL A 1 166 ? -16.652 -0.125  -0.706  1.00 37.04  ? 172  VAL A C   1 
ATOM   1208 O O   . VAL A 1 166 ? -17.802 -0.085  -0.259  1.00 36.67  ? 172  VAL A O   1 
ATOM   1209 C CB  . VAL A 1 166 ? -15.277 -1.532  0.865   1.00 32.27  ? 172  VAL A CB  1 
ATOM   1210 C CG1 . VAL A 1 166 ? -15.226 -2.584  -0.237  1.00 30.22  ? 172  VAL A CG1 1 
ATOM   1211 C CG2 . VAL A 1 166 ? -14.012 -1.601  1.701   1.00 30.76  ? 172  VAL A CG2 1 
ATOM   1212 N N   . ARG A 1 167 ? -16.360 -0.154  -2.014  1.00 37.32  ? 173  ARG A N   1 
ATOM   1213 C CA  . ARG A 1 167 ? -17.358 -0.296  -3.081  1.00 38.03  ? 173  ARG A CA  1 
ATOM   1214 C C   . ARG A 1 167 ? -16.849 -1.211  -4.193  1.00 40.25  ? 173  ARG A C   1 
ATOM   1215 O O   . ARG A 1 167 ? -15.625 -1.409  -4.350  1.00 37.44  ? 173  ARG A O   1 
ATOM   1216 C CB  . ARG A 1 167 ? -17.722 1.060   -3.700  1.00 39.26  ? 173  ARG A CB  1 
ATOM   1217 C CG  . ARG A 1 167 ? -16.530 1.914   -4.108  1.00 43.99  ? 173  ARG A CG  1 
ATOM   1218 C CD  . ARG A 1 167 ? -16.899 3.027   -5.073  1.00 46.40  ? 173  ARG A CD  1 
ATOM   1219 N NE  . ARG A 1 167 ? -15.753 3.908   -5.327  1.00 52.88  ? 173  ARG A NE  1 
ATOM   1220 C CZ  . ARG A 1 167 ? -14.911 3.811   -6.367  1.00 56.17  ? 173  ARG A CZ  1 
ATOM   1221 N NH1 . ARG A 1 167 ? -15.067 2.868   -7.292  1.00 51.61  ? 173  ARG A NH1 1 
ATOM   1222 N NH2 . ARG A 1 167 ? -13.894 4.670   -6.485  1.00 55.60  ? 173  ARG A NH2 1 
ATOM   1223 N N   . THR A 1 168 ? -17.788 -1.753  -4.972  1.00 38.20  ? 174  THR A N   1 
ATOM   1224 C CA  . THR A 1 168 ? -17.459 -2.384  -6.236  1.00 40.41  ? 174  THR A CA  1 
ATOM   1225 C C   . THR A 1 168 ? -16.899 -1.327  -7.186  1.00 40.97  ? 174  THR A C   1 
ATOM   1226 O O   . THR A 1 168 ? -17.456 -0.247  -7.317  1.00 43.24  ? 174  THR A O   1 
ATOM   1227 C CB  . THR A 1 168 ? -18.674 -3.105  -6.840  1.00 43.07  ? 174  THR A CB  1 
ATOM   1228 O OG1 . THR A 1 168 ? -18.969 -4.245  -6.029  1.00 44.75  ? 174  THR A OG1 1 
ATOM   1229 C CG2 . THR A 1 168 ? -18.381 -3.601  -8.258  1.00 44.72  ? 174  THR A CG2 1 
ATOM   1230 N N   . ASP A 1 169 ? -15.766 -1.626  -7.812  1.00 44.03  ? 175  ASP A N   1 
ATOM   1231 C CA  . ASP A 1 169 ? -15.108 -0.651  -8.672  1.00 48.64  ? 175  ASP A CA  1 
ATOM   1232 C C   . ASP A 1 169 ? -15.523 -0.808  -10.141 1.00 55.31  ? 175  ASP A C   1 
ATOM   1233 O O   . ASP A 1 169 ? -15.522 -1.924  -10.699 1.00 50.06  ? 175  ASP A O   1 
ATOM   1234 C CB  . ASP A 1 169 ? -13.589 -0.714  -8.519  1.00 44.08  ? 175  ASP A CB  1 
ATOM   1235 C CG  . ASP A 1 169 ? -12.882 0.375   -9.301  1.00 46.60  ? 175  ASP A CG  1 
ATOM   1236 O OD1 . ASP A 1 169 ? -13.176 1.570   -9.073  1.00 47.87  ? 175  ASP A OD1 1 
ATOM   1237 O OD2 . ASP A 1 169 ? -12.026 0.044   -10.151 1.00 45.25  ? 175  ASP A OD2 1 
ATOM   1238 N N   . THR A 1 170 ? -15.868 0.331   -10.747 1.00 63.22  ? 176  THR A N   1 
ATOM   1239 C CA  . THR A 1 170 ? -16.346 0.395   -12.133 1.00 70.42  ? 176  THR A CA  1 
ATOM   1240 C C   . THR A 1 170 ? -15.318 1.012   -13.094 1.00 72.38  ? 176  THR A C   1 
ATOM   1241 O O   . THR A 1 170 ? -15.483 0.916   -14.309 1.00 76.28  ? 176  THR A O   1 
ATOM   1242 C CB  . THR A 1 170 ? -17.691 1.165   -12.247 1.00 71.05  ? 176  THR A CB  1 
ATOM   1243 O OG1 . THR A 1 170 ? -17.567 2.444   -11.604 1.00 66.23  ? 176  THR A OG1 1 
ATOM   1244 C CG2 . THR A 1 170 ? -18.864 0.361   -11.624 1.00 66.81  ? 176  THR A CG2 1 
ATOM   1245 N N   . GLY A 1 171 ? -14.268 1.641   -12.559 1.00 71.59  ? 177  GLY A N   1 
ATOM   1246 C CA  . GLY A 1 171 ? -13.169 2.175   -13.378 1.00 71.79  ? 177  GLY A CA  1 
ATOM   1247 C C   . GLY A 1 171 ? -12.515 1.121   -14.268 1.00 75.58  ? 177  GLY A C   1 
ATOM   1248 O O   . GLY A 1 171 ? -12.988 -0.022  -14.348 1.00 73.30  ? 177  GLY A O   1 
ATOM   1249 N N   . GLU A 1 172 ? -11.427 1.499   -14.941 1.00 73.77  ? 178  GLU A N   1 
ATOM   1250 C CA  . GLU A 1 172 ? -10.714 0.580   -15.839 1.00 77.02  ? 178  GLU A CA  1 
ATOM   1251 C C   . GLU A 1 172 ? -10.430 -0.771  -15.145 1.00 70.52  ? 178  GLU A C   1 
ATOM   1252 O O   . GLU A 1 172 ? -9.848  -0.791  -14.060 1.00 63.89  ? 178  GLU A O   1 
ATOM   1253 C CB  . GLU A 1 172 ? -9.412  1.227   -16.350 1.00 82.50  ? 178  GLU A CB  1 
ATOM   1254 C CG  . GLU A 1 172 ? -8.985  0.818   -17.765 1.00 93.76  ? 178  GLU A CG  1 
ATOM   1255 C CD  . GLU A 1 172 ? -9.662  1.616   -18.892 1.00 102.75 ? 178  GLU A CD  1 
ATOM   1256 O OE1 . GLU A 1 172 ? -10.613 2.394   -18.628 1.00 107.62 ? 178  GLU A OE1 1 
ATOM   1257 O OE2 . GLU A 1 172 ? -9.242  1.465   -20.067 1.00 97.79  ? 178  GLU A OE2 1 
ATOM   1258 N N   . PRO A 1 173 ? -10.876 -1.895  -15.754 1.00 67.70  ? 179  PRO A N   1 
ATOM   1259 C CA  . PRO A 1 173 ? -10.605 -3.230  -15.196 1.00 66.69  ? 179  PRO A CA  1 
ATOM   1260 C C   . PRO A 1 173 ? -9.107  -3.512  -15.246 1.00 66.71  ? 179  PRO A C   1 
ATOM   1261 O O   . PRO A 1 173 ? -8.433  -3.011  -16.146 1.00 70.02  ? 179  PRO A O   1 
ATOM   1262 C CB  . PRO A 1 173 ? -11.351 -4.181  -16.146 1.00 66.86  ? 179  PRO A CB  1 
ATOM   1263 C CG  . PRO A 1 173 ? -12.271 -3.319  -16.951 1.00 67.57  ? 179  PRO A CG  1 
ATOM   1264 C CD  . PRO A 1 173 ? -11.614 -1.976  -17.028 1.00 69.08  ? 179  PRO A CD  1 
ATOM   1265 N N   . MET A 1 174 ? -8.578  -4.292  -14.302 1.00 62.58  ? 180  MET A N   1 
ATOM   1266 C CA  . MET A 1 174 ? -7.119  -4.425  -14.206 1.00 61.10  ? 180  MET A CA  1 
ATOM   1267 C C   . MET A 1 174 ? -6.529  -5.842  -14.209 1.00 57.13  ? 180  MET A C   1 
ATOM   1268 O O   . MET A 1 174 ? -5.326  -6.006  -14.003 1.00 62.91  ? 180  MET A O   1 
ATOM   1269 C CB  . MET A 1 174 ? -6.575  -3.603  -13.034 1.00 60.78  ? 180  MET A CB  1 
ATOM   1270 C CG  . MET A 1 174 ? -6.972  -4.113  -11.661 1.00 62.41  ? 180  MET A CG  1 
ATOM   1271 S SD  . MET A 1 174 ? -6.480  -2.920  -10.405 1.00 65.02  ? 180  MET A SD  1 
ATOM   1272 C CE  . MET A 1 174 ? -4.696  -2.919  -10.564 1.00 58.38  ? 180  MET A CE  1 
ATOM   1273 N N   . GLY A 1 175 ? -7.350  -6.861  -14.447 1.00 51.32  ? 181  GLY A N   1 
ATOM   1274 C CA  . GLY A 1 175 ? -6.816  -8.217  -14.631 1.00 45.09  ? 181  GLY A CA  1 
ATOM   1275 C C   . GLY A 1 175 ? -6.555  -8.951  -13.328 1.00 39.98  ? 181  GLY A C   1 
ATOM   1276 O O   . GLY A 1 175 ? -7.236  -9.929  -13.033 1.00 42.98  ? 181  GLY A O   1 
ATOM   1277 N N   . ARG A 1 176 ? -5.577  -8.482  -12.552 1.00 33.63  ? 182  ARG A N   1 
ATOM   1278 C CA  . ARG A 1 176 ? -5.262  -9.059  -11.229 1.00 33.04  ? 182  ARG A CA  1 
ATOM   1279 C C   . ARG A 1 176 ? -4.182  -8.225  -10.581 1.00 31.60  ? 182  ARG A C   1 
ATOM   1280 O O   . ARG A 1 176 ? -3.207  -7.864  -11.230 1.00 35.78  ? 182  ARG A O   1 
ATOM   1281 C CB  . ARG A 1 176 ? -4.775  -10.529 -11.325 1.00 30.70  ? 182  ARG A CB  1 
ATOM   1282 C CG  . ARG A 1 176 ? -4.564  -11.211 -9.975  1.00 29.47  ? 182  ARG A CG  1 
ATOM   1283 C CD  . ARG A 1 176 ? -3.646  -12.432 -10.053 1.00 28.35  ? 182  ARG A CD  1 
ATOM   1284 N NE  . ARG A 1 176 ? -2.274  -12.083 -10.427 1.00 30.22  ? 182  ARG A NE  1 
ATOM   1285 C CZ  . ARG A 1 176 ? -1.723  -12.299 -11.626 1.00 30.96  ? 182  ARG A CZ  1 
ATOM   1286 N NH1 . ARG A 1 176 ? -2.412  -12.875 -12.614 1.00 30.22  ? 182  ARG A NH1 1 
ATOM   1287 N NH2 . ARG A 1 176 ? -0.469  -11.930 -11.839 1.00 31.09  ? 182  ARG A NH2 1 
ATOM   1288 N N   . GLY A 1 177 ? -4.352  -7.921  -9.306  1.00 29.53  ? 183  GLY A N   1 
ATOM   1289 C CA  . GLY A 1 177 ? -3.312  -7.270  -8.536  1.00 28.44  ? 183  GLY A CA  1 
ATOM   1290 C C   . GLY A 1 177 ? -3.835  -6.096  -7.752  1.00 28.08  ? 183  GLY A C   1 
ATOM   1291 O O   . GLY A 1 177 ? -5.029  -6.011  -7.449  1.00 29.85  ? 183  GLY A O   1 
ATOM   1292 N N   . THR A 1 178 ? -2.942  -5.167  -7.442  1.00 25.95  ? 184  THR A N   1 
ATOM   1293 C CA  . THR A 1 178 ? -3.280  -4.105  -6.522  1.00 26.30  ? 184  THR A CA  1 
ATOM   1294 C C   . THR A 1 178 ? -2.655  -2.786  -6.929  1.00 26.37  ? 184  THR A C   1 
ATOM   1295 O O   . THR A 1 178 ? -1.476  -2.713  -7.256  1.00 28.27  ? 184  THR A O   1 
ATOM   1296 C CB  . THR A 1 178 ? -2.846  -4.488  -5.096  1.00 26.58  ? 184  THR A CB  1 
ATOM   1297 O OG1 . THR A 1 178 ? -3.573  -5.647  -4.672  1.00 25.82  ? 184  THR A OG1 1 
ATOM   1298 C CG2 . THR A 1 178 ? -3.070  -3.361  -4.126  1.00 27.52  ? 184  THR A CG2 1 
ATOM   1299 N N   . LYS A 1 179 ? -3.457  -1.739  -6.865  1.00 27.94  ? 185  LYS A N   1 
ATOM   1300 C CA  . LYS A 1 179 ? -3.021  -0.403  -7.199  1.00 28.39  ? 185  LYS A CA  1 
ATOM   1301 C C   . LYS A 1 179 ? -3.307  0.489   -5.995  1.00 28.08  ? 185  LYS A C   1 
ATOM   1302 O O   . LYS A 1 179 ? -4.452  0.622   -5.578  1.00 27.53  ? 185  LYS A O   1 
ATOM   1303 C CB  . LYS A 1 179 ? -3.777  0.039   -8.448  1.00 31.02  ? 185  LYS A CB  1 
ATOM   1304 C CG  . LYS A 1 179 ? -3.649  1.496   -8.824  1.00 38.19  ? 185  LYS A CG  1 
ATOM   1305 C CD  . LYS A 1 179 ? -4.064  1.738   -10.286 1.00 43.48  ? 185  LYS A CD  1 
ATOM   1306 C CE  . LYS A 1 179 ? -5.572  1.660   -10.485 1.00 44.43  ? 185  LYS A CE  1 
ATOM   1307 N NZ  . LYS A 1 179 ? -5.941  1.922   -11.904 1.00 48.86  ? 185  LYS A NZ  1 
ATOM   1308 N N   . VAL A 1 180 ? -2.250  1.064   -5.419  1.00 27.36  ? 186  VAL A N   1 
ATOM   1309 C CA  . VAL A 1 180 ? -2.359  1.942   -4.262  1.00 26.57  ? 186  VAL A CA  1 
ATOM   1310 C C   . VAL A 1 180 ? -2.153  3.390   -4.721  1.00 26.53  ? 186  VAL A C   1 
ATOM   1311 O O   . VAL A 1 180 ? -1.120  3.718   -5.293  1.00 25.62  ? 186  VAL A O   1 
ATOM   1312 C CB  . VAL A 1 180 ? -1.300  1.580   -3.186  1.00 26.42  ? 186  VAL A CB  1 
ATOM   1313 C CG1 . VAL A 1 180 ? -1.336  2.559   -2.018  1.00 26.22  ? 186  VAL A CG1 1 
ATOM   1314 C CG2 . VAL A 1 180 ? -1.482  0.139   -2.688  1.00 27.16  ? 186  VAL A CG2 1 
ATOM   1315 N N   . ILE A 1 181 ? -3.119  4.265   -4.449  1.00 26.84  ? 187  ILE A N   1 
ATOM   1316 C CA  . ILE A 1 181 ? -3.031  5.663   -4.904  1.00 26.52  ? 187  ILE A CA  1 
ATOM   1317 C C   . ILE A 1 181 ? -2.840  6.591   -3.712  1.00 27.13  ? 187  ILE A C   1 
ATOM   1318 O O   . ILE A 1 181 ? -3.700  6.661   -2.826  1.00 27.46  ? 187  ILE A O   1 
ATOM   1319 C CB  . ILE A 1 181 ? -4.282  6.065   -5.726  1.00 27.09  ? 187  ILE A CB  1 
ATOM   1320 C CG1 . ILE A 1 181 ? -4.437  5.128   -6.935  1.00 26.14  ? 187  ILE A CG1 1 
ATOM   1321 C CG2 . ILE A 1 181 ? -4.217  7.536   -6.149  1.00 25.26  ? 187  ILE A CG2 1 
ATOM   1322 C CD1 . ILE A 1 181 ? -5.754  5.288   -7.685  1.00 28.30  ? 187  ILE A CD1 1 
ATOM   1323 N N   . LEU A 1 182 ? -1.703  7.283   -3.685  1.00 26.86  ? 188  LEU A N   1 
ATOM   1324 C CA  . LEU A 1 182 ? -1.370  8.174   -2.588  1.00 27.96  ? 188  LEU A CA  1 
ATOM   1325 C C   . LEU A 1 182 ? -1.665  9.621   -2.995  1.00 29.65  ? 188  LEU A C   1 
ATOM   1326 O O   . LEU A 1 182 ? -0.956  10.172  -3.841  1.00 28.25  ? 188  LEU A O   1 
ATOM   1327 C CB  . LEU A 1 182 ? 0.127   8.053   -2.221  1.00 27.78  ? 188  LEU A CB  1 
ATOM   1328 C CG  . LEU A 1 182 ? 0.725   6.707   -1.785  1.00 29.44  ? 188  LEU A CG  1 
ATOM   1329 C CD1 . LEU A 1 182 ? 2.205   6.879   -1.473  1.00 29.13  ? 188  LEU A CD1 1 
ATOM   1330 C CD2 . LEU A 1 182 ? 0.007   6.164   -0.567  1.00 26.11  ? 188  LEU A CD2 1 
ATOM   1331 N N   . HIS A 1 183 ? -2.703  10.223  -2.402  1.00 31.00  ? 189  HIS A N   1 
ATOM   1332 C CA  . HIS A 1 183 ? -2.969  11.658  -2.566  1.00 32.46  ? 189  HIS A CA  1 
ATOM   1333 C C   . HIS A 1 183 ? -2.092  12.389  -1.583  1.00 31.90  ? 189  HIS A C   1 
ATOM   1334 O O   . HIS A 1 183 ? -2.347  12.398  -0.375  1.00 30.51  ? 189  HIS A O   1 
ATOM   1335 C CB  . HIS A 1 183 ? -4.463  11.981  -2.388  1.00 35.39  ? 189  HIS A CB  1 
ATOM   1336 C CG  . HIS A 1 183 ? -5.386  11.157  -3.285  1.00 41.02  ? 189  HIS A CG  1 
ATOM   1337 N ND1 . HIS A 1 183 ? -5.948  11.655  -4.420  1.00 44.20  ? 189  HIS A ND1 1 
ATOM   1338 C CD2 . HIS A 1 183 ? -5.833  9.824   -3.180  1.00 43.96  ? 189  HIS A CD2 1 
ATOM   1339 C CE1 . HIS A 1 183 ? -6.709  10.698  -5.008  1.00 43.48  ? 189  HIS A CE1 1 
ATOM   1340 N NE2 . HIS A 1 183 ? -6.643  9.582   -4.249  1.00 47.34  ? 189  HIS A NE2 1 
ATOM   1341 N N   . LEU A 1 184 ? -1.012  12.975  -2.083  1.00 31.36  ? 190  LEU A N   1 
ATOM   1342 C CA  . LEU A 1 184 ? 0.045   13.485  -1.201  1.00 32.87  ? 190  LEU A CA  1 
ATOM   1343 C C   . LEU A 1 184 ? -0.353  14.763  -0.475  1.00 34.98  ? 190  LEU A C   1 
ATOM   1344 O O   . LEU A 1 184 ? -1.109  15.552  -1.017  1.00 35.67  ? 190  LEU A O   1 
ATOM   1345 C CB  . LEU A 1 184 ? 1.335   13.713  -2.000  1.00 31.25  ? 190  LEU A CB  1 
ATOM   1346 C CG  . LEU A 1 184 ? 1.963   12.475  -2.650  1.00 32.26  ? 190  LEU A CG  1 
ATOM   1347 C CD1 . LEU A 1 184 ? 3.160   12.856  -3.497  1.00 29.94  ? 190  LEU A CD1 1 
ATOM   1348 C CD2 . LEU A 1 184 ? 2.373   11.438  -1.595  1.00 33.31  ? 190  LEU A CD2 1 
ATOM   1349 N N   . LYS A 1 185 ? 0.149   14.955  0.747   1.00 36.72  ? 191  LYS A N   1 
ATOM   1350 C CA  . LYS A 1 185 ? -0.021  16.213  1.483   1.00 41.58  ? 191  LYS A CA  1 
ATOM   1351 C C   . LYS A 1 185 ? 0.710   17.349  0.759   1.00 41.56  ? 191  LYS A C   1 
ATOM   1352 O O   . LYS A 1 185 ? 1.682   17.101  0.040   1.00 41.74  ? 191  LYS A O   1 
ATOM   1353 C CB  . LYS A 1 185 ? 0.526   16.083  2.915   1.00 42.47  ? 191  LYS A CB  1 
ATOM   1354 C CG  . LYS A 1 185 ? -0.332  15.256  3.854   1.00 42.98  ? 191  LYS A CG  1 
ATOM   1355 C CD  . LYS A 1 185 ? 0.163   15.318  5.291   1.00 44.90  ? 191  LYS A CD  1 
ATOM   1356 C CE  . LYS A 1 185 ? 1.035   14.116  5.633   1.00 49.09  ? 191  LYS A CE  1 
ATOM   1357 N NZ  . LYS A 1 185 ? 0.885   13.609  7.042   1.00 50.83  ? 191  LYS A NZ  1 
ATOM   1358 N N   . GLU A 1 186 ? 0.273   18.591  0.974   1.00 43.66  ? 192  GLU A N   1 
ATOM   1359 C CA  . GLU A 1 186 ? 0.806   19.747  0.215   1.00 45.54  ? 192  GLU A CA  1 
ATOM   1360 C C   . GLU A 1 186 ? 2.325   19.892  0.296   1.00 42.23  ? 192  GLU A C   1 
ATOM   1361 O O   . GLU A 1 186 ? 2.986   20.157  -0.709  1.00 39.91  ? 192  GLU A O   1 
ATOM   1362 C CB  . GLU A 1 186 ? 0.125   21.065  0.635   1.00 52.71  ? 192  GLU A CB  1 
ATOM   1363 C CG  . GLU A 1 186 ? 0.419   22.239  -0.307  1.00 59.70  ? 192  GLU A CG  1 
ATOM   1364 C CD  . GLU A 1 186 ? -0.551  23.410  -0.147  1.00 67.84  ? 192  GLU A CD  1 
ATOM   1365 O OE1 . GLU A 1 186 ? -0.921  23.735  1.004   1.00 68.97  ? 192  GLU A OE1 1 
ATOM   1366 O OE2 . GLU A 1 186 ? -0.944  24.013  -1.178  1.00 67.54  ? 192  GLU A OE2 1 
ATOM   1367 N N   . ASP A 1 187 ? 2.874   19.700  1.489   1.00 41.05  ? 193  ASP A N   1 
ATOM   1368 C CA  . ASP A 1 187 ? 4.315   19.837  1.689   1.00 41.65  ? 193  ASP A CA  1 
ATOM   1369 C C   . ASP A 1 187 ? 5.128   18.565  1.424   1.00 40.73  ? 193  ASP A C   1 
ATOM   1370 O O   . ASP A 1 187 ? 6.274   18.471  1.875   1.00 38.95  ? 193  ASP A O   1 
ATOM   1371 C CB  . ASP A 1 187 ? 4.601   20.357  3.106   1.00 42.93  ? 193  ASP A CB  1 
ATOM   1372 C CG  . ASP A 1 187 ? 4.174   19.381  4.202   1.00 44.85  ? 193  ASP A CG  1 
ATOM   1373 O OD1 . ASP A 1 187 ? 3.416   18.420  3.955   1.00 44.68  ? 193  ASP A OD1 1 
ATOM   1374 O OD2 . ASP A 1 187 ? 4.594   19.601  5.348   1.00 48.24  ? 193  ASP A OD2 1 
ATOM   1375 N N   . GLN A 1 188 ? 4.552   17.589  0.716   1.00 36.98  ? 194  GLN A N   1 
ATOM   1376 C CA  . GLN A 1 188 ? 5.270   16.325  0.497   1.00 36.24  ? 194  GLN A CA  1 
ATOM   1377 C C   . GLN A 1 188 ? 5.481   16.001  -0.975  1.00 36.19  ? 194  GLN A C   1 
ATOM   1378 O O   . GLN A 1 188 ? 5.642   14.836  -1.344  1.00 38.36  ? 194  GLN A O   1 
ATOM   1379 C CB  . GLN A 1 188 ? 4.584   15.161  1.222   1.00 33.92  ? 194  GLN A CB  1 
ATOM   1380 C CG  . GLN A 1 188 ? 4.530   15.274  2.743   1.00 34.15  ? 194  GLN A CG  1 
ATOM   1381 C CD  . GLN A 1 188 ? 5.902   15.427  3.406   1.00 36.23  ? 194  GLN A CD  1 
ATOM   1382 O OE1 . GLN A 1 188 ? 6.871   14.746  3.059   1.00 36.25  ? 194  GLN A OE1 1 
ATOM   1383 N NE2 . GLN A 1 188 ? 5.978   16.320  4.390   1.00 36.99  ? 194  GLN A NE2 1 
ATOM   1384 N N   . THR A 1 189 ? 5.490   17.029  -1.818  1.00 36.65  ? 195  THR A N   1 
ATOM   1385 C CA  . THR A 1 189 ? 5.580   16.827  -3.274  1.00 36.28  ? 195  THR A CA  1 
ATOM   1386 C C   . THR A 1 189 ? 6.978   16.474  -3.775  1.00 33.73  ? 195  THR A C   1 
ATOM   1387 O O   . THR A 1 189 ? 7.147   16.113  -4.942  1.00 32.44  ? 195  THR A O   1 
ATOM   1388 C CB  . THR A 1 189 ? 5.045   18.036  -4.064  1.00 38.61  ? 195  THR A CB  1 
ATOM   1389 O OG1 . THR A 1 189 ? 5.689   19.215  -3.592  1.00 40.07  ? 195  THR A OG1 1 
ATOM   1390 C CG2 . THR A 1 189 ? 3.540   18.185  -3.866  1.00 40.46  ? 195  THR A CG2 1 
ATOM   1391 N N   . GLU A 1 190 ? 7.982   16.538  -2.903  1.00 36.14  ? 196  GLU A N   1 
ATOM   1392 C CA  . GLU A 1 190 ? 9.308   16.030  -3.275  1.00 34.76  ? 196  GLU A CA  1 
ATOM   1393 C C   . GLU A 1 190 ? 9.223   14.569  -3.798  1.00 34.63  ? 196  GLU A C   1 
ATOM   1394 O O   . GLU A 1 190 ? 10.035  14.149  -4.637  1.00 36.79  ? 196  GLU A O   1 
ATOM   1395 C CB  . GLU A 1 190 ? 10.293  16.175  -2.112  1.00 38.02  ? 196  GLU A CB  1 
ATOM   1396 C CG  . GLU A 1 190 ? 10.130  15.154  -0.985  1.00 40.07  ? 196  GLU A CG  1 
ATOM   1397 C CD  . GLU A 1 190 ? 11.060  15.408  0.186   1.00 39.51  ? 196  GLU A CD  1 
ATOM   1398 O OE1 . GLU A 1 190 ? 10.685  16.227  1.039   1.00 41.56  ? 196  GLU A OE1 1 
ATOM   1399 O OE2 . GLU A 1 190 ? 12.152  14.792  0.266   1.00 37.99  ? 196  GLU A OE2 1 
ATOM   1400 N N   . TYR A 1 191 ? 8.222   13.813  -3.347  1.00 30.65  ? 197  TYR A N   1 
ATOM   1401 C CA  . TYR A 1 191 ? 8.066   12.408  -3.789  1.00 30.06  ? 197  TYR A CA  1 
ATOM   1402 C C   . TYR A 1 191 ? 7.389   12.223  -5.151  1.00 32.44  ? 197  TYR A C   1 
ATOM   1403 O O   . TYR A 1 191 ? 7.041   11.106  -5.536  1.00 30.59  ? 197  TYR A O   1 
ATOM   1404 C CB  . TYR A 1 191 ? 7.394   11.538  -2.703  1.00 26.97  ? 197  TYR A CB  1 
ATOM   1405 C CG  . TYR A 1 191 ? 8.120   11.656  -1.389  1.00 26.05  ? 197  TYR A CG  1 
ATOM   1406 C CD1 . TYR A 1 191 ? 9.392   11.093  -1.227  1.00 26.52  ? 197  TYR A CD1 1 
ATOM   1407 C CD2 . TYR A 1 191 ? 7.569   12.360  -0.322  1.00 23.92  ? 197  TYR A CD2 1 
ATOM   1408 C CE1 . TYR A 1 191 ? 10.098  11.224  -0.037  1.00 24.80  ? 197  TYR A CE1 1 
ATOM   1409 C CE2 . TYR A 1 191 ? 8.274   12.496  0.876   1.00 24.74  ? 197  TYR A CE2 1 
ATOM   1410 C CZ  . TYR A 1 191 ? 9.538   11.923  1.006   1.00 24.65  ? 197  TYR A CZ  1 
ATOM   1411 O OH  . TYR A 1 191 ? 10.247  12.037  2.178   1.00 25.28  ? 197  TYR A OH  1 
ATOM   1412 N N   . LEU A 1 192 ? 7.226   13.318  -5.888  1.00 34.32  ? 198  LEU A N   1 
ATOM   1413 C CA  . LEU A 1 192 ? 6.828   13.234  -7.285  1.00 35.88  ? 198  LEU A CA  1 
ATOM   1414 C C   . LEU A 1 192 ? 8.023   13.455  -8.211  1.00 37.37  ? 198  LEU A C   1 
ATOM   1415 O O   . LEU A 1 192 ? 7.906   13.281  -9.424  1.00 38.71  ? 198  LEU A O   1 
ATOM   1416 C CB  . LEU A 1 192 ? 5.693   14.226  -7.593  1.00 35.96  ? 198  LEU A CB  1 
ATOM   1417 C CG  . LEU A 1 192 ? 4.389   14.011  -6.806  1.00 36.61  ? 198  LEU A CG  1 
ATOM   1418 C CD1 . LEU A 1 192 ? 3.412   15.167  -6.970  1.00 35.65  ? 198  LEU A CD1 1 
ATOM   1419 C CD2 . LEU A 1 192 ? 3.724   12.687  -7.153  1.00 35.84  ? 198  LEU A CD2 1 
ATOM   1420 N N   . GLU A 1 193 ? 9.173   13.818  -7.645  1.00 39.97  ? 199  GLU A N   1 
ATOM   1421 C CA  . GLU A 1 193 ? 10.381  14.111  -8.447  1.00 42.74  ? 199  GLU A CA  1 
ATOM   1422 C C   . GLU A 1 193 ? 11.094  12.827  -8.799  1.00 40.30  ? 199  GLU A C   1 
ATOM   1423 O O   . GLU A 1 193 ? 11.377  12.018  -7.910  1.00 40.44  ? 199  GLU A O   1 
ATOM   1424 C CB  . GLU A 1 193 ? 11.374  15.013  -7.681  1.00 49.37  ? 199  GLU A CB  1 
ATOM   1425 C CG  . GLU A 1 193 ? 10.815  16.302  -7.082  1.00 59.36  ? 199  GLU A CG  1 
ATOM   1426 C CD  . GLU A 1 193 ? 10.457  17.357  -8.116  1.00 68.06  ? 199  GLU A CD  1 
ATOM   1427 O OE1 . GLU A 1 193 ? 11.056  17.350  -9.218  1.00 74.72  ? 199  GLU A OE1 1 
ATOM   1428 O OE2 . GLU A 1 193 ? 9.577   18.201  -7.822  1.00 73.46  ? 199  GLU A OE2 1 
ATOM   1429 N N   . GLU A 1 194 ? 11.415  12.649  -10.078 1.00 40.86  ? 200  GLU A N   1 
ATOM   1430 C CA  . GLU A 1 194 ? 12.140  11.461  -10.533 1.00 41.43  ? 200  GLU A CA  1 
ATOM   1431 C C   . GLU A 1 194 ? 13.402  11.156  -9.705  1.00 39.51  ? 200  GLU A C   1 
ATOM   1432 O O   . GLU A 1 194 ? 13.559  10.038  -9.207  1.00 39.64  ? 200  GLU A O   1 
ATOM   1433 C CB  . GLU A 1 194 ? 12.488  11.548  -12.030 1.00 45.99  ? 200  GLU A CB  1 
ATOM   1434 C CG  . GLU A 1 194 ? 13.050  10.239  -12.593 1.00 48.18  ? 200  GLU A CG  1 
ATOM   1435 C CD  . GLU A 1 194 ? 13.447  10.296  -14.069 1.00 57.99  ? 200  GLU A CD  1 
ATOM   1436 O OE1 . GLU A 1 194 ? 13.495  11.396  -14.673 1.00 61.15  ? 200  GLU A OE1 1 
ATOM   1437 O OE2 . GLU A 1 194 ? 13.720  9.217   -14.641 1.00 61.57  ? 200  GLU A OE2 1 
ATOM   1438 N N   . ARG A 1 195 ? 14.282  12.151  -9.578  1.00 38.99  ? 201  ARG A N   1 
ATOM   1439 C CA  . ARG A 1 195 ? 15.539  12.060  -8.810  1.00 42.11  ? 201  ARG A CA  1 
ATOM   1440 C C   . ARG A 1 195 ? 15.373  11.594  -7.362  1.00 36.56  ? 201  ARG A C   1 
ATOM   1441 O O   . ARG A 1 195 ? 16.215  10.878  -6.859  1.00 34.51  ? 201  ARG A O   1 
ATOM   1442 C CB  . ARG A 1 195 ? 16.216  13.432  -8.715  1.00 48.73  ? 201  ARG A CB  1 
ATOM   1443 C CG  . ARG A 1 195 ? 17.107  13.896  -9.857  1.00 55.63  ? 201  ARG A CG  1 
ATOM   1444 C CD  . ARG A 1 195 ? 17.417  15.370  -9.594  1.00 61.82  ? 201  ARG A CD  1 
ATOM   1445 N NE  . ARG A 1 195 ? 16.357  15.943  -8.752  1.00 64.76  ? 201  ARG A NE  1 
ATOM   1446 C CZ  . ARG A 1 195 ? 16.421  17.098  -8.092  1.00 69.65  ? 201  ARG A CZ  1 
ATOM   1447 N NH1 . ARG A 1 195 ? 17.512  17.860  -8.162  1.00 68.04  ? 201  ARG A NH1 1 
ATOM   1448 N NH2 . ARG A 1 195 ? 15.380  17.489  -7.356  1.00 68.64  ? 201  ARG A NH2 1 
ATOM   1449 N N   . ARG A 1 196 ? 14.328  12.067  -6.689  1.00 33.05  ? 202  ARG A N   1 
ATOM   1450 C CA  . ARG A 1 196 ? 14.098  11.757  -5.280  1.00 31.87  ? 202  ARG A CA  1 
ATOM   1451 C C   . ARG A 1 196 ? 13.633  10.309  -5.154  1.00 31.59  ? 202  ARG A C   1 
ATOM   1452 O O   . ARG A 1 196 ? 14.132  9.574   -4.297  1.00 32.95  ? 202  ARG A O   1 
ATOM   1453 C CB  . ARG A 1 196 ? 13.071  12.746  -4.686  1.00 30.46  ? 202  ARG A CB  1 
ATOM   1454 C CG  . ARG A 1 196 ? 12.777  12.569  -3.214  1.00 30.87  ? 202  ARG A CG  1 
ATOM   1455 C CD  . ARG A 1 196 ? 13.993  12.931  -2.364  1.00 30.58  ? 202  ARG A CD  1 
ATOM   1456 N NE  . ARG A 1 196 ? 13.674  12.923  -0.945  1.00 29.18  ? 202  ARG A NE  1 
ATOM   1457 C CZ  . ARG A 1 196 ? 14.136  12.039  -0.066  1.00 30.80  ? 202  ARG A CZ  1 
ATOM   1458 N NH1 . ARG A 1 196 ? 14.978  11.067  -0.441  1.00 29.61  ? 202  ARG A NH1 1 
ATOM   1459 N NH2 . ARG A 1 196 ? 13.763  12.140  1.207   1.00 28.61  ? 202  ARG A NH2 1 
ATOM   1460 N N   . ILE A 1 197 ? 12.709  9.904   -6.032  1.00 29.94  ? 203  ILE A N   1 
ATOM   1461 C CA  . ILE A 1 197 ? 12.185  8.531   -6.076  1.00 30.60  ? 203  ILE A CA  1 
ATOM   1462 C C   . ILE A 1 197 ? 13.288  7.507   -6.376  1.00 31.14  ? 203  ILE A C   1 
ATOM   1463 O O   . ILE A 1 197 ? 13.360  6.460   -5.718  1.00 31.53  ? 203  ILE A O   1 
ATOM   1464 C CB  . ILE A 1 197 ? 11.015  8.375   -7.082  1.00 29.22  ? 203  ILE A CB  1 
ATOM   1465 C CG1 . ILE A 1 197 ? 9.779   9.127   -6.613  1.00 30.19  ? 203  ILE A CG1 1 
ATOM   1466 C CG2 . ILE A 1 197 ? 10.650  6.911   -7.265  1.00 28.87  ? 203  ILE A CG2 1 
ATOM   1467 C CD1 . ILE A 1 197 ? 8.730   9.303   -7.703  1.00 32.30  ? 203  ILE A CD1 1 
ATOM   1468 N N   . LYS A 1 198 ? 14.140  7.817   -7.352  1.00 31.14  ? 204  LYS A N   1 
ATOM   1469 C CA  . LYS A 1 198 ? 15.288  6.964   -7.681  1.00 33.58  ? 204  LYS A CA  1 
ATOM   1470 C C   . LYS A 1 198 ? 16.239  6.820   -6.500  1.00 33.39  ? 204  LYS A C   1 
ATOM   1471 O O   . LYS A 1 198 ? 16.679  5.718   -6.195  1.00 33.86  ? 204  LYS A O   1 
ATOM   1472 C CB  . LYS A 1 198 ? 16.061  7.515   -8.874  1.00 35.00  ? 204  LYS A CB  1 
ATOM   1473 C CG  . LYS A 1 198 ? 15.698  6.872   -10.195 1.00 40.38  ? 204  LYS A CG  1 
ATOM   1474 C CD  . LYS A 1 198 ? 16.360  7.611   -11.346 1.00 45.77  ? 204  LYS A CD  1 
ATOM   1475 C CE  . LYS A 1 198 ? 15.770  7.220   -12.694 1.00 50.28  ? 204  LYS A CE  1 
ATOM   1476 N NZ  . LYS A 1 198 ? 16.328  8.108   -13.757 1.00 51.58  ? 204  LYS A NZ  1 
ATOM   1477 N N   . GLU A 1 199 ? 16.550  7.939   -5.840  1.00 31.03  ? 205  GLU A N   1 
ATOM   1478 C CA  . GLU A 1 199 ? 17.401  7.914   -4.652  1.00 32.73  ? 205  GLU A CA  1 
ATOM   1479 C C   . GLU A 1 199 ? 16.818  7.008   -3.531  1.00 31.22  ? 205  GLU A C   1 
ATOM   1480 O O   . GLU A 1 199 ? 17.550  6.264   -2.887  1.00 30.87  ? 205  GLU A O   1 
ATOM   1481 C CB  . GLU A 1 199 ? 17.633  9.351   -4.160  1.00 33.41  ? 205  GLU A CB  1 
ATOM   1482 C CG  . GLU A 1 199 ? 18.340  9.475   -2.822  1.00 34.59  ? 205  GLU A CG  1 
ATOM   1483 C CD  . GLU A 1 199 ? 18.212  10.865  -2.229  1.00 36.53  ? 205  GLU A CD  1 
ATOM   1484 O OE1 . GLU A 1 199 ? 17.072  11.389  -2.182  1.00 37.57  ? 205  GLU A OE1 1 
ATOM   1485 O OE2 . GLU A 1 199 ? 19.246  11.426  -1.794  1.00 35.31  ? 205  GLU A OE2 1 
ATOM   1486 N N   . ILE A 1 200 ? 15.504  7.055   -3.333  1.00 29.34  ? 206  ILE A N   1 
ATOM   1487 C CA  . ILE A 1 200 ? 14.868  6.265   -2.281  1.00 31.46  ? 206  ILE A CA  1 
ATOM   1488 C C   . ILE A 1 200 ? 14.805  4.768   -2.608  1.00 32.30  ? 206  ILE A C   1 
ATOM   1489 O O   . ILE A 1 200 ? 15.046  3.940   -1.731  1.00 33.27  ? 206  ILE A O   1 
ATOM   1490 C CB  . ILE A 1 200 ? 13.460  6.799   -1.959  1.00 30.77  ? 206  ILE A CB  1 
ATOM   1491 C CG1 . ILE A 1 200 ? 13.553  8.210   -1.376  1.00 30.83  ? 206  ILE A CG1 1 
ATOM   1492 C CG2 . ILE A 1 200 ? 12.732  5.876   -1.004  1.00 31.06  ? 206  ILE A CG2 1 
ATOM   1493 C CD1 . ILE A 1 200 ? 12.220  8.947   -1.355  1.00 32.08  ? 206  ILE A CD1 1 
ATOM   1494 N N   . VAL A 1 201 ? 14.458  4.428   -3.854  1.00 32.41  ? 207  VAL A N   1 
ATOM   1495 C CA  . VAL A 1 201 ? 14.468  3.033   -4.312  1.00 32.40  ? 207  VAL A CA  1 
ATOM   1496 C C   . VAL A 1 201 ? 15.879  2.423   -4.166  1.00 34.46  ? 207  VAL A C   1 
ATOM   1497 O O   . VAL A 1 201 ? 16.034  1.309   -3.673  1.00 33.59  ? 207  VAL A O   1 
ATOM   1498 C CB  . VAL A 1 201 ? 13.956  2.888   -5.766  1.00 30.53  ? 207  VAL A CB  1 
ATOM   1499 C CG1 . VAL A 1 201 ? 14.116  1.458   -6.259  1.00 30.29  ? 207  VAL A CG1 1 
ATOM   1500 C CG2 . VAL A 1 201 ? 12.493  3.281   -5.863  1.00 30.07  ? 207  VAL A CG2 1 
ATOM   1501 N N   . LYS A 1 202 ? 16.893  3.179   -4.570  1.00 36.54  ? 208  LYS A N   1 
ATOM   1502 C CA  . LYS A 1 202 ? 18.283  2.736   -4.499  1.00 43.33  ? 208  LYS A CA  1 
ATOM   1503 C C   . LYS A 1 202 ? 18.745  2.467   -3.050  1.00 43.91  ? 208  LYS A C   1 
ATOM   1504 O O   . LYS A 1 202 ? 19.389  1.454   -2.771  1.00 43.89  ? 208  LYS A O   1 
ATOM   1505 C CB  . LYS A 1 202 ? 19.190  3.756   -5.196  1.00 45.39  ? 208  LYS A CB  1 
ATOM   1506 C CG  . LYS A 1 202 ? 20.684  3.421   -5.200  1.00 52.91  ? 208  LYS A CG  1 
ATOM   1507 C CD  . LYS A 1 202 ? 21.457  4.397   -6.090  1.00 54.82  ? 208  LYS A CD  1 
ATOM   1508 C CE  . LYS A 1 202 ? 22.792  4.802   -5.474  1.00 59.37  ? 208  LYS A CE  1 
ATOM   1509 N NZ  . LYS A 1 202 ? 23.851  3.758   -5.589  1.00 59.04  ? 208  LYS A NZ  1 
ATOM   1510 N N   . LYS A 1 203 ? 18.390  3.373   -2.142  1.00 43.86  ? 209  LYS A N   1 
ATOM   1511 C CA  . LYS A 1 203 ? 18.775  3.292   -0.737  1.00 42.94  ? 209  LYS A CA  1 
ATOM   1512 C C   . LYS A 1 203 ? 18.065  2.174   0.023   1.00 43.19  ? 209  LYS A C   1 
ATOM   1513 O O   . LYS A 1 203 ? 18.686  1.503   0.847   1.00 42.06  ? 209  LYS A O   1 
ATOM   1514 C CB  . LYS A 1 203 ? 18.485  4.636   -0.054  1.00 47.00  ? 209  LYS A CB  1 
ATOM   1515 C CG  . LYS A 1 203 ? 19.089  4.804   1.329   1.00 51.20  ? 209  LYS A CG  1 
ATOM   1516 C CD  . LYS A 1 203 ? 18.721  6.160   1.918   1.00 55.27  ? 209  LYS A CD  1 
ATOM   1517 C CE  . LYS A 1 203 ? 19.309  6.334   3.309   1.00 58.67  ? 209  LYS A CE  1 
ATOM   1518 N NZ  . LYS A 1 203 ? 18.963  7.664   3.892   1.00 64.29  ? 209  LYS A NZ  1 
ATOM   1519 N N   . HIS A 1 204 ? 16.769  1.979   -0.242  1.00 40.31  ? 210  HIS A N   1 
ATOM   1520 C CA  . HIS A 1 204 ? 15.940  1.119   0.612   1.00 39.30  ? 210  HIS A CA  1 
ATOM   1521 C C   . HIS A 1 204 ? 15.331  -0.107  -0.030  1.00 39.26  ? 210  HIS A C   1 
ATOM   1522 O O   . HIS A 1 204 ? 14.880  -0.990  0.686   1.00 37.70  ? 210  HIS A O   1 
ATOM   1523 C CB  . HIS A 1 204 ? 14.843  1.934   1.295   1.00 41.17  ? 210  HIS A CB  1 
ATOM   1524 C CG  . HIS A 1 204 ? 15.355  2.909   2.327   1.00 42.09  ? 210  HIS A CG  1 
ATOM   1525 N ND1 . HIS A 1 204 ? 16.130  2.528   3.364   1.00 44.10  ? 210  HIS A ND1 1 
ATOM   1526 C CD2 . HIS A 1 204 ? 15.165  4.285   2.460   1.00 44.99  ? 210  HIS A CD2 1 
ATOM   1527 C CE1 . HIS A 1 204 ? 16.428  3.604   4.122   1.00 44.84  ? 210  HIS A CE1 1 
ATOM   1528 N NE2 . HIS A 1 204 ? 15.834  4.681   3.568   1.00 46.43  ? 210  HIS A NE2 1 
ATOM   1529 N N   . SER A 1 205 ? 15.308  -0.181  -1.364  1.00 37.28  ? 211  SER A N   1 
ATOM   1530 C CA  . SER A 1 205 ? 14.606  -1.270  -2.048  1.00 37.88  ? 211  SER A CA  1 
ATOM   1531 C C   . SER A 1 205 ? 15.404  -1.897  -3.188  1.00 40.13  ? 211  SER A C   1 
ATOM   1532 O O   . SER A 1 205 ? 14.823  -2.465  -4.117  1.00 44.40  ? 211  SER A O   1 
ATOM   1533 C CB  . SER A 1 205 ? 13.249  -0.780  -2.584  1.00 36.20  ? 211  SER A CB  1 
ATOM   1534 O OG  . SER A 1 205 ? 12.423  -0.267  -1.550  1.00 33.40  ? 211  SER A OG  1 
ATOM   1535 N N   . GLN A 1 206 ? 16.727  -1.830  -3.105  1.00 42.77  ? 212  GLN A N   1 
ATOM   1536 C CA  . GLN A 1 206 ? 17.578  -2.233  -4.231  1.00 46.18  ? 212  GLN A CA  1 
ATOM   1537 C C   . GLN A 1 206 ? 17.606  -3.737  -4.552  1.00 42.35  ? 212  GLN A C   1 
ATOM   1538 O O   . GLN A 1 206 ? 18.058  -4.112  -5.636  1.00 38.87  ? 212  GLN A O   1 
ATOM   1539 C CB  . GLN A 1 206 ? 19.011  -1.673  -4.088  1.00 52.88  ? 212  GLN A CB  1 
ATOM   1540 C CG  . GLN A 1 206 ? 19.850  -2.304  -2.980  1.00 60.09  ? 212  GLN A CG  1 
ATOM   1541 C CD  . GLN A 1 206 ? 21.334  -1.928  -3.038  1.00 67.81  ? 212  GLN A CD  1 
ATOM   1542 O OE1 . GLN A 1 206 ? 21.978  -1.991  -4.095  1.00 69.73  ? 212  GLN A OE1 1 
ATOM   1543 N NE2 . GLN A 1 206 ? 21.888  -1.558  -1.887  1.00 69.69  ? 212  GLN A NE2 1 
ATOM   1544 N N   . PHE A 1 207 ? 17.128  -4.582  -3.634  1.00 41.09  ? 213  PHE A N   1 
ATOM   1545 C CA  . PHE A 1 207 ? 17.175  -6.050  -3.844  1.00 39.39  ? 213  PHE A CA  1 
ATOM   1546 C C   . PHE A 1 207 ? 15.831  -6.762  -3.957  1.00 38.95  ? 213  PHE A C   1 
ATOM   1547 O O   . PHE A 1 207 ? 15.744  -7.970  -3.747  1.00 43.59  ? 213  PHE A O   1 
ATOM   1548 C CB  . PHE A 1 207 ? 18.061  -6.731  -2.790  1.00 39.41  ? 213  PHE A CB  1 
ATOM   1549 C CG  . PHE A 1 207 ? 19.510  -6.353  -2.904  1.00 39.11  ? 213  PHE A CG  1 
ATOM   1550 C CD1 . PHE A 1 207 ? 20.206  -6.580  -4.089  1.00 39.17  ? 213  PHE A CD1 1 
ATOM   1551 C CD2 . PHE A 1 207 ? 20.168  -5.759  -1.846  1.00 40.95  ? 213  PHE A CD2 1 
ATOM   1552 C CE1 . PHE A 1 207 ? 21.537  -6.227  -4.214  1.00 43.63  ? 213  PHE A CE1 1 
ATOM   1553 C CE2 . PHE A 1 207 ? 21.503  -5.400  -1.957  1.00 42.98  ? 213  PHE A CE2 1 
ATOM   1554 C CZ  . PHE A 1 207 ? 22.190  -5.635  -3.139  1.00 43.98  ? 213  PHE A CZ  1 
ATOM   1555 N N   . ILE A 1 208 ? 14.792  -6.011  -4.314  1.00 37.05  ? 214  ILE A N   1 
ATOM   1556 C CA  . ILE A 1 208 ? 13.483  -6.584  -4.633  1.00 33.17  ? 214  ILE A CA  1 
ATOM   1557 C C   . ILE A 1 208 ? 13.605  -7.469  -5.881  1.00 32.26  ? 214  ILE A C   1 
ATOM   1558 O O   . ILE A 1 208 ? 14.204  -7.057  -6.873  1.00 32.50  ? 214  ILE A O   1 
ATOM   1559 C CB  . ILE A 1 208 ? 12.445  -5.446  -4.814  1.00 31.21  ? 214  ILE A CB  1 
ATOM   1560 C CG1 . ILE A 1 208 ? 12.290  -4.663  -3.492  1.00 32.68  ? 214  ILE A CG1 1 
ATOM   1561 C CG2 . ILE A 1 208 ? 11.102  -5.958  -5.328  1.00 28.51  ? 214  ILE A CG2 1 
ATOM   1562 C CD1 . ILE A 1 208 ? 11.865  -5.462  -2.262  1.00 28.69  ? 214  ILE A CD1 1 
ATOM   1563 N N   . GLY A 1 209 ? 13.043  -8.675  -5.843  1.00 29.05  ? 215  GLY A N   1 
ATOM   1564 C CA  . GLY A 1 209 ? 13.218  -9.627  -6.949  1.00 29.08  ? 215  GLY A CA  1 
ATOM   1565 C C   . GLY A 1 209 ? 12.164  -9.556  -8.050  1.00 31.58  ? 215  GLY A C   1 
ATOM   1566 O O   . GLY A 1 209 ? 11.763  -10.578 -8.625  1.00 30.73  ? 215  GLY A O   1 
ATOM   1567 N N   . TYR A 1 210 ? 11.705  -8.344  -8.346  1.00 32.65  ? 216  TYR A N   1 
ATOM   1568 C CA  . TYR A 1 210 ? 10.726  -8.120  -9.412  1.00 31.04  ? 216  TYR A CA  1 
ATOM   1569 C C   . TYR A 1 210 ? 11.107  -6.816  -10.079 1.00 30.99  ? 216  TYR A C   1 
ATOM   1570 O O   . TYR A 1 210 ? 11.612  -5.914  -9.411  1.00 31.86  ? 216  TYR A O   1 
ATOM   1571 C CB  . TYR A 1 210 ? 9.301   -8.050  -8.835  1.00 31.14  ? 216  TYR A CB  1 
ATOM   1572 C CG  . TYR A 1 210 ? 8.860   -9.363  -8.236  1.00 31.14  ? 216  TYR A CG  1 
ATOM   1573 C CD1 . TYR A 1 210 ? 8.440   -10.427 -9.063  1.00 29.80  ? 216  TYR A CD1 1 
ATOM   1574 C CD2 . TYR A 1 210 ? 8.889   -9.567  -6.849  1.00 29.32  ? 216  TYR A CD2 1 
ATOM   1575 C CE1 . TYR A 1 210 ? 8.061   -11.648 -8.516  1.00 29.60  ? 216  TYR A CE1 1 
ATOM   1576 C CE2 . TYR A 1 210 ? 8.506   -10.785 -6.292  1.00 28.27  ? 216  TYR A CE2 1 
ATOM   1577 C CZ  . TYR A 1 210 ? 8.098   -11.821 -7.129  1.00 30.29  ? 216  TYR A CZ  1 
ATOM   1578 O OH  . TYR A 1 210 ? 7.712   -13.036 -6.593  1.00 31.92  ? 216  TYR A OH  1 
ATOM   1579 N N   . PRO A 1 211 ? 10.890  -6.704  -11.398 1.00 31.37  ? 217  PRO A N   1 
ATOM   1580 C CA  . PRO A 1 211 ? 11.242  -5.436  -12.046 1.00 30.42  ? 217  PRO A CA  1 
ATOM   1581 C C   . PRO A 1 211 ? 10.350  -4.296  -11.544 1.00 29.70  ? 217  PRO A C   1 
ATOM   1582 O O   . PRO A 1 211 ? 9.143   -4.481  -11.353 1.00 31.56  ? 217  PRO A O   1 
ATOM   1583 C CB  . PRO A 1 211 ? 10.977  -5.706  -13.544 1.00 31.17  ? 217  PRO A CB  1 
ATOM   1584 C CG  . PRO A 1 211 ? 10.697  -7.180  -13.660 1.00 32.15  ? 217  PRO A CG  1 
ATOM   1585 C CD  . PRO A 1 211 ? 10.212  -7.637  -12.316 1.00 30.18  ? 217  PRO A CD  1 
ATOM   1586 N N   . ILE A 1 212 ? 10.959  -3.143  -11.317 1.00 30.08  ? 218  ILE A N   1 
ATOM   1587 C CA  . ILE A 1 212 ? 10.272  -1.939  -10.868 1.00 32.34  ? 218  ILE A CA  1 
ATOM   1588 C C   . ILE A 1 212 ? 10.483  -0.877  -11.956 1.00 33.23  ? 218  ILE A C   1 
ATOM   1589 O O   . ILE A 1 212 ? 11.613  -0.447  -12.185 1.00 31.96  ? 218  ILE A O   1 
ATOM   1590 C CB  . ILE A 1 212 ? 10.831  -1.438  -9.514  1.00 32.85  ? 218  ILE A CB  1 
ATOM   1591 C CG1 . ILE A 1 212 ? 10.704  -2.521  -8.422  1.00 36.10  ? 218  ILE A CG1 1 
ATOM   1592 C CG2 . ILE A 1 212 ? 10.107  -0.182  -9.056  1.00 32.58  ? 218  ILE A CG2 1 
ATOM   1593 C CD1 . ILE A 1 212 ? 11.377  -2.171  -7.098  1.00 34.08  ? 218  ILE A CD1 1 
ATOM   1594 N N   . THR A 1 213 ? 9.404   -0.471  -12.635 1.00 32.43  ? 219  THR A N   1 
ATOM   1595 C CA  . THR A 1 213 ? 9.490   0.592   -13.658 1.00 30.98  ? 219  THR A CA  1 
ATOM   1596 C C   . THR A 1 213 ? 9.035   1.956   -13.107 1.00 30.89  ? 219  THR A C   1 
ATOM   1597 O O   . THR A 1 213 ? 7.878   2.118   -12.682 1.00 29.72  ? 219  THR A O   1 
ATOM   1598 C CB  . THR A 1 213 ? 8.637   0.260   -14.904 1.00 30.72  ? 219  THR A CB  1 
ATOM   1599 O OG1 . THR A 1 213 ? 8.929   -1.064  -15.351 1.00 30.04  ? 219  THR A OG1 1 
ATOM   1600 C CG2 . THR A 1 213 ? 8.915   1.255   -16.046 1.00 30.58  ? 219  THR A CG2 1 
ATOM   1601 N N   . LEU A 1 214 ? 9.935   2.935   -13.129 1.00 30.51  ? 220  LEU A N   1 
ATOM   1602 C CA  . LEU A 1 214 ? 9.581   4.281   -12.706 1.00 30.31  ? 220  LEU A CA  1 
ATOM   1603 C C   . LEU A 1 214 ? 9.108   5.086   -13.923 1.00 31.77  ? 220  LEU A C   1 
ATOM   1604 O O   . LEU A 1 214 ? 9.906   5.393   -14.811 1.00 31.11  ? 220  LEU A O   1 
ATOM   1605 C CB  . LEU A 1 214 ? 10.758  4.954   -11.995 1.00 28.60  ? 220  LEU A CB  1 
ATOM   1606 C CG  . LEU A 1 214 ? 10.581  6.446   -11.618 1.00 32.06  ? 220  LEU A CG  1 
ATOM   1607 C CD1 . LEU A 1 214 ? 9.359   6.730   -10.729 1.00 27.69  ? 220  LEU A CD1 1 
ATOM   1608 C CD2 . LEU A 1 214 ? 11.857  6.990   -10.984 1.00 30.56  ? 220  LEU A CD2 1 
ATOM   1609 N N   . PHE A 1 215 ? 7.807   5.381   -13.985 1.00 31.57  ? 221  PHE A N   1 
ATOM   1610 C CA  . PHE A 1 215 ? 7.234   6.153   -15.101 1.00 31.22  ? 221  PHE A CA  1 
ATOM   1611 C C   . PHE A 1 215 ? 7.696   7.605   -14.991 1.00 33.77  ? 221  PHE A C   1 
ATOM   1612 O O   . PHE A 1 215 ? 7.792   8.150   -13.888 1.00 37.15  ? 221  PHE A O   1 
ATOM   1613 C CB  . PHE A 1 215 ? 5.698   6.127   -15.075 1.00 29.24  ? 221  PHE A CB  1 
ATOM   1614 C CG  . PHE A 1 215 ? 5.059   4.860   -15.643 1.00 29.24  ? 221  PHE A CG  1 
ATOM   1615 C CD1 . PHE A 1 215 ? 5.521   3.585   -15.303 1.00 27.35  ? 221  PHE A CD1 1 
ATOM   1616 C CD2 . PHE A 1 215 ? 3.932   4.957   -16.469 1.00 28.01  ? 221  PHE A CD2 1 
ATOM   1617 C CE1 . PHE A 1 215 ? 4.909   2.443   -15.806 1.00 27.79  ? 221  PHE A CE1 1 
ATOM   1618 C CE2 . PHE A 1 215 ? 3.309   3.814   -16.970 1.00 28.90  ? 221  PHE A CE2 1 
ATOM   1619 C CZ  . PHE A 1 215 ? 3.799   2.549   -16.635 1.00 28.28  ? 221  PHE A CZ  1 
ATOM   1620 N N   . VAL A 1 216 ? 7.961   8.232   -16.129 1.00 36.53  ? 222  VAL A N   1 
ATOM   1621 C CA  . VAL A 1 216 ? 8.341   9.645   -16.171 1.00 40.87  ? 222  VAL A CA  1 
ATOM   1622 C C   . VAL A 1 216 ? 7.098   10.471  -16.507 1.00 43.31  ? 222  VAL A C   1 
ATOM   1623 O O   . VAL A 1 216 ? 6.187   10.010  -17.199 1.00 41.21  ? 222  VAL A O   1 
ATOM   1624 C CB  . VAL A 1 216 ? 9.443   9.935   -17.215 1.00 43.66  ? 222  VAL A CB  1 
ATOM   1625 C CG1 . VAL A 1 216 ? 10.033  11.326  -16.996 1.00 49.43  ? 222  VAL A CG1 1 
ATOM   1626 C CG2 . VAL A 1 216 ? 10.556  8.898   -17.159 1.00 45.79  ? 222  VAL A CG2 1 
ATOM   1627 N N   . GLU A 1 217 ? 7.047   11.695  -16.014 1.00 46.59  ? 223  GLU A N   1 
ATOM   1628 C CA  . GLU A 1 217 ? 5.909   12.529  -16.325 1.00 51.90  ? 223  GLU A CA  1 
ATOM   1629 C C   . GLU A 1 217 ? 6.072   13.377  -17.582 1.00 56.07  ? 223  GLU A C   1 
ATOM   1630 O O   . GLU A 1 217 ? 7.183   13.753  -17.976 1.00 53.81  ? 223  GLU A O   1 
ATOM   1631 C CB  . GLU A 1 217 ? 5.526   13.382  -15.140 1.00 54.27  ? 223  GLU A CB  1 
ATOM   1632 C CG  . GLU A 1 217 ? 4.170   13.007  -14.605 1.00 57.76  ? 223  GLU A CG  1 
ATOM   1633 C CD  . GLU A 1 217 ? 3.502   14.192  -13.979 1.00 58.33  ? 223  GLU A CD  1 
ATOM   1634 O OE1 . GLU A 1 217 ? 3.976   14.585  -12.898 1.00 60.54  ? 223  GLU A OE1 1 
ATOM   1635 O OE2 . GLU A 1 217 ? 2.549   14.736  -14.584 1.00 58.56  ? 223  GLU A OE2 1 
ATOM   1636 N N   . LYS A 1 218 ? 4.926   13.654  -18.198 1.00 61.06  ? 224  LYS A N   1 
ATOM   1637 C CA  . LYS A 1 218 ? 4.831   14.400  -19.442 1.00 65.26  ? 224  LYS A CA  1 
ATOM   1638 C C   . LYS A 1 218 ? 4.920   15.906  -19.153 1.00 71.94  ? 224  LYS A C   1 
ATOM   1639 O O   . LYS A 1 218 ? 5.881   16.546  -19.578 1.00 71.43  ? 224  LYS A O   1 
ATOM   1640 C CB  . LYS A 1 218 ? 3.540   14.009  -20.189 1.00 64.99  ? 224  LYS A CB  1 
ATOM   1641 C CG  . LYS A 1 218 ? 3.232   12.511  -20.130 1.00 60.94  ? 224  LYS A CG  1 
ATOM   1642 C CD  . LYS A 1 218 ? 2.443   12.001  -21.331 1.00 58.87  ? 224  LYS A CD  1 
ATOM   1643 C CE  . LYS A 1 218 ? 0.943   12.135  -21.133 1.00 56.86  ? 224  LYS A CE  1 
ATOM   1644 N NZ  . LYS A 1 218 ? 0.480   11.405  -19.923 1.00 50.17  ? 224  LYS A NZ  1 
ATOM   1645 N N   . GLU A 1 219 ? 3.931   16.436  -18.415 1.00 79.91  ? 225  GLU A N   1 
ATOM   1646 C CA  . GLU A 1 219 ? 3.876   17.830  -17.884 1.00 82.74  ? 225  GLU A CA  1 
ATOM   1647 C C   . GLU A 1 219 ? 2.546   18.529  -18.174 1.00 81.28  ? 225  GLU A C   1 
ATOM   1648 O O   . GLU A 1 219 ? 2.377   19.152  -19.219 1.00 80.31  ? 225  GLU A O   1 
ATOM   1649 C CB  . GLU A 1 219 ? 5.061   18.703  -18.334 1.00 83.66  ? 225  GLU A CB  1 
ATOM   1650 C CG  . GLU A 1 219 ? 6.296   18.576  -17.448 1.00 86.53  ? 225  GLU A CG  1 
ATOM   1651 C CD  . GLU A 1 219 ? 7.577   18.924  -18.180 1.00 85.10  ? 225  GLU A CD  1 
ATOM   1652 O OE1 . GLU A 1 219 ? 7.701   20.074  -18.643 1.00 87.44  ? 225  GLU A OE1 1 
ATOM   1653 O OE2 . GLU A 1 219 ? 8.463   18.048  -18.285 1.00 83.69  ? 225  GLU A OE2 1 
HETATM 1654 N N18 . T62 B 2 .   ? -0.997  -5.311  6.566   1.00 41.78  ? 1226 T62 A N18 1 
HETATM 1655 C C17 . T62 B 2 .   ? -1.768  -4.879  5.531   1.00 40.31  ? 1226 T62 A C17 1 
HETATM 1656 N N16 . T62 B 2 .   ? -1.436  -5.208  4.261   1.00 40.38  ? 1226 T62 A N16 1 
HETATM 1657 N N19 . T62 B 2 .   ? -2.883  -4.117  5.717   1.00 35.55  ? 1226 T62 A N19 1 
HETATM 1658 C C20 . T62 B 2 .   ? -3.320  -3.922  4.454   1.00 37.75  ? 1226 T62 A C20 1 
HETATM 1659 C C21 . T62 B 2 .   ? -4.427  -3.217  3.986   1.00 39.24  ? 1226 T62 A C21 1 
HETATM 1660 C C22 . T62 B 2 .   ? -5.323  -2.550  4.826   1.00 40.04  ? 1226 T62 A C22 1 
HETATM 1661 C C23 . T62 B 2 .   ? -6.408  -1.863  4.262   1.00 41.23  ? 1226 T62 A C23 1 
HETATM 1662 C C14 . T62 B 2 .   ? -6.602  -1.845  2.875   1.00 38.13  ? 1226 T62 A C14 1 
HETATM 1663 C C13 . T62 B 2 .   ? -5.697  -2.506  2.046   1.00 37.60  ? 1226 T62 A C13 1 
HETATM 1664 C C12 . T62 B 2 .   ? -4.611  -3.192  2.597   1.00 38.25  ? 1226 T62 A C12 1 
HETATM 1665 N N11 . T62 B 2 .   ? -3.733  -3.849  1.785   1.00 38.50  ? 1226 T62 A N11 1 
HETATM 1666 N N15 . T62 B 2 .   ? -2.481  -4.541  3.624   1.00 39.12  ? 1226 T62 A N15 1 
HETATM 1667 C C10 . T62 B 2 .   ? -2.664  -4.512  2.296   1.00 39.34  ? 1226 T62 A C10 1 
HETATM 1668 C C9  . T62 B 2 .   ? -1.712  -5.301  1.422   1.00 38.96  ? 1226 T62 A C9  1 
HETATM 1669 C C8  . T62 B 2 .   ? -1.038  -4.702  0.210   1.00 36.18  ? 1226 T62 A C8  1 
HETATM 1670 C C3  . T62 B 2 .   ? -0.444  -3.442  0.285   1.00 33.83  ? 1226 T62 A C3  1 
HETATM 1671 C C7  . T62 B 2 .   ? -0.957  -5.478  -0.957  1.00 33.07  ? 1226 T62 A C7  1 
HETATM 1672 C C5  . T62 B 2 .   ? -0.291  -4.972  -2.078  1.00 33.87  ? 1226 T62 A C5  1 
HETATM 1673 O O6  . T62 B 2 .   ? -0.224  -5.688  -3.230  1.00 37.14  ? 1226 T62 A O6  1 
HETATM 1674 C C4  . T62 B 2 .   ? 0.298   -3.713  -2.025  1.00 33.82  ? 1226 T62 A C4  1 
HETATM 1675 C C2  . T62 B 2 .   ? 0.215   -2.950  -0.844  1.00 35.76  ? 1226 T62 A C2  1 
HETATM 1676 O O1  . T62 B 2 .   ? 0.809   -1.727  -0.778  1.00 34.95  ? 1226 T62 A O1  1 
HETATM 1677 O O   . HOH C 3 .   ? -21.892 4.861   3.338   1.00 41.23  ? 2001 HOH A O   1 
HETATM 1678 O O   . HOH C 3 .   ? -22.551 2.555   4.637   1.00 28.39  ? 2002 HOH A O   1 
HETATM 1679 O O   . HOH C 3 .   ? -18.231 7.786   4.146   1.00 38.65  ? 2003 HOH A O   1 
HETATM 1680 O O   . HOH C 3 .   ? -9.862  -2.115  10.864  1.00 23.38  ? 2004 HOH A O   1 
HETATM 1681 O O   . HOH C 3 .   ? -9.621  3.839   18.833  1.00 53.11  ? 2005 HOH A O   1 
HETATM 1682 O O   . HOH C 3 .   ? -2.582  7.564   18.607  1.00 40.99  ? 2006 HOH A O   1 
HETATM 1683 O O   . HOH C 3 .   ? -8.424  6.444   10.977  1.00 33.62  ? 2007 HOH A O   1 
HETATM 1684 O O   . HOH C 3 .   ? 5.107   10.848  11.964  1.00 29.96  ? 2008 HOH A O   1 
HETATM 1685 O O   . HOH C 3 .   ? 6.197   12.273  10.025  1.00 38.87  ? 2009 HOH A O   1 
HETATM 1686 O O   . HOH C 3 .   ? 12.636  11.334  4.551   1.00 38.63  ? 2010 HOH A O   1 
HETATM 1687 O O   . HOH C 3 .   ? 14.278  11.490  11.516  1.00 39.89  ? 2011 HOH A O   1 
HETATM 1688 O O   . HOH C 3 .   ? 11.800  3.803   1.305   1.00 44.39  ? 2012 HOH A O   1 
HETATM 1689 O O   . HOH C 3 .   ? 12.461  2.345   -1.182  1.00 40.18  ? 2013 HOH A O   1 
HETATM 1690 O O   . HOH C 3 .   ? 11.265  -2.231  -0.342  1.00 28.95  ? 2014 HOH A O   1 
HETATM 1691 O O   . HOH C 3 .   ? 5.525   -3.260  4.723   1.00 31.02  ? 2015 HOH A O   1 
HETATM 1692 O O   . HOH C 3 .   ? 10.183  -1.400  8.465   1.00 30.56  ? 2016 HOH A O   1 
HETATM 1693 O O   . HOH C 3 .   ? 2.031   -1.229  -2.839  1.00 27.93  ? 2017 HOH A O   1 
HETATM 1694 O O   . HOH C 3 .   ? 1.092   -8.012  0.742   1.00 32.92  ? 2018 HOH A O   1 
HETATM 1695 O O   . HOH C 3 .   ? 1.402   -3.838  5.927   1.00 34.12  ? 2019 HOH A O   1 
HETATM 1696 O O   . HOH C 3 .   ? 0.370   -1.637  -5.011  1.00 30.32  ? 2020 HOH A O   1 
HETATM 1697 O O   . HOH C 3 .   ? 11.429  -9.547  -3.285  1.00 37.85  ? 2021 HOH A O   1 
HETATM 1698 O O   . HOH C 3 .   ? 8.865   -10.348 -0.763  1.00 37.85  ? 2022 HOH A O   1 
HETATM 1699 O O   . HOH C 3 .   ? 1.023   -12.571 1.221   1.00 44.94  ? 2023 HOH A O   1 
HETATM 1700 O O   . HOH C 3 .   ? 10.949  -12.282 -4.194  1.00 29.72  ? 2024 HOH A O   1 
HETATM 1701 O O   . HOH C 3 .   ? 7.119   -13.570 0.669   1.00 39.38  ? 2025 HOH A O   1 
HETATM 1702 O O   . HOH C 3 .   ? -3.080  -11.584 0.879   1.00 41.96  ? 2026 HOH A O   1 
HETATM 1703 O O   . HOH C 3 .   ? 1.968   -24.088 -4.953  1.00 58.93  ? 2027 HOH A O   1 
HETATM 1704 O O   . HOH C 3 .   ? -2.649  -23.017 -5.987  1.00 35.00  ? 2028 HOH A O   1 
HETATM 1705 O O   . HOH C 3 .   ? -5.558  -16.692 -6.674  1.00 36.72  ? 2029 HOH A O   1 
HETATM 1706 O O   . HOH C 3 .   ? -2.323  -15.335 -19.346 1.00 69.74  ? 2030 HOH A O   1 
HETATM 1707 O O   . HOH C 3 .   ? -2.272  -8.825  -13.922 1.00 39.47  ? 2031 HOH A O   1 
HETATM 1708 O O   . HOH C 3 .   ? 0.140   -9.808  -15.358 1.00 38.87  ? 2032 HOH A O   1 
HETATM 1709 O O   . HOH C 3 .   ? 7.596   -3.003  -14.189 1.00 39.28  ? 2033 HOH A O   1 
HETATM 1710 O O   . HOH C 3 .   ? 0.414   0.300   -14.538 1.00 44.34  ? 2034 HOH A O   1 
HETATM 1711 O O   . HOH C 3 .   ? -0.480  8.620   -10.026 1.00 28.69  ? 2035 HOH A O   1 
HETATM 1712 O O   . HOH C 3 .   ? 1.970   10.061  -15.112 1.00 35.10  ? 2036 HOH A O   1 
HETATM 1713 O O   . HOH C 3 .   ? -1.653  8.736   -12.397 1.00 38.21  ? 2037 HOH A O   1 
HETATM 1714 O O   . HOH C 3 .   ? 20.679  8.165   -5.389  1.00 55.77  ? 2038 HOH A O   1 
HETATM 1715 O O   . HOH C 3 .   ? -2.433  -4.933  -11.456 1.00 37.33  ? 2039 HOH A O   1 
HETATM 1716 O O   . HOH C 3 .   ? -1.759  -7.589  -5.044  1.00 24.51  ? 2040 HOH A O   1 
HETATM 1717 O O   . HOH C 3 .   ? -5.783  -13.884 -7.426  1.00 36.66  ? 2041 HOH A O   1 
HETATM 1718 O O   . HOH C 3 .   ? -5.307  -11.926 -0.622  1.00 39.16  ? 2042 HOH A O   1 
HETATM 1719 O O   . HOH C 3 .   ? -11.120 -9.103  -5.478  1.00 36.24  ? 2043 HOH A O   1 
HETATM 1720 O O   . HOH C 3 .   ? -10.937 -13.873 1.857   1.00 42.04  ? 2044 HOH A O   1 
HETATM 1721 O O   . HOH C 3 .   ? -14.550 -11.721 0.091   1.00 42.84  ? 2045 HOH A O   1 
HETATM 1722 O O   . HOH C 3 .   ? -9.586  -5.595  7.148   1.00 30.99  ? 2046 HOH A O   1 
HETATM 1723 O O   . HOH C 3 .   ? -9.688  -1.960  6.130   1.00 30.82  ? 2047 HOH A O   1 
HETATM 1724 O O   . HOH C 3 .   ? -4.002  -4.092  8.187   1.00 39.71  ? 2048 HOH A O   1 
HETATM 1725 O O   . HOH C 3 .   ? 0.361   -8.523  12.950  1.00 48.52  ? 2049 HOH A O   1 
HETATM 1726 O O   . HOH C 3 .   ? -3.129  -3.196  19.759  1.00 60.52  ? 2050 HOH A O   1 
HETATM 1727 O O   . HOH C 3 .   ? 4.308   -4.415  6.762   1.00 26.02  ? 2051 HOH A O   1 
HETATM 1728 O O   . HOH C 3 .   ? -2.015  11.468  6.567   1.00 41.06  ? 2052 HOH A O   1 
HETATM 1729 O O   . HOH C 3 .   ? -2.180  18.897  2.458   1.00 52.94  ? 2053 HOH A O   1 
HETATM 1730 O O   . HOH C 3 .   ? -8.483  -11.809 -11.267 1.00 36.48  ? 2054 HOH A O   1 
HETATM 1731 O O   . HOH C 3 .   ? -11.607 -15.567 -4.222  1.00 52.09  ? 2055 HOH A O   1 
HETATM 1732 O O   . HOH C 3 .   ? -14.387 3.129   -1.664  1.00 28.69  ? 2056 HOH A O   1 
HETATM 1733 O O   . HOH C 3 .   ? -13.439 6.983   1.398   1.00 49.45  ? 2057 HOH A O   1 
HETATM 1734 O O   . HOH C 3 .   ? -11.787 8.395   5.701   1.00 25.75  ? 2058 HOH A O   1 
HETATM 1735 O O   . HOH C 3 .   ? -15.211 7.904   12.194  1.00 41.47  ? 2059 HOH A O   1 
HETATM 1736 O O   . HOH C 3 .   ? -14.560 6.840   5.159   1.00 39.60  ? 2060 HOH A O   1 
HETATM 1737 O O   . HOH C 3 .   ? 8.179   17.974  -0.423  1.00 45.66  ? 2061 HOH A O   1 
HETATM 1738 O O   . HOH C 3 .   ? 9.613   14.240  3.594   1.00 36.58  ? 2062 HOH A O   1 
HETATM 1739 O O   . HOH C 3 .   ? 18.567  10.271  -7.745  1.00 38.02  ? 2063 HOH A O   1 
HETATM 1740 O O   . HOH C 3 .   ? 16.859  3.628   -8.138  1.00 39.03  ? 2064 HOH A O   1 
HETATM 1741 O O   . HOH C 3 .   ? 20.321  6.360   -2.961  1.00 43.61  ? 2065 HOH A O   1 
HETATM 1742 O O   . HOH C 3 .   ? 21.486  11.115  -3.125  1.00 36.85  ? 2066 HOH A O   1 
HETATM 1743 O O   . HOH C 3 .   ? 18.207  -1.613  -0.239  1.00 38.07  ? 2067 HOH A O   1 
HETATM 1744 O O   . HOH C 3 .   ? 3.555   9.297   -17.296 1.00 35.79  ? 2068 HOH A O   1 
HETATM 1745 O O   . HOH C 3 .   ? 2.030   12.772  -17.107 1.00 56.90  ? 2069 HOH A O   1 
# 
